data_9GOG
# 
_entry.id   9GOG 
# 
_audit_conform.dict_name       mmcif_pdbx.dic 
_audit_conform.dict_version    5.399 
_audit_conform.dict_location   http://mmcif.pdb.org/dictionaries/ascii/mmcif_pdbx.dic 
# 
loop_
_database_2.database_id 
_database_2.database_code 
_database_2.pdbx_database_accession 
_database_2.pdbx_DOI 
PDB   9GOG         pdb_00009gog 10.2210/pdb9gog/pdb 
WWPDB D_1292141542 ?            ?                   
# 
_pdbx_audit_revision_history.ordinal             1 
_pdbx_audit_revision_history.data_content_type   'Structure model' 
_pdbx_audit_revision_history.major_revision      1 
_pdbx_audit_revision_history.minor_revision      0 
_pdbx_audit_revision_history.revision_date       2024-12-18 
# 
_pdbx_audit_revision_details.ordinal             1 
_pdbx_audit_revision_details.revision_ordinal    1 
_pdbx_audit_revision_details.data_content_type   'Structure model' 
_pdbx_audit_revision_details.provider            repository 
_pdbx_audit_revision_details.type                'Initial release' 
_pdbx_audit_revision_details.description         ? 
_pdbx_audit_revision_details.details             ? 
# 
_pdbx_database_status.status_code                     REL 
_pdbx_database_status.status_code_sf                  REL 
_pdbx_database_status.status_code_mr                  ? 
_pdbx_database_status.entry_id                        9GOG 
_pdbx_database_status.recvd_initial_deposition_date   2024-09-05 
_pdbx_database_status.SG_entry                        N 
_pdbx_database_status.deposit_site                    PDBE 
_pdbx_database_status.process_site                    PDBE 
_pdbx_database_status.status_code_cs                  ? 
_pdbx_database_status.status_code_nmr_data            ? 
_pdbx_database_status.methods_development_category    ? 
_pdbx_database_status.pdb_format_compatible           N 
# 
_pdbx_contact_author.id                 2 
_pdbx_contact_author.email              maddalena.paolillo@unina.it 
_pdbx_contact_author.name_first         Maddalena 
_pdbx_contact_author.name_last          Paolillo 
_pdbx_contact_author.name_mi            ? 
_pdbx_contact_author.role               'principal investigator/group leader' 
_pdbx_contact_author.identifier_ORCID   0000-0001-6289-8862 
# 
loop_
_audit_author.name 
_audit_author.pdbx_ordinal 
_audit_author.identifier_ORCID 
'Paolillo, M.' 1 ? 
'Ferraro, G.'  2 ? 
'Merlino, A.'  3 ? 
# 
_citation.abstract                  ? 
_citation.abstract_id_CAS           ? 
_citation.book_id_ISBN              ? 
_citation.book_publisher            ? 
_citation.book_publisher_city       ? 
_citation.book_title                ? 
_citation.coordinate_linkage        ? 
_citation.country                   US 
_citation.database_id_Medline       ? 
_citation.details                   ? 
_citation.id                        primary 
_citation.journal_abbrev            J.Inorg.Biochem. 
_citation.journal_id_ASTM           JIBIDJ 
_citation.journal_id_CSD            0525 
_citation.journal_id_ISSN           0162-0134 
_citation.journal_full              ? 
_citation.journal_issue             ? 
_citation.journal_volume            264 
_citation.language                  ? 
_citation.page_first                112787 
_citation.page_last                 112787 
_citation.title                     'Interaction of V V O 2 -hydrazonates with lysozyme.' 
_citation.year                      2024 
_citation.database_id_CSD           ? 
_citation.pdbx_database_id_DOI      10.1016/j.jinorgbio.2024.112787 
_citation.pdbx_database_id_PubMed   39642703 
_citation.pdbx_database_id_patent   ? 
_citation.unpublished_flag          ? 
# 
loop_
_citation_author.citation_id 
_citation_author.name 
_citation_author.ordinal 
_citation_author.identifier_ORCID 
primary 'Paolillo, M.'     1  ? 
primary 'Ferraro, G.'      2  ? 
primary 'Sahu, G.'         3  ? 
primary 'Pattanayak, P.D.' 4  ? 
primary 'Garribba, E.'     5  ? 
primary 'Halder, S.'       6  ? 
primary 'Ghosh, R.'        7  ? 
primary 'Mondal, B.'       8  ? 
primary 'Chatterjee, P.B.' 9  ? 
primary 'Dinda, R.'        10 ? 
primary 'Merlino, A.'      11 ? 
# 
loop_
_entity.id 
_entity.type 
_entity.src_method 
_entity.pdbx_description 
_entity.formula_weight 
_entity.pdbx_number_of_molecules 
_entity.pdbx_ec 
_entity.pdbx_mutation 
_entity.pdbx_fragment 
_entity.details 
1 polymer     nat 'Lysozyme C'                                                                                       14331.160 1   
3.2.1.17 ? ? ? 
2 non-polymer syn 'CHLORIDE ION'                                                                                     35.453    1   
?        ? ? ? 
3 non-polymer syn 'SODIUM ION'                                                                                       22.990    2   
?        ? ? ? 
4 non-polymer syn 'ACETATE ION'                                                                                      59.044    2   
?        ? ? ? 
5 non-polymer syn 'bis(oxidanyl)vanadium'                                                                            84.956    1   
?        ? ? ? 
6 non-polymer syn 'dioxidovanadium(V) complex with furan-2-carboxylic acid (3-ethoxy-2-hydroxybenzylidene)hydrazide' 355.196   2   
?        ? ? ? 
7 water       nat water                                                                                              18.015    106 
?        ? ? ? 
# 
_entity_name_com.entity_id   1 
_entity_name_com.name        '1,4-beta-N-acetylmuramidase C,Allergen Gal d IV' 
# 
_entity_poly.entity_id                      1 
_entity_poly.type                           'polypeptide(L)' 
_entity_poly.nstd_linkage                   no 
_entity_poly.nstd_monomer                   no 
_entity_poly.pdbx_seq_one_letter_code       
;KVFGRCELAAAMKRHGLDNYRGYSLGNWVCAAKFESNFNTQATNRNTDGSTDYGILQINSRWWCNDGRTPGSRNLCNIPC
SALLSSDITASVNCAKKIVSDGNGMNAWVAWRNRCKGTDVQAWIRGCRL
;
_entity_poly.pdbx_seq_one_letter_code_can   
;KVFGRCELAAAMKRHGLDNYRGYSLGNWVCAAKFESNFNTQATNRNTDGSTDYGILQINSRWWCNDGRTPGSRNLCNIPC
SALLSSDITASVNCAKKIVSDGNGMNAWVAWRNRCKGTDVQAWIRGCRL
;
_entity_poly.pdbx_strand_id                 AAA 
_entity_poly.pdbx_target_identifier         ? 
# 
loop_
_pdbx_entity_nonpoly.entity_id 
_pdbx_entity_nonpoly.name 
_pdbx_entity_nonpoly.comp_id 
2 'CHLORIDE ION'                                                                                     CL    
3 'SODIUM ION'                                                                                       NA    
4 'ACETATE ION'                                                                                      ACT   
5 'bis(oxidanyl)vanadium'                                                                            VVB   
6 'dioxidovanadium(V) complex with furan-2-carboxylic acid (3-ethoxy-2-hydroxybenzylidene)hydrazide' A1IOM 
7 water                                                                                              HOH   
# 
loop_
_entity_poly_seq.entity_id 
_entity_poly_seq.num 
_entity_poly_seq.mon_id 
_entity_poly_seq.hetero 
1 1   LYS n 
1 2   VAL n 
1 3   PHE n 
1 4   GLY n 
1 5   ARG n 
1 6   CYS n 
1 7   GLU n 
1 8   LEU n 
1 9   ALA n 
1 10  ALA n 
1 11  ALA n 
1 12  MET n 
1 13  LYS n 
1 14  ARG n 
1 15  HIS n 
1 16  GLY n 
1 17  LEU n 
1 18  ASP n 
1 19  ASN n 
1 20  TYR n 
1 21  ARG n 
1 22  GLY n 
1 23  TYR n 
1 24  SER n 
1 25  LEU n 
1 26  GLY n 
1 27  ASN n 
1 28  TRP n 
1 29  VAL n 
1 30  CYS n 
1 31  ALA n 
1 32  ALA n 
1 33  LYS n 
1 34  PHE n 
1 35  GLU n 
1 36  SER n 
1 37  ASN n 
1 38  PHE n 
1 39  ASN n 
1 40  THR n 
1 41  GLN n 
1 42  ALA n 
1 43  THR n 
1 44  ASN n 
1 45  ARG n 
1 46  ASN n 
1 47  THR n 
1 48  ASP n 
1 49  GLY n 
1 50  SER n 
1 51  THR n 
1 52  ASP n 
1 53  TYR n 
1 54  GLY n 
1 55  ILE n 
1 56  LEU n 
1 57  GLN n 
1 58  ILE n 
1 59  ASN n 
1 60  SER n 
1 61  ARG n 
1 62  TRP n 
1 63  TRP n 
1 64  CYS n 
1 65  ASN n 
1 66  ASP n 
1 67  GLY n 
1 68  ARG n 
1 69  THR n 
1 70  PRO n 
1 71  GLY n 
1 72  SER n 
1 73  ARG n 
1 74  ASN n 
1 75  LEU n 
1 76  CYS n 
1 77  ASN n 
1 78  ILE n 
1 79  PRO n 
1 80  CYS n 
1 81  SER n 
1 82  ALA n 
1 83  LEU n 
1 84  LEU n 
1 85  SER n 
1 86  SER n 
1 87  ASP n 
1 88  ILE n 
1 89  THR n 
1 90  ALA n 
1 91  SER n 
1 92  VAL n 
1 93  ASN n 
1 94  CYS n 
1 95  ALA n 
1 96  LYS n 
1 97  LYS n 
1 98  ILE n 
1 99  VAL n 
1 100 SER n 
1 101 ASP n 
1 102 GLY n 
1 103 ASN n 
1 104 GLY n 
1 105 MET n 
1 106 ASN n 
1 107 ALA n 
1 108 TRP n 
1 109 VAL n 
1 110 ALA n 
1 111 TRP n 
1 112 ARG n 
1 113 ASN n 
1 114 ARG n 
1 115 CYS n 
1 116 LYS n 
1 117 GLY n 
1 118 THR n 
1 119 ASP n 
1 120 VAL n 
1 121 GLN n 
1 122 ALA n 
1 123 TRP n 
1 124 ILE n 
1 125 ARG n 
1 126 GLY n 
1 127 CYS n 
1 128 ARG n 
1 129 LEU n 
# 
_entity_src_nat.entity_id                  1 
_entity_src_nat.pdbx_src_id                1 
_entity_src_nat.pdbx_alt_source_flag       sample 
_entity_src_nat.pdbx_beg_seq_num           1 
_entity_src_nat.pdbx_end_seq_num           129 
_entity_src_nat.common_name                chicken 
_entity_src_nat.pdbx_organism_scientific   'Gallus gallus' 
_entity_src_nat.pdbx_ncbi_taxonomy_id      9031 
_entity_src_nat.genus                      ? 
_entity_src_nat.species                    ? 
_entity_src_nat.strain                     ? 
_entity_src_nat.tissue                     ? 
_entity_src_nat.tissue_fraction            ? 
_entity_src_nat.pdbx_secretion             ? 
_entity_src_nat.pdbx_fragment              ? 
_entity_src_nat.pdbx_variant               ? 
_entity_src_nat.pdbx_cell_line             ? 
_entity_src_nat.pdbx_atcc                  ? 
_entity_src_nat.pdbx_cellular_location     ? 
_entity_src_nat.pdbx_organ                 ? 
_entity_src_nat.pdbx_organelle             ? 
_entity_src_nat.pdbx_cell                  ? 
_entity_src_nat.pdbx_plasmid_name          ? 
_entity_src_nat.pdbx_plasmid_details       ? 
_entity_src_nat.details                    ? 
# 
loop_
_chem_comp.id 
_chem_comp.type 
_chem_comp.mon_nstd_flag 
_chem_comp.name 
_chem_comp.pdbx_synonyms 
_chem_comp.formula 
_chem_comp.formula_weight 
A1IOM non-polymer         . 'dioxidovanadium(V) complex with furan-2-carboxylic acid (3-ethoxy-2-hydroxybenzylidene)hydrazide' 
;13-ethoxy-5-(furan-2-yl)-2,4$l^{3}-dioxa-6,7$l^{4}-diaza-3$l^{7}-vanadatricyclo[7.4.0.0^{3,7}]trideca-1(9),4,7,10,12-pentaene 3,3-dioxide
;
'C14 H12 N2 O6 V' 355.196 
ACT   non-polymer         . 'ACETATE ION'                                                                                      ? 
'C2 H3 O2 -1'     59.044  
ALA   'L-peptide linking' y ALANINE                                                                                            ? 
'C3 H7 N O2'      89.093  
ARG   'L-peptide linking' y ARGININE                                                                                           ? 
'C6 H15 N4 O2 1'  175.209 
ASN   'L-peptide linking' y ASPARAGINE                                                                                         ? 
'C4 H8 N2 O3'     132.118 
ASP   'L-peptide linking' y 'ASPARTIC ACID'                                                                                    ? 
'C4 H7 N O4'      133.103 
CL    non-polymer         . 'CHLORIDE ION'                                                                                     ? 
'Cl -1'           35.453  
CYS   'L-peptide linking' y CYSTEINE                                                                                           ? 
'C3 H7 N O2 S'    121.158 
GLN   'L-peptide linking' y GLUTAMINE                                                                                          ? 
'C5 H10 N2 O3'    146.144 
GLU   'L-peptide linking' y 'GLUTAMIC ACID'                                                                                    ? 
'C5 H9 N O4'      147.129 
GLY   'peptide linking'   y GLYCINE                                                                                            ? 
'C2 H5 N O2'      75.067  
HIS   'L-peptide linking' y HISTIDINE                                                                                          ? 
'C6 H10 N3 O2 1'  156.162 
HOH   non-polymer         . WATER                                                                                              ? 
'H2 O'            18.015  
ILE   'L-peptide linking' y ISOLEUCINE                                                                                         ? 
'C6 H13 N O2'     131.173 
LEU   'L-peptide linking' y LEUCINE                                                                                            ? 
'C6 H13 N O2'     131.173 
LYS   'L-peptide linking' y LYSINE                                                                                             ? 
'C6 H15 N2 O2 1'  147.195 
MET   'L-peptide linking' y METHIONINE                                                                                         ? 
'C5 H11 N O2 S'   149.211 
NA    non-polymer         . 'SODIUM ION'                                                                                       ? 
'Na 1'            22.990  
PHE   'L-peptide linking' y PHENYLALANINE                                                                                      ? 
'C9 H11 N O2'     165.189 
PRO   'L-peptide linking' y PROLINE                                                                                            ? 
'C5 H9 N O2'      115.130 
SER   'L-peptide linking' y SERINE                                                                                             ? 
'C3 H7 N O3'      105.093 
THR   'L-peptide linking' y THREONINE                                                                                          ? 
'C4 H9 N O3'      119.119 
TRP   'L-peptide linking' y TRYPTOPHAN                                                                                         ? 
'C11 H12 N2 O2'   204.225 
TYR   'L-peptide linking' y TYROSINE                                                                                           ? 
'C9 H11 N O3'     181.189 
VAL   'L-peptide linking' y VALINE                                                                                             ? 
'C5 H11 N O2'     117.146 
VVB   non-polymer         . 'bis(oxidanyl)vanadium'                                                                            ? 
'H2 O2 V'         84.956  
# 
loop_
_pdbx_poly_seq_scheme.asym_id 
_pdbx_poly_seq_scheme.entity_id 
_pdbx_poly_seq_scheme.seq_id 
_pdbx_poly_seq_scheme.mon_id 
_pdbx_poly_seq_scheme.ndb_seq_num 
_pdbx_poly_seq_scheme.pdb_seq_num 
_pdbx_poly_seq_scheme.auth_seq_num 
_pdbx_poly_seq_scheme.pdb_mon_id 
_pdbx_poly_seq_scheme.auth_mon_id 
_pdbx_poly_seq_scheme.pdb_strand_id 
_pdbx_poly_seq_scheme.pdb_ins_code 
_pdbx_poly_seq_scheme.hetero 
A 1 1   LYS 1   1   1   LYS LYS AAA . n 
A 1 2   VAL 2   2   2   VAL VAL AAA . n 
A 1 3   PHE 3   3   3   PHE PHE AAA . n 
A 1 4   GLY 4   4   4   GLY GLY AAA . n 
A 1 5   ARG 5   5   5   ARG ARG AAA . n 
A 1 6   CYS 6   6   6   CYS CYS AAA . n 
A 1 7   GLU 7   7   7   GLU GLU AAA . n 
A 1 8   LEU 8   8   8   LEU LEU AAA . n 
A 1 9   ALA 9   9   9   ALA ALA AAA . n 
A 1 10  ALA 10  10  10  ALA ALA AAA . n 
A 1 11  ALA 11  11  11  ALA ALA AAA . n 
A 1 12  MET 12  12  12  MET MET AAA . n 
A 1 13  LYS 13  13  13  LYS LYS AAA . n 
A 1 14  ARG 14  14  14  ARG ARG AAA . n 
A 1 15  HIS 15  15  15  HIS HIS AAA . n 
A 1 16  GLY 16  16  16  GLY GLY AAA . n 
A 1 17  LEU 17  17  17  LEU LEU AAA . n 
A 1 18  ASP 18  18  18  ASP ASP AAA . n 
A 1 19  ASN 19  19  19  ASN ASN AAA . n 
A 1 20  TYR 20  20  20  TYR TYR AAA . n 
A 1 21  ARG 21  21  21  ARG ARG AAA . n 
A 1 22  GLY 22  22  22  GLY GLY AAA . n 
A 1 23  TYR 23  23  23  TYR TYR AAA . n 
A 1 24  SER 24  24  24  SER SER AAA . n 
A 1 25  LEU 25  25  25  LEU LEU AAA . n 
A 1 26  GLY 26  26  26  GLY GLY AAA . n 
A 1 27  ASN 27  27  27  ASN ASN AAA . n 
A 1 28  TRP 28  28  28  TRP TRP AAA . n 
A 1 29  VAL 29  29  29  VAL VAL AAA . n 
A 1 30  CYS 30  30  30  CYS CYS AAA . n 
A 1 31  ALA 31  31  31  ALA ALA AAA . n 
A 1 32  ALA 32  32  32  ALA ALA AAA . n 
A 1 33  LYS 33  33  33  LYS LYS AAA . n 
A 1 34  PHE 34  34  34  PHE PHE AAA . n 
A 1 35  GLU 35  35  35  GLU GLU AAA . n 
A 1 36  SER 36  36  36  SER SER AAA . n 
A 1 37  ASN 37  37  37  ASN ASN AAA . n 
A 1 38  PHE 38  38  38  PHE PHE AAA . n 
A 1 39  ASN 39  39  39  ASN ASN AAA . n 
A 1 40  THR 40  40  40  THR THR AAA . n 
A 1 41  GLN 41  41  41  GLN GLN AAA . n 
A 1 42  ALA 42  42  42  ALA ALA AAA . n 
A 1 43  THR 43  43  43  THR THR AAA . n 
A 1 44  ASN 44  44  44  ASN ASN AAA . n 
A 1 45  ARG 45  45  45  ARG ARG AAA . n 
A 1 46  ASN 46  46  46  ASN ASN AAA . n 
A 1 47  THR 47  47  47  THR THR AAA . n 
A 1 48  ASP 48  48  48  ASP ASP AAA . n 
A 1 49  GLY 49  49  49  GLY GLY AAA . n 
A 1 50  SER 50  50  50  SER SER AAA . n 
A 1 51  THR 51  51  51  THR THR AAA . n 
A 1 52  ASP 52  52  52  ASP ASP AAA . n 
A 1 53  TYR 53  53  53  TYR TYR AAA . n 
A 1 54  GLY 54  54  54  GLY GLY AAA . n 
A 1 55  ILE 55  55  55  ILE ILE AAA . n 
A 1 56  LEU 56  56  56  LEU LEU AAA . n 
A 1 57  GLN 57  57  57  GLN GLN AAA . n 
A 1 58  ILE 58  58  58  ILE ILE AAA . n 
A 1 59  ASN 59  59  59  ASN ASN AAA . n 
A 1 60  SER 60  60  60  SER SER AAA . n 
A 1 61  ARG 61  61  61  ARG ARG AAA . n 
A 1 62  TRP 62  62  62  TRP TRP AAA . n 
A 1 63  TRP 63  63  63  TRP TRP AAA . n 
A 1 64  CYS 64  64  64  CYS CYS AAA . n 
A 1 65  ASN 65  65  65  ASN ASN AAA . n 
A 1 66  ASP 66  66  66  ASP ASP AAA . n 
A 1 67  GLY 67  67  67  GLY GLY AAA . n 
A 1 68  ARG 68  68  68  ARG ARG AAA . n 
A 1 69  THR 69  69  69  THR THR AAA . n 
A 1 70  PRO 70  70  70  PRO PRO AAA . n 
A 1 71  GLY 71  71  71  GLY GLY AAA . n 
A 1 72  SER 72  72  72  SER SER AAA . n 
A 1 73  ARG 73  73  73  ARG ARG AAA . n 
A 1 74  ASN 74  74  74  ASN ASN AAA . n 
A 1 75  LEU 75  75  75  LEU LEU AAA . n 
A 1 76  CYS 76  76  76  CYS CYS AAA . n 
A 1 77  ASN 77  77  77  ASN ASN AAA . n 
A 1 78  ILE 78  78  78  ILE ILE AAA . n 
A 1 79  PRO 79  79  79  PRO PRO AAA . n 
A 1 80  CYS 80  80  80  CYS CYS AAA . n 
A 1 81  SER 81  81  81  SER SER AAA . n 
A 1 82  ALA 82  82  82  ALA ALA AAA . n 
A 1 83  LEU 83  83  83  LEU LEU AAA . n 
A 1 84  LEU 84  84  84  LEU LEU AAA . n 
A 1 85  SER 85  85  85  SER SER AAA . n 
A 1 86  SER 86  86  86  SER SER AAA . n 
A 1 87  ASP 87  87  87  ASP ASP AAA . n 
A 1 88  ILE 88  88  88  ILE ILE AAA . n 
A 1 89  THR 89  89  89  THR THR AAA . n 
A 1 90  ALA 90  90  90  ALA ALA AAA . n 
A 1 91  SER 91  91  91  SER SER AAA . n 
A 1 92  VAL 92  92  92  VAL VAL AAA . n 
A 1 93  ASN 93  93  93  ASN ASN AAA . n 
A 1 94  CYS 94  94  94  CYS CYS AAA . n 
A 1 95  ALA 95  95  95  ALA ALA AAA . n 
A 1 96  LYS 96  96  96  LYS LYS AAA . n 
A 1 97  LYS 97  97  97  LYS LYS AAA . n 
A 1 98  ILE 98  98  98  ILE ILE AAA . n 
A 1 99  VAL 99  99  99  VAL VAL AAA . n 
A 1 100 SER 100 100 100 SER SER AAA . n 
A 1 101 ASP 101 101 101 ASP ASP AAA . n 
A 1 102 GLY 102 102 102 GLY GLY AAA . n 
A 1 103 ASN 103 103 103 ASN ASN AAA . n 
A 1 104 GLY 104 104 104 GLY GLY AAA . n 
A 1 105 MET 105 105 105 MET MET AAA . n 
A 1 106 ASN 106 106 106 ASN ASN AAA . n 
A 1 107 ALA 107 107 107 ALA ALA AAA . n 
A 1 108 TRP 108 108 108 TRP TRP AAA . n 
A 1 109 VAL 109 109 109 VAL VAL AAA . n 
A 1 110 ALA 110 110 110 ALA ALA AAA . n 
A 1 111 TRP 111 111 111 TRP TRP AAA . n 
A 1 112 ARG 112 112 112 ARG ARG AAA . n 
A 1 113 ASN 113 113 113 ASN ASN AAA . n 
A 1 114 ARG 114 114 114 ARG ARG AAA . n 
A 1 115 CYS 115 115 115 CYS CYS AAA . n 
A 1 116 LYS 116 116 116 LYS LYS AAA . n 
A 1 117 GLY 117 117 117 GLY GLY AAA . n 
A 1 118 THR 118 118 118 THR THR AAA . n 
A 1 119 ASP 119 119 119 ASP ASP AAA . n 
A 1 120 VAL 120 120 120 VAL VAL AAA . n 
A 1 121 GLN 121 121 121 GLN GLN AAA . n 
A 1 122 ALA 122 122 122 ALA ALA AAA . n 
A 1 123 TRP 123 123 123 TRP TRP AAA . n 
A 1 124 ILE 124 124 124 ILE ILE AAA . n 
A 1 125 ARG 125 125 125 ARG ARG AAA . n 
A 1 126 GLY 126 126 126 GLY GLY AAA . n 
A 1 127 CYS 127 127 127 CYS CYS AAA . n 
A 1 128 ARG 128 128 128 ARG ARG AAA . n 
A 1 129 LEU 129 129 129 LEU LEU AAA . n 
# 
_pdbx_entity_instance_feature.ordinal        1 
_pdbx_entity_instance_feature.comp_id        VVB 
_pdbx_entity_instance_feature.asym_id        ? 
_pdbx_entity_instance_feature.seq_num        ? 
_pdbx_entity_instance_feature.auth_comp_id   VVB 
_pdbx_entity_instance_feature.auth_asym_id   ? 
_pdbx_entity_instance_feature.auth_seq_num   ? 
_pdbx_entity_instance_feature.feature_type   'SUBJECT OF INVESTIGATION' 
_pdbx_entity_instance_feature.details        ? 
# 
loop_
_pdbx_nonpoly_scheme.asym_id 
_pdbx_nonpoly_scheme.entity_id 
_pdbx_nonpoly_scheme.mon_id 
_pdbx_nonpoly_scheme.ndb_seq_num 
_pdbx_nonpoly_scheme.pdb_seq_num 
_pdbx_nonpoly_scheme.auth_seq_num 
_pdbx_nonpoly_scheme.pdb_mon_id 
_pdbx_nonpoly_scheme.auth_mon_id 
_pdbx_nonpoly_scheme.pdb_strand_id 
_pdbx_nonpoly_scheme.pdb_ins_code 
B 2 CL    1   201 130 CL    CL  AAA . 
C 3 NA    1   202 131 NA    NA  AAA . 
D 4 ACT   1   203 132 ACT   ACT AAA . 
E 4 ACT   1   204 133 ACT   ACT AAA . 
F 5 VVB   1   205 1   VVB   VOO AAA . 
G 6 A1IOM 1   206 1   A1IOM GSW AAA . 
H 6 A1IOM 1   207 2   A1IOM GSW AAA . 
I 3 NA    1   208 3   NA    NA  AAA . 
J 7 HOH   1   301 112 HOH   HOH AAA . 
J 7 HOH   2   302 72  HOH   HOH AAA . 
J 7 HOH   3   303 64  HOH   HOH AAA . 
J 7 HOH   4   304 37  HOH   HOH AAA . 
J 7 HOH   5   305 87  HOH   HOH AAA . 
J 7 HOH   6   306 45  HOH   HOH AAA . 
J 7 HOH   7   307 55  HOH   HOH AAA . 
J 7 HOH   8   308 58  HOH   HOH AAA . 
J 7 HOH   9   309 46  HOH   HOH AAA . 
J 7 HOH   10  310 27  HOH   HOH AAA . 
J 7 HOH   11  311 68  HOH   HOH AAA . 
J 7 HOH   12  312 13  HOH   HOH AAA . 
J 7 HOH   13  313 100 HOH   HOH AAA . 
J 7 HOH   14  314 78  HOH   HOH AAA . 
J 7 HOH   15  315 8   HOH   HOH AAA . 
J 7 HOH   16  316 113 HOH   HOH AAA . 
J 7 HOH   17  317 20  HOH   HOH AAA . 
J 7 HOH   18  318 25  HOH   HOH AAA . 
J 7 HOH   19  319 56  HOH   HOH AAA . 
J 7 HOH   20  320 34  HOH   HOH AAA . 
J 7 HOH   21  321 28  HOH   HOH AAA . 
J 7 HOH   22  322 22  HOH   HOH AAA . 
J 7 HOH   23  323 105 HOH   HOH AAA . 
J 7 HOH   24  324 4   HOH   HOH AAA . 
J 7 HOH   25  325 95  HOH   HOH AAA . 
J 7 HOH   26  326 53  HOH   HOH AAA . 
J 7 HOH   27  327 21  HOH   HOH AAA . 
J 7 HOH   28  328 74  HOH   HOH AAA . 
J 7 HOH   29  329 50  HOH   HOH AAA . 
J 7 HOH   30  330 2   HOH   HOH AAA . 
J 7 HOH   31  331 16  HOH   HOH AAA . 
J 7 HOH   32  332 23  HOH   HOH AAA . 
J 7 HOH   33  333 5   HOH   HOH AAA . 
J 7 HOH   34  334 97  HOH   HOH AAA . 
J 7 HOH   35  335 62  HOH   HOH AAA . 
J 7 HOH   36  336 7   HOH   HOH AAA . 
J 7 HOH   37  337 11  HOH   HOH AAA . 
J 7 HOH   38  338 1   HOH   HOH AAA . 
J 7 HOH   39  339 93  HOH   HOH AAA . 
J 7 HOH   40  340 38  HOH   HOH AAA . 
J 7 HOH   41  341 26  HOH   HOH AAA . 
J 7 HOH   42  342 29  HOH   HOH AAA . 
J 7 HOH   43  343 98  HOH   HOH AAA . 
J 7 HOH   44  344 54  HOH   HOH AAA . 
J 7 HOH   45  345 48  HOH   HOH AAA . 
J 7 HOH   46  346 76  HOH   HOH AAA . 
J 7 HOH   47  347 80  HOH   HOH AAA . 
J 7 HOH   48  348 106 HOH   HOH AAA . 
J 7 HOH   49  349 12  HOH   HOH AAA . 
J 7 HOH   50  350 88  HOH   HOH AAA . 
J 7 HOH   51  351 17  HOH   HOH AAA . 
J 7 HOH   52  352 40  HOH   HOH AAA . 
J 7 HOH   53  353 83  HOH   HOH AAA . 
J 7 HOH   54  354 19  HOH   HOH AAA . 
J 7 HOH   55  355 69  HOH   HOH AAA . 
J 7 HOH   56  356 85  HOH   HOH AAA . 
J 7 HOH   57  357 31  HOH   HOH AAA . 
J 7 HOH   58  358 6   HOH   HOH AAA . 
J 7 HOH   59  359 24  HOH   HOH AAA . 
J 7 HOH   60  360 89  HOH   HOH AAA . 
J 7 HOH   61  361 61  HOH   HOH AAA . 
J 7 HOH   62  362 3   HOH   HOH AAA . 
J 7 HOH   63  363 15  HOH   HOH AAA . 
J 7 HOH   64  364 35  HOH   HOH AAA . 
J 7 HOH   65  365 51  HOH   HOH AAA . 
J 7 HOH   66  366 73  HOH   HOH AAA . 
J 7 HOH   67  367 109 HOH   HOH AAA . 
J 7 HOH   68  368 81  HOH   HOH AAA . 
J 7 HOH   69  369 42  HOH   HOH AAA . 
J 7 HOH   70  370 115 HOH   HOH AAA . 
J 7 HOH   71  371 10  HOH   HOH AAA . 
J 7 HOH   72  372 71  HOH   HOH AAA . 
J 7 HOH   73  373 44  HOH   HOH AAA . 
J 7 HOH   74  374 103 HOH   HOH AAA . 
J 7 HOH   75  375 43  HOH   HOH AAA . 
J 7 HOH   76  376 84  HOH   HOH AAA . 
J 7 HOH   77  377 14  HOH   HOH AAA . 
J 7 HOH   78  378 32  HOH   HOH AAA . 
J 7 HOH   79  379 52  HOH   HOH AAA . 
J 7 HOH   80  380 101 HOH   HOH AAA . 
J 7 HOH   81  381 110 HOH   HOH AAA . 
J 7 HOH   82  382 18  HOH   HOH AAA . 
J 7 HOH   83  383 92  HOH   HOH AAA . 
J 7 HOH   84  384 65  HOH   HOH AAA . 
J 7 HOH   85  385 30  HOH   HOH AAA . 
J 7 HOH   86  386 96  HOH   HOH AAA . 
J 7 HOH   87  387 41  HOH   HOH AAA . 
J 7 HOH   88  388 94  HOH   HOH AAA . 
J 7 HOH   89  389 111 HOH   HOH AAA . 
J 7 HOH   90  390 82  HOH   HOH AAA . 
J 7 HOH   91  391 108 HOH   HOH AAA . 
J 7 HOH   92  392 90  HOH   HOH AAA . 
J 7 HOH   93  393 70  HOH   HOH AAA . 
J 7 HOH   94  394 102 HOH   HOH AAA . 
J 7 HOH   95  395 66  HOH   HOH AAA . 
J 7 HOH   96  396 47  HOH   HOH AAA . 
J 7 HOH   97  397 33  HOH   HOH AAA . 
J 7 HOH   98  398 75  HOH   HOH AAA . 
J 7 HOH   99  399 99  HOH   HOH AAA . 
J 7 HOH   100 400 86  HOH   HOH AAA . 
J 7 HOH   101 401 107 HOH   HOH AAA . 
J 7 HOH   102 402 79  HOH   HOH AAA . 
J 7 HOH   103 403 91  HOH   HOH AAA . 
J 7 HOH   104 404 104 HOH   HOH AAA . 
J 7 HOH   105 405 49  HOH   HOH AAA . 
J 7 HOH   106 406 67  HOH   HOH AAA . 
# 
loop_
_software.citation_id 
_software.classification 
_software.compiler_name 
_software.compiler_version 
_software.contact_author 
_software.contact_author_email 
_software.date 
_software.description 
_software.dependencies 
_software.hardware 
_software.language 
_software.location 
_software.mods 
_software.name 
_software.os 
_software.os_version 
_software.type 
_software.version 
_software.pdbx_ordinal 
? refinement       ? ? ? ? ? ? ? ? ? ? ? REFMAC   ? ? ? 5.8.0267 1 
? 'data reduction' ? ? ? ? ? ? ? ? ? ? ? autoPROC ? ? ? .        2 
? 'data scaling'   ? ? ? ? ? ? ? ? ? ? ? autoPROC ? ? ? .        3 
? phasing          ? ? ? ? ? ? ? ? ? ? ? PHASER   ? ? ? .        4 
# 
_cell.angle_alpha                  90.000 
_cell.angle_alpha_esd              ? 
_cell.angle_beta                   90.000 
_cell.angle_beta_esd               ? 
_cell.angle_gamma                  90.000 
_cell.angle_gamma_esd              ? 
_cell.entry_id                     9GOG 
_cell.details                      ? 
_cell.formula_units_Z              ? 
_cell.length_a                     76.846 
_cell.length_a_esd                 ? 
_cell.length_b                     76.846 
_cell.length_b_esd                 ? 
_cell.length_c                     36.839 
_cell.length_c_esd                 ? 
_cell.volume                       ? 
_cell.volume_esd                   ? 
_cell.Z_PDB                        8 
_cell.reciprocal_angle_alpha       ? 
_cell.reciprocal_angle_beta        ? 
_cell.reciprocal_angle_gamma       ? 
_cell.reciprocal_angle_alpha_esd   ? 
_cell.reciprocal_angle_beta_esd    ? 
_cell.reciprocal_angle_gamma_esd   ? 
_cell.reciprocal_length_a          ? 
_cell.reciprocal_length_b          ? 
_cell.reciprocal_length_c          ? 
_cell.reciprocal_length_a_esd      ? 
_cell.reciprocal_length_b_esd      ? 
_cell.reciprocal_length_c_esd      ? 
_cell.pdbx_unique_axis             ? 
_cell.pdbx_esd_method              ? 
# 
_symmetry.entry_id                         9GOG 
_symmetry.cell_setting                     ? 
_symmetry.Int_Tables_number                96 
_symmetry.space_group_name_Hall            ? 
_symmetry.space_group_name_H-M             'P 43 21 2' 
_symmetry.pdbx_full_space_group_name_H-M   ? 
# 
_exptl.absorpt_coefficient_mu     ? 
_exptl.absorpt_correction_T_max   ? 
_exptl.absorpt_correction_T_min   ? 
_exptl.absorpt_correction_type    ? 
_exptl.absorpt_process_details    ? 
_exptl.entry_id                   9GOG 
_exptl.crystals_number            1 
_exptl.details                    ? 
_exptl.method                     'X-RAY DIFFRACTION' 
_exptl.method_details             ? 
# 
_exptl_crystal.colour                       ? 
_exptl_crystal.density_diffrn               ? 
_exptl_crystal.density_Matthews             1.90 
_exptl_crystal.density_method               ? 
_exptl_crystal.density_percent_sol          35.18 
_exptl_crystal.description                  ? 
_exptl_crystal.F_000                        ? 
_exptl_crystal.id                           1 
_exptl_crystal.preparation                  ? 
_exptl_crystal.size_max                     ? 
_exptl_crystal.size_mid                     ? 
_exptl_crystal.size_min                     ? 
_exptl_crystal.size_rad                     ? 
_exptl_crystal.colour_lustre                ? 
_exptl_crystal.colour_modifier              ? 
_exptl_crystal.colour_primary               ? 
_exptl_crystal.density_meas                 ? 
_exptl_crystal.density_meas_esd             ? 
_exptl_crystal.density_meas_gt              ? 
_exptl_crystal.density_meas_lt              ? 
_exptl_crystal.density_meas_temp            ? 
_exptl_crystal.density_meas_temp_esd        ? 
_exptl_crystal.density_meas_temp_gt         ? 
_exptl_crystal.density_meas_temp_lt         ? 
_exptl_crystal.pdbx_crystal_image_url       ? 
_exptl_crystal.pdbx_crystal_image_format    ? 
_exptl_crystal.pdbx_mosaicity               ? 
_exptl_crystal.pdbx_mosaicity_esd           ? 
_exptl_crystal.pdbx_mosaic_method           ? 
_exptl_crystal.pdbx_mosaic_block_size       ? 
_exptl_crystal.pdbx_mosaic_block_size_esd   ? 
# 
_exptl_crystal_grow.apparatus       ? 
_exptl_crystal_grow.atmosphere      ? 
_exptl_crystal_grow.crystal_id      1 
_exptl_crystal_grow.details         ? 
_exptl_crystal_grow.method          'VAPOR DIFFUSION, HANGING DROP' 
_exptl_crystal_grow.method_ref      ? 
_exptl_crystal_grow.pH              4.0 
_exptl_crystal_grow.pressure        ? 
_exptl_crystal_grow.pressure_esd    ? 
_exptl_crystal_grow.seeding         ? 
_exptl_crystal_grow.seeding_ref     ? 
_exptl_crystal_grow.temp_details    ? 
_exptl_crystal_grow.temp_esd        ? 
_exptl_crystal_grow.time            ? 
_exptl_crystal_grow.pdbx_details    '1.1 M sodium chloride, 0.1 M sodium acetate pH 4.0' 
_exptl_crystal_grow.pdbx_pH_range   ? 
_exptl_crystal_grow.temp            293 
# 
_diffrn.ambient_environment              ? 
_diffrn.ambient_temp                     100 
_diffrn.ambient_temp_details             ? 
_diffrn.ambient_temp_esd                 ? 
_diffrn.crystal_id                       1 
_diffrn.crystal_support                  ? 
_diffrn.crystal_treatment                ? 
_diffrn.details                          ? 
_diffrn.id                               1 
_diffrn.ambient_pressure                 ? 
_diffrn.ambient_pressure_esd             ? 
_diffrn.ambient_pressure_gt              ? 
_diffrn.ambient_pressure_lt              ? 
_diffrn.ambient_temp_gt                  ? 
_diffrn.ambient_temp_lt                  ? 
_diffrn.pdbx_serial_crystal_experiment   N 
# 
_diffrn_detector.details                      ? 
_diffrn_detector.detector                     PIXEL 
_diffrn_detector.diffrn_id                    1 
_diffrn_detector.type                         'DECTRIS EIGER2 S 16M' 
_diffrn_detector.area_resol_mean              ? 
_diffrn_detector.dtime                        ? 
_diffrn_detector.pdbx_frames_total            ? 
_diffrn_detector.pdbx_collection_time_total   ? 
_diffrn_detector.pdbx_collection_date         2023-02-04 
_diffrn_detector.pdbx_frequency               ? 
_diffrn_detector.id                           ? 
_diffrn_detector.number_of_axes               ? 
# 
_diffrn_radiation.collimation                      ? 
_diffrn_radiation.diffrn_id                        1 
_diffrn_radiation.filter_edge                      ? 
_diffrn_radiation.inhomogeneity                    ? 
_diffrn_radiation.monochromator                    ? 
_diffrn_radiation.polarisn_norm                    ? 
_diffrn_radiation.polarisn_ratio                   ? 
_diffrn_radiation.probe                            ? 
_diffrn_radiation.type                             ? 
_diffrn_radiation.xray_symbol                      ? 
_diffrn_radiation.wavelength_id                    1 
_diffrn_radiation.pdbx_monochromatic_or_laue_m_l   M 
_diffrn_radiation.pdbx_wavelength_list             ? 
_diffrn_radiation.pdbx_wavelength                  ? 
_diffrn_radiation.pdbx_diffrn_protocol             'SINGLE WAVELENGTH' 
_diffrn_radiation.pdbx_analyzer                    ? 
_diffrn_radiation.pdbx_scattering_type             x-ray 
# 
_diffrn_radiation_wavelength.id           1 
_diffrn_radiation_wavelength.wavelength   0.8856 
_diffrn_radiation_wavelength.wt           1.0 
# 
_diffrn_source.current                     ? 
_diffrn_source.details                     ? 
_diffrn_source.diffrn_id                   1 
_diffrn_source.power                       ? 
_diffrn_source.size                        ? 
_diffrn_source.source                      SYNCHROTRON 
_diffrn_source.target                      ? 
_diffrn_source.type                        'ESRF BEAMLINE ID23-1' 
_diffrn_source.voltage                     ? 
_diffrn_source.take-off_angle              ? 
_diffrn_source.pdbx_wavelength_list        0.8856 
_diffrn_source.pdbx_wavelength             ? 
_diffrn_source.pdbx_synchrotron_beamline   ID23-1 
_diffrn_source.pdbx_synchrotron_site       ESRF 
# 
_reflns.B_iso_Wilson_estimate                          ? 
_reflns.entry_id                                       9GOG 
_reflns.data_reduction_details                         ? 
_reflns.data_reduction_method                          ? 
_reflns.d_resolution_high                              1.24 
_reflns.d_resolution_low                               54.34 
_reflns.details                                        ? 
_reflns.limit_h_max                                    ? 
_reflns.limit_h_min                                    ? 
_reflns.limit_k_max                                    ? 
_reflns.limit_k_min                                    ? 
_reflns.limit_l_max                                    ? 
_reflns.limit_l_min                                    ? 
_reflns.number_all                                     ? 
_reflns.number_obs                                     32110 
_reflns.observed_criterion                             ? 
_reflns.observed_criterion_F_max                       ? 
_reflns.observed_criterion_F_min                       ? 
_reflns.observed_criterion_I_max                       ? 
_reflns.observed_criterion_I_min                       ? 
_reflns.observed_criterion_sigma_F                     ? 
_reflns.observed_criterion_sigma_I                     ? 
_reflns.percent_possible_obs                           100.0 
_reflns.R_free_details                                 ? 
_reflns.Rmerge_F_all                                   ? 
_reflns.Rmerge_F_obs                                   ? 
_reflns.Friedel_coverage                               ? 
_reflns.number_gt                                      ? 
_reflns.threshold_expression                           ? 
_reflns.pdbx_redundancy                                20.0 
_reflns.pdbx_netI_over_av_sigmaI                       ? 
_reflns.pdbx_netI_over_sigmaI                          15.0 
_reflns.pdbx_res_netI_over_av_sigmaI_2                 ? 
_reflns.pdbx_res_netI_over_sigmaI_2                    ? 
_reflns.pdbx_chi_squared                               ? 
_reflns.pdbx_scaling_rejects                           ? 
_reflns.pdbx_d_res_high_opt                            ? 
_reflns.pdbx_d_res_low_opt                             ? 
_reflns.pdbx_d_res_opt_method                          ? 
_reflns.phase_calculation_details                      ? 
_reflns.pdbx_Rrim_I_all                                ? 
_reflns.pdbx_Rpim_I_all                                ? 
_reflns.pdbx_d_opt                                     ? 
_reflns.pdbx_number_measured_all                       ? 
_reflns.pdbx_diffrn_id                                 1 
_reflns.pdbx_ordinal                                   1 
_reflns.pdbx_CC_half                                   0.999 
_reflns.pdbx_CC_star                                   ? 
_reflns.pdbx_R_split                                   ? 
_reflns.pdbx_Rmerge_I_obs                              ? 
_reflns.pdbx_Rmerge_I_all                              ? 
_reflns.pdbx_Rsym_value                                ? 
_reflns.pdbx_CC_split_method                           ? 
_reflns.pdbx_aniso_diffraction_limit_axis_1_ortho[1]   ? 
_reflns.pdbx_aniso_diffraction_limit_axis_1_ortho[2]   ? 
_reflns.pdbx_aniso_diffraction_limit_axis_1_ortho[3]   ? 
_reflns.pdbx_aniso_diffraction_limit_axis_2_ortho[1]   ? 
_reflns.pdbx_aniso_diffraction_limit_axis_2_ortho[2]   ? 
_reflns.pdbx_aniso_diffraction_limit_axis_2_ortho[3]   ? 
_reflns.pdbx_aniso_diffraction_limit_axis_3_ortho[1]   ? 
_reflns.pdbx_aniso_diffraction_limit_axis_3_ortho[2]   ? 
_reflns.pdbx_aniso_diffraction_limit_axis_3_ortho[3]   ? 
_reflns.pdbx_aniso_diffraction_limit_1                 ? 
_reflns.pdbx_aniso_diffraction_limit_2                 ? 
_reflns.pdbx_aniso_diffraction_limit_3                 ? 
_reflns.pdbx_aniso_B_tensor_eigenvector_1_ortho[1]     ? 
_reflns.pdbx_aniso_B_tensor_eigenvector_1_ortho[2]     ? 
_reflns.pdbx_aniso_B_tensor_eigenvector_1_ortho[3]     ? 
_reflns.pdbx_aniso_B_tensor_eigenvector_2_ortho[1]     ? 
_reflns.pdbx_aniso_B_tensor_eigenvector_2_ortho[2]     ? 
_reflns.pdbx_aniso_B_tensor_eigenvector_2_ortho[3]     ? 
_reflns.pdbx_aniso_B_tensor_eigenvector_3_ortho[1]     ? 
_reflns.pdbx_aniso_B_tensor_eigenvector_3_ortho[2]     ? 
_reflns.pdbx_aniso_B_tensor_eigenvector_3_ortho[3]     ? 
_reflns.pdbx_aniso_B_tensor_eigenvalue_1               ? 
_reflns.pdbx_aniso_B_tensor_eigenvalue_2               ? 
_reflns.pdbx_aniso_B_tensor_eigenvalue_3               ? 
_reflns.pdbx_orthogonalization_convention              ? 
_reflns.pdbx_percent_possible_ellipsoidal              ? 
_reflns.pdbx_percent_possible_spherical                ? 
_reflns.pdbx_percent_possible_ellipsoidal_anomalous    ? 
_reflns.pdbx_percent_possible_spherical_anomalous      ? 
_reflns.pdbx_redundancy_anomalous                      ? 
_reflns.pdbx_CC_half_anomalous                         ? 
_reflns.pdbx_absDiff_over_sigma_anomalous              ? 
_reflns.pdbx_percent_possible_anomalous                ? 
_reflns.pdbx_observed_signal_threshold                 ? 
_reflns.pdbx_signal_type                               ? 
_reflns.pdbx_signal_details                            ? 
_reflns.pdbx_signal_software_id                        ? 
# 
_reflns_shell.d_res_high                                    1.24 
_reflns_shell.d_res_low                                     1.26 
_reflns_shell.meanI_over_sigI_all                           ? 
_reflns_shell.meanI_over_sigI_obs                           ? 
_reflns_shell.number_measured_all                           ? 
_reflns_shell.number_measured_obs                           ? 
_reflns_shell.number_possible                               ? 
_reflns_shell.number_unique_all                             ? 
_reflns_shell.number_unique_obs                             1555 
_reflns_shell.percent_possible_obs                          ? 
_reflns_shell.Rmerge_F_all                                  ? 
_reflns_shell.Rmerge_F_obs                                  ? 
_reflns_shell.meanI_over_sigI_gt                            ? 
_reflns_shell.meanI_over_uI_all                             ? 
_reflns_shell.meanI_over_uI_gt                              ? 
_reflns_shell.number_measured_gt                            ? 
_reflns_shell.number_unique_gt                              ? 
_reflns_shell.percent_possible_gt                           ? 
_reflns_shell.Rmerge_F_gt                                   ? 
_reflns_shell.Rmerge_I_gt                                   ? 
_reflns_shell.pdbx_redundancy                               ? 
_reflns_shell.pdbx_chi_squared                              ? 
_reflns_shell.pdbx_netI_over_sigmaI_all                     ? 
_reflns_shell.pdbx_netI_over_sigmaI_obs                     ? 
_reflns_shell.pdbx_Rrim_I_all                               ? 
_reflns_shell.pdbx_Rpim_I_all                               ? 
_reflns_shell.pdbx_rejects                                  ? 
_reflns_shell.pdbx_ordinal                                  1 
_reflns_shell.pdbx_diffrn_id                                1 
_reflns_shell.pdbx_CC_half                                  0.412 
_reflns_shell.pdbx_CC_star                                  ? 
_reflns_shell.pdbx_R_split                                  ? 
_reflns_shell.percent_possible_all                          ? 
_reflns_shell.Rmerge_I_all                                  ? 
_reflns_shell.Rmerge_I_obs                                  ? 
_reflns_shell.pdbx_Rsym_value                               ? 
_reflns_shell.pdbx_percent_possible_ellipsoidal             ? 
_reflns_shell.pdbx_percent_possible_spherical               ? 
_reflns_shell.pdbx_percent_possible_ellipsoidal_anomalous   ? 
_reflns_shell.pdbx_percent_possible_spherical_anomalous     ? 
_reflns_shell.pdbx_redundancy_anomalous                     ? 
_reflns_shell.pdbx_CC_half_anomalous                        ? 
_reflns_shell.pdbx_absDiff_over_sigma_anomalous             ? 
_reflns_shell.pdbx_percent_possible_anomalous               ? 
# 
_refine.aniso_B[1][1]                            0.095 
_refine.aniso_B[1][2]                            -0.000 
_refine.aniso_B[1][3]                            -0.000 
_refine.aniso_B[2][2]                            0.095 
_refine.aniso_B[2][3]                            -0.000 
_refine.aniso_B[3][3]                            -0.191 
_refine.B_iso_max                                ? 
_refine.B_iso_mean                               24.679 
_refine.B_iso_min                                ? 
_refine.correlation_coeff_Fo_to_Fc               0.969 
_refine.correlation_coeff_Fo_to_Fc_free          0.951 
_refine.details                                  'Hydrogens have been added in their riding positions' 
_refine.diff_density_max                         ? 
_refine.diff_density_max_esd                     ? 
_refine.diff_density_min                         ? 
_refine.diff_density_min_esd                     ? 
_refine.diff_density_rms                         ? 
_refine.diff_density_rms_esd                     ? 
_refine.entry_id                                 9GOG 
_refine.pdbx_refine_id                           'X-RAY DIFFRACTION' 
_refine.ls_abs_structure_details                 ? 
_refine.ls_abs_structure_Flack                   ? 
_refine.ls_abs_structure_Flack_esd               ? 
_refine.ls_abs_structure_Rogers                  ? 
_refine.ls_abs_structure_Rogers_esd              ? 
_refine.ls_d_res_high                            1.240 
_refine.ls_d_res_low                             54.338 
_refine.ls_extinction_coef                       ? 
_refine.ls_extinction_coef_esd                   ? 
_refine.ls_extinction_expression                 ? 
_refine.ls_extinction_method                     ? 
_refine.ls_goodness_of_fit_all                   ? 
_refine.ls_goodness_of_fit_all_esd               ? 
_refine.ls_goodness_of_fit_obs                   ? 
_refine.ls_goodness_of_fit_obs_esd               ? 
_refine.ls_hydrogen_treatment                    ? 
_refine.ls_matrix_type                           ? 
_refine.ls_number_constraints                    ? 
_refine.ls_number_parameters                     ? 
_refine.ls_number_reflns_all                     ? 
_refine.ls_number_reflns_obs                     31754 
_refine.ls_number_reflns_R_free                  1554 
_refine.ls_number_reflns_R_work                  30200 
_refine.ls_number_restraints                     ? 
_refine.ls_percent_reflns_obs                    99.689 
_refine.ls_percent_reflns_R_free                 4.894 
_refine.ls_R_factor_all                          0.205 
_refine.ls_R_factor_obs                          ? 
_refine.ls_R_factor_R_free                       0.2559 
_refine.ls_R_factor_R_free_error                 ? 
_refine.ls_R_factor_R_free_error_details         ? 
_refine.ls_R_factor_R_work                       0.2030 
_refine.ls_R_Fsqd_factor_obs                     ? 
_refine.ls_R_I_factor_obs                        ? 
_refine.ls_redundancy_reflns_all                 ? 
_refine.ls_redundancy_reflns_obs                 ? 
_refine.ls_restrained_S_all                      ? 
_refine.ls_restrained_S_obs                      ? 
_refine.ls_shift_over_esd_max                    ? 
_refine.ls_shift_over_esd_mean                   ? 
_refine.ls_structure_factor_coef                 ? 
_refine.ls_weighting_details                     ? 
_refine.ls_weighting_scheme                      ? 
_refine.ls_wR_factor_all                         ? 
_refine.ls_wR_factor_obs                         ? 
_refine.ls_wR_factor_R_free                      ? 
_refine.ls_wR_factor_R_work                      ? 
_refine.occupancy_max                            ? 
_refine.occupancy_min                            ? 
_refine.solvent_model_details                    'MASK BULK SOLVENT' 
_refine.solvent_model_param_bsol                 ? 
_refine.solvent_model_param_ksol                 ? 
_refine.pdbx_R_complete                          ? 
_refine.ls_R_factor_gt                           ? 
_refine.ls_goodness_of_fit_gt                    ? 
_refine.ls_goodness_of_fit_ref                   ? 
_refine.ls_shift_over_su_max                     ? 
_refine.ls_shift_over_su_max_lt                  ? 
_refine.ls_shift_over_su_mean                    ? 
_refine.ls_shift_over_su_mean_lt                 ? 
_refine.pdbx_ls_sigma_I                          ? 
_refine.pdbx_ls_sigma_F                          ? 
_refine.pdbx_ls_sigma_Fsqd                       ? 
_refine.pdbx_data_cutoff_high_absF               ? 
_refine.pdbx_data_cutoff_high_rms_absF           ? 
_refine.pdbx_data_cutoff_low_absF                ? 
_refine.pdbx_isotropic_thermal_model             ? 
_refine.pdbx_ls_cross_valid_method               'FREE R-VALUE' 
_refine.pdbx_method_to_determine_struct          'MOLECULAR REPLACEMENT' 
_refine.pdbx_starting_model                      ? 
_refine.pdbx_stereochemistry_target_values       ? 
_refine.pdbx_R_Free_selection_details            ? 
_refine.pdbx_stereochem_target_val_spec_case     ? 
_refine.pdbx_overall_ESU_R                       0.057 
_refine.pdbx_overall_ESU_R_Free                  0.066 
_refine.pdbx_solvent_vdw_probe_radii             1.200 
_refine.pdbx_solvent_ion_probe_radii             0.800 
_refine.pdbx_solvent_shrinkage_radii             0.800 
_refine.pdbx_real_space_R                        ? 
_refine.pdbx_density_correlation                 ? 
_refine.pdbx_pd_number_of_powder_patterns        ? 
_refine.pdbx_pd_number_of_points                 ? 
_refine.pdbx_pd_meas_number_of_points            ? 
_refine.pdbx_pd_proc_ls_prof_R_factor            ? 
_refine.pdbx_pd_proc_ls_prof_wR_factor           ? 
_refine.pdbx_pd_Marquardt_correlation_coeff      ? 
_refine.pdbx_pd_Fsqrd_R_factor                   ? 
_refine.pdbx_pd_ls_matrix_band_width             ? 
_refine.pdbx_overall_phase_error                 ? 
_refine.pdbx_overall_SU_R_free_Cruickshank_DPI   ? 
_refine.pdbx_overall_SU_R_free_Blow_DPI          ? 
_refine.pdbx_overall_SU_R_Blow_DPI               ? 
_refine.pdbx_TLS_residual_ADP_flag               ? 
_refine.pdbx_diffrn_id                           1 
_refine.overall_SU_B                             1.339 
_refine.overall_SU_ML                            0.056 
_refine.overall_SU_R_Cruickshank_DPI             ? 
_refine.overall_SU_R_free                        ? 
_refine.overall_FOM_free_R_set                   ? 
_refine.overall_FOM_work_R_set                   ? 
_refine.pdbx_average_fsc_overall                 ? 
_refine.pdbx_average_fsc_work                    ? 
_refine.pdbx_average_fsc_free                    ? 
# 
_refine_hist.pdbx_refine_id                   'X-RAY DIFFRACTION' 
_refine_hist.cycle_id                         LAST 
_refine_hist.pdbx_number_atoms_protein        1001 
_refine_hist.pdbx_number_atoms_nucleic_acid   0 
_refine_hist.pdbx_number_atoms_ligand         60 
_refine_hist.number_atoms_solvent             106 
_refine_hist.number_atoms_total               1167 
_refine_hist.d_res_high                       1.240 
_refine_hist.d_res_low                        54.338 
# 
loop_
_refine_ls_restr.pdbx_refine_id 
_refine_ls_restr.criterion 
_refine_ls_restr.dev_ideal 
_refine_ls_restr.dev_ideal_target 
_refine_ls_restr.number 
_refine_ls_restr.rejects 
_refine_ls_restr.type 
_refine_ls_restr.weight 
_refine_ls_restr.pdbx_restraint_function 
'X-RAY DIFFRACTION' ? 0.014  0.013  1165 ? r_bond_refined_d               ? ? 
'X-RAY DIFFRACTION' ? 0.002  0.014  1037 ? r_bond_other_d                 ? ? 
'X-RAY DIFFRACTION' ? 1.860  1.695  1577 ? r_angle_refined_deg            ? ? 
'X-RAY DIFFRACTION' ? 1.541  1.598  2369 ? r_angle_other_deg              ? ? 
'X-RAY DIFFRACTION' ? 6.696  5.000  141  ? r_dihedral_angle_1_deg         ? ? 
'X-RAY DIFFRACTION' ? 32.222 20.299 67   ? r_dihedral_angle_2_deg         ? ? 
'X-RAY DIFFRACTION' ? 14.953 15.000 191  ? r_dihedral_angle_3_deg         ? ? 
'X-RAY DIFFRACTION' ? 19.309 15.000 13   ? r_dihedral_angle_4_deg         ? ? 
'X-RAY DIFFRACTION' ? 0.091  0.200  140  ? r_chiral_restr                 ? ? 
'X-RAY DIFFRACTION' ? 0.010  0.020  1370 ? r_gen_planes_refined           ? ? 
'X-RAY DIFFRACTION' ? 0.002  0.020  306  ? r_gen_planes_other             ? ? 
'X-RAY DIFFRACTION' ? 0.250  0.200  282  ? r_nbd_refined                  ? ? 
'X-RAY DIFFRACTION' ? 0.196  0.200  966  ? r_symmetry_nbd_other           ? ? 
'X-RAY DIFFRACTION' ? 0.180  0.200  560  ? r_nbtor_refined                ? ? 
'X-RAY DIFFRACTION' ? 0.084  0.200  495  ? r_symmetry_nbtor_other         ? ? 
'X-RAY DIFFRACTION' ? 0.235  0.200  71   ? r_xyhbond_nbd_refined          ? ? 
'X-RAY DIFFRACTION' ? 0.131  0.200  5    ? r_metal_ion_refined            ? ? 
'X-RAY DIFFRACTION' ? 0.213  0.200  16   ? r_symmetry_nbd_refined         ? ? 
'X-RAY DIFFRACTION' ? 0.221  0.200  45   ? r_nbd_other                    ? ? 
'X-RAY DIFFRACTION' ? 0.249  0.200  17   ? r_symmetry_xyhbond_nbd_refined ? ? 
'X-RAY DIFFRACTION' ? 2.159  2.284  551  ? r_mcbond_it                    ? ? 
'X-RAY DIFFRACTION' ? 2.157  2.273  548  ? r_mcbond_other                 ? ? 
'X-RAY DIFFRACTION' ? 2.960  3.425  695  ? r_mcangle_it                   ? ? 
'X-RAY DIFFRACTION' ? 2.958  3.429  696  ? r_mcangle_other                ? ? 
'X-RAY DIFFRACTION' ? 2.728  2.773  613  ? r_scbond_it                    ? ? 
'X-RAY DIFFRACTION' ? 2.638  2.604  560  ? r_scbond_other                 ? ? 
'X-RAY DIFFRACTION' ? 4.295  4.002  882  ? r_scangle_it                   ? ? 
'X-RAY DIFFRACTION' ? 4.191  3.784  816  ? r_scangle_other                ? ? 
'X-RAY DIFFRACTION' ? 5.677  29.267 1649 ? r_lrange_it                    ? ? 
'X-RAY DIFFRACTION' ? 5.446  27.379 1347 ? r_lrange_other                 ? ? 
# 
loop_
_refine_ls_shell.pdbx_refine_id 
_refine_ls_shell.d_res_high 
_refine_ls_shell.d_res_low 
_refine_ls_shell.number_reflns_all 
_refine_ls_shell.number_reflns_obs 
_refine_ls_shell.number_reflns_R_free 
_refine_ls_shell.number_reflns_R_work 
_refine_ls_shell.percent_reflns_obs 
_refine_ls_shell.percent_reflns_R_free 
_refine_ls_shell.R_factor_all 
_refine_ls_shell.R_factor_obs 
_refine_ls_shell.R_factor_R_free_error 
_refine_ls_shell.R_factor_R_work 
_refine_ls_shell.redundancy_reflns_all 
_refine_ls_shell.redundancy_reflns_obs 
_refine_ls_shell.wR_factor_all 
_refine_ls_shell.wR_factor_obs 
_refine_ls_shell.wR_factor_R_free 
_refine_ls_shell.wR_factor_R_work 
_refine_ls_shell.pdbx_R_complete 
_refine_ls_shell.pdbx_total_number_of_bins_used 
_refine_ls_shell.pdbx_phase_error 
_refine_ls_shell.pdbx_fsc_work 
_refine_ls_shell.pdbx_fsc_free 
_refine_ls_shell.R_factor_R_free 
'X-RAY DIFFRACTION' 1.240 1.272  . . 129 2102 95.7511  . . . . 0.464 . . . . . . . . . . . 0.485 
'X-RAY DIFFRACTION' 1.272 1.307  . . 107 2133 100.0000 . . . . 0.393 . . . . . . . . . . . 0.393 
'X-RAY DIFFRACTION' 1.307 1.345  . . 112 2075 100.0000 . . . . 0.311 . . . . . . . . . . . 0.311 
'X-RAY DIFFRACTION' 1.345 1.386  . . 121 2016 100.0000 . . . . 0.326 . . . . . . . . . . . 0.326 
'X-RAY DIFFRACTION' 1.386 1.432  . . 86  1981 100.0000 . . . . 0.278 . . . . . . . . . . . 0.346 
'X-RAY DIFFRACTION' 1.432 1.482  . . 100 1914 100.0000 . . . . 0.257 . . . . . . . . . . . 0.266 
'X-RAY DIFFRACTION' 1.482 1.538  . . 100 1848 100.0000 . . . . 0.234 . . . . . . . . . . . 0.259 
'X-RAY DIFFRACTION' 1.538 1.601  . . 89  1781 100.0000 . . . . 0.232 . . . . . . . . . . . 0.322 
'X-RAY DIFFRACTION' 1.601 1.672  . . 73  1725 100.0000 . . . . 0.229 . . . . . . . . . . . 0.263 
'X-RAY DIFFRACTION' 1.672 1.753  . . 76  1642 100.0000 . . . . 0.232 . . . . . . . . . . . 0.286 
'X-RAY DIFFRACTION' 1.753 1.848  . . 88  1557 100.0000 . . . . 0.227 . . . . . . . . . . . 0.296 
'X-RAY DIFFRACTION' 1.848 1.960  . . 80  1462 100.0000 . . . . 0.208 . . . . . . . . . . . 0.249 
'X-RAY DIFFRACTION' 1.960 2.095  . . 65  1405 100.0000 . . . . 0.195 . . . . . . . . . . . 0.246 
'X-RAY DIFFRACTION' 2.095 2.263  . . 69  1313 100.0000 . . . . 0.195 . . . . . . . . . . . 0.272 
'X-RAY DIFFRACTION' 2.263 2.478  . . 62  1216 100.0000 . . . . 0.181 . . . . . . . . . . . 0.210 
'X-RAY DIFFRACTION' 2.478 2.770  . . 44  1106 100.0000 . . . . 0.183 . . . . . . . . . . . 0.241 
'X-RAY DIFFRACTION' 2.770 3.197  . . 53  989  100.0000 . . . . 0.194 . . . . . . . . . . . 0.267 
'X-RAY DIFFRACTION' 3.197 3.912  . . 51  835  100.0000 . . . . 0.159 . . . . . . . . . . . 0.233 
'X-RAY DIFFRACTION' 3.912 5.518  . . 21  691  100.0000 . . . . 0.164 . . . . . . . . . . . 0.189 
'X-RAY DIFFRACTION' 5.518 54.338 . . 28  407  100.0000 . . . . 0.256 . . . . . . . . . . . 0.264 
# 
_struct.entry_id                     9GOG 
_struct.title                        
;X-ray structure of lysozyme obtained upon reaction with the dioxidovanadium(V) complex with furan-2-carboxylic acid (3-ethoxy-2-hydroxybenzylidene)hydrazide
;
_struct.pdbx_model_details           ? 
_struct.pdbx_formula_weight          ? 
_struct.pdbx_formula_weight_method   ? 
_struct.pdbx_model_type_details      ? 
_struct.pdbx_CASP_flag               N 
# 
_struct_keywords.entry_id        9GOG 
_struct_keywords.text            
'metallodrugs, protein metalation, vanadium compounds, protein metal compounds interactions, HYDROLASE' 
_struct_keywords.pdbx_keywords   HYDROLASE 
# 
loop_
_struct_asym.id 
_struct_asym.pdbx_blank_PDB_chainid_flag 
_struct_asym.pdbx_modified 
_struct_asym.entity_id 
_struct_asym.details 
A N N 1 ? 
B N N 2 ? 
C N N 3 ? 
D N N 4 ? 
E N N 4 ? 
F N N 5 ? 
G N N 6 ? 
H N N 6 ? 
I N N 3 ? 
J N N 7 ? 
# 
_struct_ref.id                         1 
_struct_ref.db_name                    UNP 
_struct_ref.db_code                    LYSC_CHICK 
_struct_ref.pdbx_db_accession          P00698 
_struct_ref.pdbx_db_isoform            ? 
_struct_ref.entity_id                  1 
_struct_ref.pdbx_seq_one_letter_code   
;KVFGRCELAAAMKRHGLDNYRGYSLGNWVCAAKFESNFNTQATNRNTDGSTDYGILQINSRWWCNDGRTPGSRNLCNIPC
SALLSSDITASVNCAKKIVSDGNGMNAWVAWRNRCKGTDVQAWIRGCRL
;
_struct_ref.pdbx_align_begin           19 
# 
_struct_ref_seq.align_id                      1 
_struct_ref_seq.ref_id                        1 
_struct_ref_seq.pdbx_PDB_id_code              9GOG 
_struct_ref_seq.pdbx_strand_id                AAA 
_struct_ref_seq.seq_align_beg                 1 
_struct_ref_seq.pdbx_seq_align_beg_ins_code   ? 
_struct_ref_seq.seq_align_end                 129 
_struct_ref_seq.pdbx_seq_align_end_ins_code   ? 
_struct_ref_seq.pdbx_db_accession             P00698 
_struct_ref_seq.db_align_beg                  19 
_struct_ref_seq.pdbx_db_align_beg_ins_code    ? 
_struct_ref_seq.db_align_end                  147 
_struct_ref_seq.pdbx_db_align_end_ins_code    ? 
_struct_ref_seq.pdbx_auth_seq_align_beg       1 
_struct_ref_seq.pdbx_auth_seq_align_end       129 
# 
_pdbx_struct_assembly.id                   1 
_pdbx_struct_assembly.details              author_defined_assembly 
_pdbx_struct_assembly.method_details       ? 
_pdbx_struct_assembly.oligomeric_details   monomeric 
_pdbx_struct_assembly.oligomeric_count     1 
# 
loop_
_pdbx_struct_assembly_prop.biol_id 
_pdbx_struct_assembly_prop.type 
_pdbx_struct_assembly_prop.value 
_pdbx_struct_assembly_prop.details 
1 'ABSA (A^2)' 1550 ? 
1 MORE         -27  ? 
1 'SSA (A^2)'  6740 ? 
# 
_pdbx_struct_assembly_gen.assembly_id       1 
_pdbx_struct_assembly_gen.oper_expression   1 
_pdbx_struct_assembly_gen.asym_id_list      A,B,C,D,E,F,G,H,I,J 
# 
_pdbx_struct_assembly_auth_evidence.id                     1 
_pdbx_struct_assembly_auth_evidence.assembly_id            1 
_pdbx_struct_assembly_auth_evidence.experimental_support   none 
_pdbx_struct_assembly_auth_evidence.details                ? 
# 
_pdbx_struct_oper_list.id                   1 
_pdbx_struct_oper_list.type                 'identity operation' 
_pdbx_struct_oper_list.name                 1_555 
_pdbx_struct_oper_list.symmetry_operation   x,y,z 
_pdbx_struct_oper_list.matrix[1][1]         1.0000000000 
_pdbx_struct_oper_list.matrix[1][2]         0.0000000000 
_pdbx_struct_oper_list.matrix[1][3]         0.0000000000 
_pdbx_struct_oper_list.vector[1]            0.0000000000 
_pdbx_struct_oper_list.matrix[2][1]         0.0000000000 
_pdbx_struct_oper_list.matrix[2][2]         1.0000000000 
_pdbx_struct_oper_list.matrix[2][3]         0.0000000000 
_pdbx_struct_oper_list.vector[2]            0.0000000000 
_pdbx_struct_oper_list.matrix[3][1]         0.0000000000 
_pdbx_struct_oper_list.matrix[3][2]         0.0000000000 
_pdbx_struct_oper_list.matrix[3][3]         1.0000000000 
_pdbx_struct_oper_list.vector[3]            0.0000000000 
# 
loop_
_struct_conf.conf_type_id 
_struct_conf.id 
_struct_conf.pdbx_PDB_helix_id 
_struct_conf.beg_label_comp_id 
_struct_conf.beg_label_asym_id 
_struct_conf.beg_label_seq_id 
_struct_conf.pdbx_beg_PDB_ins_code 
_struct_conf.end_label_comp_id 
_struct_conf.end_label_asym_id 
_struct_conf.end_label_seq_id 
_struct_conf.pdbx_end_PDB_ins_code 
_struct_conf.beg_auth_comp_id 
_struct_conf.beg_auth_asym_id 
_struct_conf.beg_auth_seq_id 
_struct_conf.end_auth_comp_id 
_struct_conf.end_auth_asym_id 
_struct_conf.end_auth_seq_id 
_struct_conf.pdbx_PDB_helix_class 
_struct_conf.details 
_struct_conf.pdbx_PDB_helix_length 
HELX_P HELX_P1 AA1 GLY A 4   ? HIS A 15  ? GLY AAA 4   HIS AAA 15  1 ? 12 
HELX_P HELX_P2 AA2 ASN A 19  ? TYR A 23  ? ASN AAA 19  TYR AAA 23  5 ? 5  
HELX_P HELX_P3 AA3 SER A 24  ? ASN A 37  ? SER AAA 24  ASN AAA 37  1 ? 14 
HELX_P HELX_P4 AA4 PRO A 79  ? SER A 85  ? PRO AAA 79  SER AAA 85  5 ? 7  
HELX_P HELX_P5 AA5 ILE A 88  ? SER A 100 ? ILE AAA 88  SER AAA 100 1 ? 13 
HELX_P HELX_P6 AA6 ASN A 103 ? ALA A 107 ? ASN AAA 103 ALA AAA 107 5 ? 5  
HELX_P HELX_P7 AA7 TRP A 108 ? CYS A 115 ? TRP AAA 108 CYS AAA 115 1 ? 8  
HELX_P HELX_P8 AA8 ASP A 119 ? ARG A 125 ? ASP AAA 119 ARG AAA 125 5 ? 7  
# 
_struct_conf_type.id          HELX_P 
_struct_conf_type.criteria    ? 
_struct_conf_type.reference   ? 
# 
loop_
_struct_conn.id 
_struct_conn.conn_type_id 
_struct_conn.pdbx_leaving_atom_flag 
_struct_conn.pdbx_PDB_id 
_struct_conn.ptnr1_label_asym_id 
_struct_conn.ptnr1_label_comp_id 
_struct_conn.ptnr1_label_seq_id 
_struct_conn.ptnr1_label_atom_id 
_struct_conn.pdbx_ptnr1_label_alt_id 
_struct_conn.pdbx_ptnr1_PDB_ins_code 
_struct_conn.pdbx_ptnr1_standard_comp_id 
_struct_conn.ptnr1_symmetry 
_struct_conn.ptnr2_label_asym_id 
_struct_conn.ptnr2_label_comp_id 
_struct_conn.ptnr2_label_seq_id 
_struct_conn.ptnr2_label_atom_id 
_struct_conn.pdbx_ptnr2_label_alt_id 
_struct_conn.pdbx_ptnr2_PDB_ins_code 
_struct_conn.ptnr1_auth_asym_id 
_struct_conn.ptnr1_auth_comp_id 
_struct_conn.ptnr1_auth_seq_id 
_struct_conn.ptnr2_auth_asym_id 
_struct_conn.ptnr2_auth_comp_id 
_struct_conn.ptnr2_auth_seq_id 
_struct_conn.ptnr2_symmetry 
_struct_conn.pdbx_ptnr3_label_atom_id 
_struct_conn.pdbx_ptnr3_label_seq_id 
_struct_conn.pdbx_ptnr3_label_comp_id 
_struct_conn.pdbx_ptnr3_label_asym_id 
_struct_conn.pdbx_ptnr3_label_alt_id 
_struct_conn.pdbx_ptnr3_PDB_ins_code 
_struct_conn.details 
_struct_conn.pdbx_dist_value 
_struct_conn.pdbx_value_order 
_struct_conn.pdbx_role 
disulf1 disulf ? ? A CYS   6  SG ? ? ? 1_555 A CYS 127 SG ? ? AAA CYS   6   AAA CYS 127 1_555 ? ? ? ? ? ? ? 2.039 ? ? 
disulf2 disulf ? ? A CYS   30 SG ? ? ? 1_555 A CYS 115 SG ? ? AAA CYS   30  AAA CYS 115 1_555 ? ? ? ? ? ? ? 2.003 ? ? 
disulf3 disulf ? ? A CYS   64 SG ? ? ? 1_555 A CYS 80  SG ? ? AAA CYS   64  AAA CYS 80  1_555 ? ? ? ? ? ? ? 2.012 ? ? 
disulf4 disulf ? ? A CYS   76 SG ? ? ? 1_555 A CYS 94  SG ? ? AAA CYS   76  AAA CYS 94  1_555 ? ? ? ? ? ? ? 2.031 ? ? 
metalc1 metalc ? ? A SER   60 O  ? ? ? 1_555 C NA  .   NA ? ? AAA SER   60  AAA NA  202 1_555 ? ? ? ? ? ? ? 2.196 ? ? 
metalc2 metalc ? ? A CYS   64 O  ? ? ? 1_555 C NA  .   NA ? ? AAA CYS   64  AAA NA  202 1_555 ? ? ? ? ? ? ? 2.525 ? ? 
metalc3 metalc ? ? A SER   72 OG ? ? ? 1_555 C NA  .   NA ? ? AAA SER   72  AAA NA  202 1_555 ? ? ? ? ? ? ? 2.465 ? ? 
metalc4 metalc ? ? A ARG   73 O  ? ? ? 1_555 C NA  .   NA ? ? AAA ARG   73  AAA NA  202 1_555 ? ? ? ? ? ? ? 2.385 ? ? 
metalc5 metalc ? ? C NA    .  NA ? ? ? 1_555 J HOH .   O  ? ? AAA NA    202 AAA HOH 349 1_555 ? ? ? ? ? ? ? 2.294 ? ? 
metalc6 metalc ? ? C NA    .  NA ? ? ? 1_555 J HOH .   O  ? ? AAA NA    202 AAA HOH 359 1_555 ? ? ? ? ? ? ? 2.304 ? ? 
metalc7 metalc ? ? G A1IOM .  O6 ? ? ? 1_555 I NA  .   NA ? ? AAA A1IOM 206 AAA NA  208 1_555 ? ? ? ? ? ? ? 2.287 ? ? 
# 
loop_
_struct_conn_type.id 
_struct_conn_type.criteria 
_struct_conn_type.reference 
disulf ? ? 
metalc ? ? 
# 
loop_
_pdbx_struct_conn_angle.id 
_pdbx_struct_conn_angle.ptnr1_label_atom_id 
_pdbx_struct_conn_angle.ptnr1_label_alt_id 
_pdbx_struct_conn_angle.ptnr1_label_asym_id 
_pdbx_struct_conn_angle.ptnr1_label_comp_id 
_pdbx_struct_conn_angle.ptnr1_label_seq_id 
_pdbx_struct_conn_angle.ptnr1_auth_atom_id 
_pdbx_struct_conn_angle.ptnr1_auth_asym_id 
_pdbx_struct_conn_angle.ptnr1_auth_comp_id 
_pdbx_struct_conn_angle.ptnr1_auth_seq_id 
_pdbx_struct_conn_angle.ptnr1_PDB_ins_code 
_pdbx_struct_conn_angle.ptnr1_symmetry 
_pdbx_struct_conn_angle.ptnr2_label_atom_id 
_pdbx_struct_conn_angle.ptnr2_label_alt_id 
_pdbx_struct_conn_angle.ptnr2_label_asym_id 
_pdbx_struct_conn_angle.ptnr2_label_comp_id 
_pdbx_struct_conn_angle.ptnr2_label_seq_id 
_pdbx_struct_conn_angle.ptnr2_auth_atom_id 
_pdbx_struct_conn_angle.ptnr2_auth_asym_id 
_pdbx_struct_conn_angle.ptnr2_auth_comp_id 
_pdbx_struct_conn_angle.ptnr2_auth_seq_id 
_pdbx_struct_conn_angle.ptnr2_PDB_ins_code 
_pdbx_struct_conn_angle.ptnr2_symmetry 
_pdbx_struct_conn_angle.ptnr3_label_atom_id 
_pdbx_struct_conn_angle.ptnr3_label_alt_id 
_pdbx_struct_conn_angle.ptnr3_label_asym_id 
_pdbx_struct_conn_angle.ptnr3_label_comp_id 
_pdbx_struct_conn_angle.ptnr3_label_seq_id 
_pdbx_struct_conn_angle.ptnr3_auth_atom_id 
_pdbx_struct_conn_angle.ptnr3_auth_asym_id 
_pdbx_struct_conn_angle.ptnr3_auth_comp_id 
_pdbx_struct_conn_angle.ptnr3_auth_seq_id 
_pdbx_struct_conn_angle.ptnr3_PDB_ins_code 
_pdbx_struct_conn_angle.ptnr3_symmetry 
_pdbx_struct_conn_angle.value 
_pdbx_struct_conn_angle.value_esd 
1  O  ? A SER 60 ? AAA SER 60  ? 1_555 NA ? C NA . ? AAA NA 202 ? 1_555 O  ? A CYS 64 ? AAA CYS 64  ? 1_555 86.0  ? 
2  O  ? A SER 60 ? AAA SER 60  ? 1_555 NA ? C NA . ? AAA NA 202 ? 1_555 OG ? A SER 72 ? AAA SER 72  ? 1_555 94.8  ? 
3  O  ? A CYS 64 ? AAA CYS 64  ? 1_555 NA ? C NA . ? AAA NA 202 ? 1_555 OG ? A SER 72 ? AAA SER 72  ? 1_555 166.8 ? 
4  O  ? A SER 60 ? AAA SER 60  ? 1_555 NA ? C NA . ? AAA NA 202 ? 1_555 O  ? A ARG 73 ? AAA ARG 73  ? 1_555 96.8  ? 
5  O  ? A CYS 64 ? AAA CYS 64  ? 1_555 NA ? C NA . ? AAA NA 202 ? 1_555 O  ? A ARG 73 ? AAA ARG 73  ? 1_555 91.9  ? 
6  OG ? A SER 72 ? AAA SER 72  ? 1_555 NA ? C NA . ? AAA NA 202 ? 1_555 O  ? A ARG 73 ? AAA ARG 73  ? 1_555 101.1 ? 
7  O  ? A SER 60 ? AAA SER 60  ? 1_555 NA ? C NA . ? AAA NA 202 ? 1_555 O  ? J HOH .  ? AAA HOH 349 ? 1_555 93.7  ? 
8  O  ? A CYS 64 ? AAA CYS 64  ? 1_555 NA ? C NA . ? AAA NA 202 ? 1_555 O  ? J HOH .  ? AAA HOH 349 ? 1_555 82.3  ? 
9  OG ? A SER 72 ? AAA SER 72  ? 1_555 NA ? C NA . ? AAA NA 202 ? 1_555 O  ? J HOH .  ? AAA HOH 349 ? 1_555 84.5  ? 
10 O  ? A ARG 73 ? AAA ARG 73  ? 1_555 NA ? C NA . ? AAA NA 202 ? 1_555 O  ? J HOH .  ? AAA HOH 349 ? 1_555 167.6 ? 
11 O  ? A SER 60 ? AAA SER 60  ? 1_555 NA ? C NA . ? AAA NA 202 ? 1_555 O  ? J HOH .  ? AAA HOH 359 ? 1_555 170.3 ? 
12 O  ? A CYS 64 ? AAA CYS 64  ? 1_555 NA ? C NA . ? AAA NA 202 ? 1_555 O  ? J HOH .  ? AAA HOH 359 ? 1_555 102.3 ? 
13 OG ? A SER 72 ? AAA SER 72  ? 1_555 NA ? C NA . ? AAA NA 202 ? 1_555 O  ? J HOH .  ? AAA HOH 359 ? 1_555 76.0  ? 
14 O  ? A ARG 73 ? AAA ARG 73  ? 1_555 NA ? C NA . ? AAA NA 202 ? 1_555 O  ? J HOH .  ? AAA HOH 359 ? 1_555 88.0  ? 
15 O  ? J HOH .  ? AAA HOH 349 ? 1_555 NA ? C NA . ? AAA NA 202 ? 1_555 O  ? J HOH .  ? AAA HOH 359 ? 1_555 82.6  ? 
# 
loop_
_pdbx_modification_feature.ordinal 
_pdbx_modification_feature.label_comp_id 
_pdbx_modification_feature.label_asym_id 
_pdbx_modification_feature.label_seq_id 
_pdbx_modification_feature.label_alt_id 
_pdbx_modification_feature.modified_residue_label_comp_id 
_pdbx_modification_feature.modified_residue_label_asym_id 
_pdbx_modification_feature.modified_residue_label_seq_id 
_pdbx_modification_feature.modified_residue_label_alt_id 
_pdbx_modification_feature.auth_comp_id 
_pdbx_modification_feature.auth_asym_id 
_pdbx_modification_feature.auth_seq_id 
_pdbx_modification_feature.PDB_ins_code 
_pdbx_modification_feature.symmetry 
_pdbx_modification_feature.modified_residue_auth_comp_id 
_pdbx_modification_feature.modified_residue_auth_asym_id 
_pdbx_modification_feature.modified_residue_auth_seq_id 
_pdbx_modification_feature.modified_residue_PDB_ins_code 
_pdbx_modification_feature.modified_residue_symmetry 
_pdbx_modification_feature.comp_id_linking_atom 
_pdbx_modification_feature.modified_residue_id_linking_atom 
_pdbx_modification_feature.modified_residue_id 
_pdbx_modification_feature.ref_pcm_id 
_pdbx_modification_feature.ref_comp_id 
_pdbx_modification_feature.type 
_pdbx_modification_feature.category 
1 CYS A 6  ? CYS A 127 ? CYS AAA 6  ? 1_555 CYS AAA 127 ? 1_555 SG SG . . . None 'Disulfide bridge' 
2 CYS A 30 ? CYS A 115 ? CYS AAA 30 ? 1_555 CYS AAA 115 ? 1_555 SG SG . . . None 'Disulfide bridge' 
3 CYS A 64 ? CYS A 80  ? CYS AAA 64 ? 1_555 CYS AAA 80  ? 1_555 SG SG . . . None 'Disulfide bridge' 
4 CYS A 76 ? CYS A 94  ? CYS AAA 76 ? 1_555 CYS AAA 94  ? 1_555 SG SG . . . None 'Disulfide bridge' 
# 
_struct_sheet.id               AA1 
_struct_sheet.type             ? 
_struct_sheet.number_strands   3 
_struct_sheet.details          ? 
# 
loop_
_struct_sheet_order.sheet_id 
_struct_sheet_order.range_id_1 
_struct_sheet_order.range_id_2 
_struct_sheet_order.offset 
_struct_sheet_order.sense 
AA1 1 2 ? anti-parallel 
AA1 2 3 ? anti-parallel 
# 
loop_
_struct_sheet_range.sheet_id 
_struct_sheet_range.id 
_struct_sheet_range.beg_label_comp_id 
_struct_sheet_range.beg_label_asym_id 
_struct_sheet_range.beg_label_seq_id 
_struct_sheet_range.pdbx_beg_PDB_ins_code 
_struct_sheet_range.end_label_comp_id 
_struct_sheet_range.end_label_asym_id 
_struct_sheet_range.end_label_seq_id 
_struct_sheet_range.pdbx_end_PDB_ins_code 
_struct_sheet_range.beg_auth_comp_id 
_struct_sheet_range.beg_auth_asym_id 
_struct_sheet_range.beg_auth_seq_id 
_struct_sheet_range.end_auth_comp_id 
_struct_sheet_range.end_auth_asym_id 
_struct_sheet_range.end_auth_seq_id 
AA1 1 THR A 43 ? ARG A 45 ? THR AAA 43 ARG AAA 45 
AA1 2 THR A 51 ? TYR A 53 ? THR AAA 51 TYR AAA 53 
AA1 3 ILE A 58 ? ASN A 59 ? ILE AAA 58 ASN AAA 59 
# 
loop_
_pdbx_struct_sheet_hbond.sheet_id 
_pdbx_struct_sheet_hbond.range_id_1 
_pdbx_struct_sheet_hbond.range_id_2 
_pdbx_struct_sheet_hbond.range_1_label_atom_id 
_pdbx_struct_sheet_hbond.range_1_label_comp_id 
_pdbx_struct_sheet_hbond.range_1_label_asym_id 
_pdbx_struct_sheet_hbond.range_1_label_seq_id 
_pdbx_struct_sheet_hbond.range_1_PDB_ins_code 
_pdbx_struct_sheet_hbond.range_1_auth_atom_id 
_pdbx_struct_sheet_hbond.range_1_auth_comp_id 
_pdbx_struct_sheet_hbond.range_1_auth_asym_id 
_pdbx_struct_sheet_hbond.range_1_auth_seq_id 
_pdbx_struct_sheet_hbond.range_2_label_atom_id 
_pdbx_struct_sheet_hbond.range_2_label_comp_id 
_pdbx_struct_sheet_hbond.range_2_label_asym_id 
_pdbx_struct_sheet_hbond.range_2_label_seq_id 
_pdbx_struct_sheet_hbond.range_2_PDB_ins_code 
_pdbx_struct_sheet_hbond.range_2_auth_atom_id 
_pdbx_struct_sheet_hbond.range_2_auth_comp_id 
_pdbx_struct_sheet_hbond.range_2_auth_asym_id 
_pdbx_struct_sheet_hbond.range_2_auth_seq_id 
AA1 1 2 N ASN A 44 ? N ASN AAA 44 O ASP A 52 ? O ASP AAA 52 
AA1 2 3 N TYR A 53 ? N TYR AAA 53 O ILE A 58 ? O ILE AAA 58 
# 
_pdbx_entry_details.entry_id                   9GOG 
_pdbx_entry_details.has_ligand_of_interest     Y 
_pdbx_entry_details.compound_details           ? 
_pdbx_entry_details.source_details             ? 
_pdbx_entry_details.nonpolymer_details         ? 
_pdbx_entry_details.sequence_details           ? 
_pdbx_entry_details.has_protein_modification   Y 
# 
_pdbx_validate_close_contact.id               1 
_pdbx_validate_close_contact.PDB_model_num    1 
_pdbx_validate_close_contact.auth_atom_id_1   NH2 
_pdbx_validate_close_contact.auth_asym_id_1   AAA 
_pdbx_validate_close_contact.auth_comp_id_1   ARG 
_pdbx_validate_close_contact.auth_seq_id_1    73 
_pdbx_validate_close_contact.PDB_ins_code_1   ? 
_pdbx_validate_close_contact.label_alt_id_1   ? 
_pdbx_validate_close_contact.auth_atom_id_2   O 
_pdbx_validate_close_contact.auth_asym_id_2   AAA 
_pdbx_validate_close_contact.auth_comp_id_2   HOH 
_pdbx_validate_close_contact.auth_seq_id_2    301 
_pdbx_validate_close_contact.PDB_ins_code_2   ? 
_pdbx_validate_close_contact.label_alt_id_2   ? 
_pdbx_validate_close_contact.dist             2.10 
# 
loop_
_pdbx_struct_special_symmetry.id 
_pdbx_struct_special_symmetry.PDB_model_num 
_pdbx_struct_special_symmetry.auth_asym_id 
_pdbx_struct_special_symmetry.auth_comp_id 
_pdbx_struct_special_symmetry.auth_seq_id 
_pdbx_struct_special_symmetry.PDB_ins_code 
_pdbx_struct_special_symmetry.label_asym_id 
_pdbx_struct_special_symmetry.label_comp_id 
_pdbx_struct_special_symmetry.label_seq_id 
1 1 AAA HOH 336 ? J HOH . 
2 1 AAA HOH 337 ? J HOH . 
# 
loop_
_chem_comp_atom.comp_id 
_chem_comp_atom.atom_id 
_chem_comp_atom.type_symbol 
_chem_comp_atom.pdbx_aromatic_flag 
_chem_comp_atom.pdbx_stereo_config 
_chem_comp_atom.pdbx_ordinal 
A1IOM C1   C  Y N 1   
A1IOM N1   N  N N 2   
A1IOM N2   N  N N 3   
A1IOM C2   C  Y N 4   
A1IOM O2   O  N N 5   
A1IOM C3   C  Y N 6   
A1IOM V    V  N N 7   
A1IOM O4   O  N N 8   
A1IOM O5   O  N N 9   
A1IOM O1   O  N N 10  
A1IOM C7   C  N N 11  
A1IOM C6   C  Y N 12  
A1IOM C5   C  Y N 13  
A1IOM C4   C  Y N 14  
A1IOM O3   O  N N 15  
A1IOM C9   C  N N 16  
A1IOM C10  C  N N 17  
A1IOM O6   O  Y N 18  
A1IOM C8   C  N N 19  
A1IOM C11  C  Y N 20  
A1IOM C14  C  Y N 21  
A1IOM C13  C  Y N 22  
A1IOM C12  C  Y N 23  
A1IOM H2   H  N N 24  
A1IOM H3   H  N N 25  
A1IOM H4   H  N N 26  
A1IOM H5   H  N N 27  
A1IOM H6   H  N N 28  
A1IOM H7   H  N N 29  
A1IOM H8   H  N N 30  
A1IOM H9   H  N N 31  
A1IOM H10  H  N N 32  
A1IOM H11  H  N N 33  
A1IOM H12  H  N N 34  
A1IOM H13  H  N N 35  
ACT   C    C  N N 36  
ACT   O    O  N N 37  
ACT   OXT  O  N N 38  
ACT   CH3  C  N N 39  
ACT   H1   H  N N 40  
ACT   H2   H  N N 41  
ACT   H3   H  N N 42  
ALA   N    N  N N 43  
ALA   CA   C  N S 44  
ALA   C    C  N N 45  
ALA   O    O  N N 46  
ALA   CB   C  N N 47  
ALA   OXT  O  N N 48  
ALA   H    H  N N 49  
ALA   H2   H  N N 50  
ALA   HA   H  N N 51  
ALA   HB1  H  N N 52  
ALA   HB2  H  N N 53  
ALA   HB3  H  N N 54  
ALA   HXT  H  N N 55  
ARG   N    N  N N 56  
ARG   CA   C  N S 57  
ARG   C    C  N N 58  
ARG   O    O  N N 59  
ARG   CB   C  N N 60  
ARG   CG   C  N N 61  
ARG   CD   C  N N 62  
ARG   NE   N  N N 63  
ARG   CZ   C  N N 64  
ARG   NH1  N  N N 65  
ARG   NH2  N  N N 66  
ARG   OXT  O  N N 67  
ARG   H    H  N N 68  
ARG   H2   H  N N 69  
ARG   HA   H  N N 70  
ARG   HB2  H  N N 71  
ARG   HB3  H  N N 72  
ARG   HG2  H  N N 73  
ARG   HG3  H  N N 74  
ARG   HD2  H  N N 75  
ARG   HD3  H  N N 76  
ARG   HE   H  N N 77  
ARG   HH11 H  N N 78  
ARG   HH12 H  N N 79  
ARG   HH21 H  N N 80  
ARG   HH22 H  N N 81  
ARG   HXT  H  N N 82  
ASN   N    N  N N 83  
ASN   CA   C  N S 84  
ASN   C    C  N N 85  
ASN   O    O  N N 86  
ASN   CB   C  N N 87  
ASN   CG   C  N N 88  
ASN   OD1  O  N N 89  
ASN   ND2  N  N N 90  
ASN   OXT  O  N N 91  
ASN   H    H  N N 92  
ASN   H2   H  N N 93  
ASN   HA   H  N N 94  
ASN   HB2  H  N N 95  
ASN   HB3  H  N N 96  
ASN   HD21 H  N N 97  
ASN   HD22 H  N N 98  
ASN   HXT  H  N N 99  
ASP   N    N  N N 100 
ASP   CA   C  N S 101 
ASP   C    C  N N 102 
ASP   O    O  N N 103 
ASP   CB   C  N N 104 
ASP   CG   C  N N 105 
ASP   OD1  O  N N 106 
ASP   OD2  O  N N 107 
ASP   OXT  O  N N 108 
ASP   H    H  N N 109 
ASP   H2   H  N N 110 
ASP   HA   H  N N 111 
ASP   HB2  H  N N 112 
ASP   HB3  H  N N 113 
ASP   HD2  H  N N 114 
ASP   HXT  H  N N 115 
CL    CL   CL N N 116 
CYS   N    N  N N 117 
CYS   CA   C  N R 118 
CYS   C    C  N N 119 
CYS   O    O  N N 120 
CYS   CB   C  N N 121 
CYS   SG   S  N N 122 
CYS   OXT  O  N N 123 
CYS   H    H  N N 124 
CYS   H2   H  N N 125 
CYS   HA   H  N N 126 
CYS   HB2  H  N N 127 
CYS   HB3  H  N N 128 
CYS   HG   H  N N 129 
CYS   HXT  H  N N 130 
GLN   N    N  N N 131 
GLN   CA   C  N S 132 
GLN   C    C  N N 133 
GLN   O    O  N N 134 
GLN   CB   C  N N 135 
GLN   CG   C  N N 136 
GLN   CD   C  N N 137 
GLN   OE1  O  N N 138 
GLN   NE2  N  N N 139 
GLN   OXT  O  N N 140 
GLN   H    H  N N 141 
GLN   H2   H  N N 142 
GLN   HA   H  N N 143 
GLN   HB2  H  N N 144 
GLN   HB3  H  N N 145 
GLN   HG2  H  N N 146 
GLN   HG3  H  N N 147 
GLN   HE21 H  N N 148 
GLN   HE22 H  N N 149 
GLN   HXT  H  N N 150 
GLU   N    N  N N 151 
GLU   CA   C  N S 152 
GLU   C    C  N N 153 
GLU   O    O  N N 154 
GLU   CB   C  N N 155 
GLU   CG   C  N N 156 
GLU   CD   C  N N 157 
GLU   OE1  O  N N 158 
GLU   OE2  O  N N 159 
GLU   OXT  O  N N 160 
GLU   H    H  N N 161 
GLU   H2   H  N N 162 
GLU   HA   H  N N 163 
GLU   HB2  H  N N 164 
GLU   HB3  H  N N 165 
GLU   HG2  H  N N 166 
GLU   HG3  H  N N 167 
GLU   HE2  H  N N 168 
GLU   HXT  H  N N 169 
GLY   N    N  N N 170 
GLY   CA   C  N N 171 
GLY   C    C  N N 172 
GLY   O    O  N N 173 
GLY   OXT  O  N N 174 
GLY   H    H  N N 175 
GLY   H2   H  N N 176 
GLY   HA2  H  N N 177 
GLY   HA3  H  N N 178 
GLY   HXT  H  N N 179 
HIS   N    N  N N 180 
HIS   CA   C  N S 181 
HIS   C    C  N N 182 
HIS   O    O  N N 183 
HIS   CB   C  N N 184 
HIS   CG   C  Y N 185 
HIS   ND1  N  Y N 186 
HIS   CD2  C  Y N 187 
HIS   CE1  C  Y N 188 
HIS   NE2  N  Y N 189 
HIS   OXT  O  N N 190 
HIS   H    H  N N 191 
HIS   H2   H  N N 192 
HIS   HA   H  N N 193 
HIS   HB2  H  N N 194 
HIS   HB3  H  N N 195 
HIS   HD1  H  N N 196 
HIS   HD2  H  N N 197 
HIS   HE1  H  N N 198 
HIS   HE2  H  N N 199 
HIS   HXT  H  N N 200 
HOH   O    O  N N 201 
HOH   H1   H  N N 202 
HOH   H2   H  N N 203 
ILE   N    N  N N 204 
ILE   CA   C  N S 205 
ILE   C    C  N N 206 
ILE   O    O  N N 207 
ILE   CB   C  N S 208 
ILE   CG1  C  N N 209 
ILE   CG2  C  N N 210 
ILE   CD1  C  N N 211 
ILE   OXT  O  N N 212 
ILE   H    H  N N 213 
ILE   H2   H  N N 214 
ILE   HA   H  N N 215 
ILE   HB   H  N N 216 
ILE   HG12 H  N N 217 
ILE   HG13 H  N N 218 
ILE   HG21 H  N N 219 
ILE   HG22 H  N N 220 
ILE   HG23 H  N N 221 
ILE   HD11 H  N N 222 
ILE   HD12 H  N N 223 
ILE   HD13 H  N N 224 
ILE   HXT  H  N N 225 
LEU   N    N  N N 226 
LEU   CA   C  N S 227 
LEU   C    C  N N 228 
LEU   O    O  N N 229 
LEU   CB   C  N N 230 
LEU   CG   C  N N 231 
LEU   CD1  C  N N 232 
LEU   CD2  C  N N 233 
LEU   OXT  O  N N 234 
LEU   H    H  N N 235 
LEU   H2   H  N N 236 
LEU   HA   H  N N 237 
LEU   HB2  H  N N 238 
LEU   HB3  H  N N 239 
LEU   HG   H  N N 240 
LEU   HD11 H  N N 241 
LEU   HD12 H  N N 242 
LEU   HD13 H  N N 243 
LEU   HD21 H  N N 244 
LEU   HD22 H  N N 245 
LEU   HD23 H  N N 246 
LEU   HXT  H  N N 247 
LYS   N    N  N N 248 
LYS   CA   C  N S 249 
LYS   C    C  N N 250 
LYS   O    O  N N 251 
LYS   CB   C  N N 252 
LYS   CG   C  N N 253 
LYS   CD   C  N N 254 
LYS   CE   C  N N 255 
LYS   NZ   N  N N 256 
LYS   OXT  O  N N 257 
LYS   H    H  N N 258 
LYS   H2   H  N N 259 
LYS   HA   H  N N 260 
LYS   HB2  H  N N 261 
LYS   HB3  H  N N 262 
LYS   HG2  H  N N 263 
LYS   HG3  H  N N 264 
LYS   HD2  H  N N 265 
LYS   HD3  H  N N 266 
LYS   HE2  H  N N 267 
LYS   HE3  H  N N 268 
LYS   HZ1  H  N N 269 
LYS   HZ2  H  N N 270 
LYS   HZ3  H  N N 271 
LYS   HXT  H  N N 272 
MET   N    N  N N 273 
MET   CA   C  N S 274 
MET   C    C  N N 275 
MET   O    O  N N 276 
MET   CB   C  N N 277 
MET   CG   C  N N 278 
MET   SD   S  N N 279 
MET   CE   C  N N 280 
MET   OXT  O  N N 281 
MET   H    H  N N 282 
MET   H2   H  N N 283 
MET   HA   H  N N 284 
MET   HB2  H  N N 285 
MET   HB3  H  N N 286 
MET   HG2  H  N N 287 
MET   HG3  H  N N 288 
MET   HE1  H  N N 289 
MET   HE2  H  N N 290 
MET   HE3  H  N N 291 
MET   HXT  H  N N 292 
NA    NA   NA N N 293 
PHE   N    N  N N 294 
PHE   CA   C  N S 295 
PHE   C    C  N N 296 
PHE   O    O  N N 297 
PHE   CB   C  N N 298 
PHE   CG   C  Y N 299 
PHE   CD1  C  Y N 300 
PHE   CD2  C  Y N 301 
PHE   CE1  C  Y N 302 
PHE   CE2  C  Y N 303 
PHE   CZ   C  Y N 304 
PHE   OXT  O  N N 305 
PHE   H    H  N N 306 
PHE   H2   H  N N 307 
PHE   HA   H  N N 308 
PHE   HB2  H  N N 309 
PHE   HB3  H  N N 310 
PHE   HD1  H  N N 311 
PHE   HD2  H  N N 312 
PHE   HE1  H  N N 313 
PHE   HE2  H  N N 314 
PHE   HZ   H  N N 315 
PHE   HXT  H  N N 316 
PRO   N    N  N N 317 
PRO   CA   C  N S 318 
PRO   C    C  N N 319 
PRO   O    O  N N 320 
PRO   CB   C  N N 321 
PRO   CG   C  N N 322 
PRO   CD   C  N N 323 
PRO   OXT  O  N N 324 
PRO   H    H  N N 325 
PRO   HA   H  N N 326 
PRO   HB2  H  N N 327 
PRO   HB3  H  N N 328 
PRO   HG2  H  N N 329 
PRO   HG3  H  N N 330 
PRO   HD2  H  N N 331 
PRO   HD3  H  N N 332 
PRO   HXT  H  N N 333 
SER   N    N  N N 334 
SER   CA   C  N S 335 
SER   C    C  N N 336 
SER   O    O  N N 337 
SER   CB   C  N N 338 
SER   OG   O  N N 339 
SER   OXT  O  N N 340 
SER   H    H  N N 341 
SER   H2   H  N N 342 
SER   HA   H  N N 343 
SER   HB2  H  N N 344 
SER   HB3  H  N N 345 
SER   HG   H  N N 346 
SER   HXT  H  N N 347 
THR   N    N  N N 348 
THR   CA   C  N S 349 
THR   C    C  N N 350 
THR   O    O  N N 351 
THR   CB   C  N R 352 
THR   OG1  O  N N 353 
THR   CG2  C  N N 354 
THR   OXT  O  N N 355 
THR   H    H  N N 356 
THR   H2   H  N N 357 
THR   HA   H  N N 358 
THR   HB   H  N N 359 
THR   HG1  H  N N 360 
THR   HG21 H  N N 361 
THR   HG22 H  N N 362 
THR   HG23 H  N N 363 
THR   HXT  H  N N 364 
TRP   N    N  N N 365 
TRP   CA   C  N S 366 
TRP   C    C  N N 367 
TRP   O    O  N N 368 
TRP   CB   C  N N 369 
TRP   CG   C  Y N 370 
TRP   CD1  C  Y N 371 
TRP   CD2  C  Y N 372 
TRP   NE1  N  Y N 373 
TRP   CE2  C  Y N 374 
TRP   CE3  C  Y N 375 
TRP   CZ2  C  Y N 376 
TRP   CZ3  C  Y N 377 
TRP   CH2  C  Y N 378 
TRP   OXT  O  N N 379 
TRP   H    H  N N 380 
TRP   H2   H  N N 381 
TRP   HA   H  N N 382 
TRP   HB2  H  N N 383 
TRP   HB3  H  N N 384 
TRP   HD1  H  N N 385 
TRP   HE1  H  N N 386 
TRP   HE3  H  N N 387 
TRP   HZ2  H  N N 388 
TRP   HZ3  H  N N 389 
TRP   HH2  H  N N 390 
TRP   HXT  H  N N 391 
TYR   N    N  N N 392 
TYR   CA   C  N S 393 
TYR   C    C  N N 394 
TYR   O    O  N N 395 
TYR   CB   C  N N 396 
TYR   CG   C  Y N 397 
TYR   CD1  C  Y N 398 
TYR   CD2  C  Y N 399 
TYR   CE1  C  Y N 400 
TYR   CE2  C  Y N 401 
TYR   CZ   C  Y N 402 
TYR   OH   O  N N 403 
TYR   OXT  O  N N 404 
TYR   H    H  N N 405 
TYR   H2   H  N N 406 
TYR   HA   H  N N 407 
TYR   HB2  H  N N 408 
TYR   HB3  H  N N 409 
TYR   HD1  H  N N 410 
TYR   HD2  H  N N 411 
TYR   HE1  H  N N 412 
TYR   HE2  H  N N 413 
TYR   HH   H  N N 414 
TYR   HXT  H  N N 415 
VAL   N    N  N N 416 
VAL   CA   C  N S 417 
VAL   C    C  N N 418 
VAL   O    O  N N 419 
VAL   CB   C  N N 420 
VAL   CG1  C  N N 421 
VAL   CG2  C  N N 422 
VAL   OXT  O  N N 423 
VAL   H    H  N N 424 
VAL   H2   H  N N 425 
VAL   HA   H  N N 426 
VAL   HB   H  N N 427 
VAL   HG11 H  N N 428 
VAL   HG12 H  N N 429 
VAL   HG13 H  N N 430 
VAL   HG21 H  N N 431 
VAL   HG22 H  N N 432 
VAL   HG23 H  N N 433 
VAL   HXT  H  N N 434 
VVB   V5   V  N N 435 
VVB   O12  O  N N 436 
VVB   O13  O  N N 437 
VVB   H1   H  N N 438 
VVB   H2   H  N N 439 
# 
loop_
_chem_comp_bond.comp_id 
_chem_comp_bond.atom_id_1 
_chem_comp_bond.atom_id_2 
_chem_comp_bond.value_order 
_chem_comp_bond.pdbx_aromatic_flag 
_chem_comp_bond.pdbx_stereo_config 
_chem_comp_bond.pdbx_ordinal 
A1IOM V   O5   doub N N 1   
A1IOM V   O4   doub N N 2   
A1IOM V   O1   sing N N 3   
A1IOM V   O2   sing N N 4   
A1IOM V   N1   sing N N 5   
A1IOM N1  C7   doub N N 6   
A1IOM C7  C2   sing N N 7   
A1IOM C1  C2   doub Y N 8   
A1IOM C2  C3   sing Y N 9   
A1IOM C4  C3   doub Y N 10  
A1IOM C4  C5   sing Y N 11  
A1IOM C5  C6   doub Y N 12  
A1IOM C6  C1   sing Y N 13  
A1IOM O1  C1   sing N N 14  
A1IOM O3  C6   sing N N 15  
A1IOM O3  C9   sing N N 16  
A1IOM C9  C10  sing N N 17  
A1IOM N2  N1   sing N N 18  
A1IOM N2  C8   doub N N 19  
A1IOM O2  C8   sing N N 20  
A1IOM C8  C11  sing N N 21  
A1IOM O6  C11  sing Y N 22  
A1IOM O6  C12  sing Y N 23  
A1IOM C13 C12  doub Y N 24  
A1IOM C14 C13  sing Y N 25  
A1IOM C14 C11  doub Y N 26  
A1IOM C3  H2   sing N N 27  
A1IOM C7  H3   sing N N 28  
A1IOM C5  H4   sing N N 29  
A1IOM C4  H5   sing N N 30  
A1IOM C9  H6   sing N N 31  
A1IOM C9  H7   sing N N 32  
A1IOM C10 H8   sing N N 33  
A1IOM C10 H9   sing N N 34  
A1IOM C10 H10  sing N N 35  
A1IOM C14 H11  sing N N 36  
A1IOM C13 H12  sing N N 37  
A1IOM C12 H13  sing N N 38  
ACT   C   O    doub N N 39  
ACT   C   OXT  sing N N 40  
ACT   C   CH3  sing N N 41  
ACT   CH3 H1   sing N N 42  
ACT   CH3 H2   sing N N 43  
ACT   CH3 H3   sing N N 44  
ALA   N   CA   sing N N 45  
ALA   N   H    sing N N 46  
ALA   N   H2   sing N N 47  
ALA   CA  C    sing N N 48  
ALA   CA  CB   sing N N 49  
ALA   CA  HA   sing N N 50  
ALA   C   O    doub N N 51  
ALA   C   OXT  sing N N 52  
ALA   CB  HB1  sing N N 53  
ALA   CB  HB2  sing N N 54  
ALA   CB  HB3  sing N N 55  
ALA   OXT HXT  sing N N 56  
ARG   N   CA   sing N N 57  
ARG   N   H    sing N N 58  
ARG   N   H2   sing N N 59  
ARG   CA  C    sing N N 60  
ARG   CA  CB   sing N N 61  
ARG   CA  HA   sing N N 62  
ARG   C   O    doub N N 63  
ARG   C   OXT  sing N N 64  
ARG   CB  CG   sing N N 65  
ARG   CB  HB2  sing N N 66  
ARG   CB  HB3  sing N N 67  
ARG   CG  CD   sing N N 68  
ARG   CG  HG2  sing N N 69  
ARG   CG  HG3  sing N N 70  
ARG   CD  NE   sing N N 71  
ARG   CD  HD2  sing N N 72  
ARG   CD  HD3  sing N N 73  
ARG   NE  CZ   sing N N 74  
ARG   NE  HE   sing N N 75  
ARG   CZ  NH1  sing N N 76  
ARG   CZ  NH2  doub N N 77  
ARG   NH1 HH11 sing N N 78  
ARG   NH1 HH12 sing N N 79  
ARG   NH2 HH21 sing N N 80  
ARG   NH2 HH22 sing N N 81  
ARG   OXT HXT  sing N N 82  
ASN   N   CA   sing N N 83  
ASN   N   H    sing N N 84  
ASN   N   H2   sing N N 85  
ASN   CA  C    sing N N 86  
ASN   CA  CB   sing N N 87  
ASN   CA  HA   sing N N 88  
ASN   C   O    doub N N 89  
ASN   C   OXT  sing N N 90  
ASN   CB  CG   sing N N 91  
ASN   CB  HB2  sing N N 92  
ASN   CB  HB3  sing N N 93  
ASN   CG  OD1  doub N N 94  
ASN   CG  ND2  sing N N 95  
ASN   ND2 HD21 sing N N 96  
ASN   ND2 HD22 sing N N 97  
ASN   OXT HXT  sing N N 98  
ASP   N   CA   sing N N 99  
ASP   N   H    sing N N 100 
ASP   N   H2   sing N N 101 
ASP   CA  C    sing N N 102 
ASP   CA  CB   sing N N 103 
ASP   CA  HA   sing N N 104 
ASP   C   O    doub N N 105 
ASP   C   OXT  sing N N 106 
ASP   CB  CG   sing N N 107 
ASP   CB  HB2  sing N N 108 
ASP   CB  HB3  sing N N 109 
ASP   CG  OD1  doub N N 110 
ASP   CG  OD2  sing N N 111 
ASP   OD2 HD2  sing N N 112 
ASP   OXT HXT  sing N N 113 
CYS   N   CA   sing N N 114 
CYS   N   H    sing N N 115 
CYS   N   H2   sing N N 116 
CYS   CA  C    sing N N 117 
CYS   CA  CB   sing N N 118 
CYS   CA  HA   sing N N 119 
CYS   C   O    doub N N 120 
CYS   C   OXT  sing N N 121 
CYS   CB  SG   sing N N 122 
CYS   CB  HB2  sing N N 123 
CYS   CB  HB3  sing N N 124 
CYS   SG  HG   sing N N 125 
CYS   OXT HXT  sing N N 126 
GLN   N   CA   sing N N 127 
GLN   N   H    sing N N 128 
GLN   N   H2   sing N N 129 
GLN   CA  C    sing N N 130 
GLN   CA  CB   sing N N 131 
GLN   CA  HA   sing N N 132 
GLN   C   O    doub N N 133 
GLN   C   OXT  sing N N 134 
GLN   CB  CG   sing N N 135 
GLN   CB  HB2  sing N N 136 
GLN   CB  HB3  sing N N 137 
GLN   CG  CD   sing N N 138 
GLN   CG  HG2  sing N N 139 
GLN   CG  HG3  sing N N 140 
GLN   CD  OE1  doub N N 141 
GLN   CD  NE2  sing N N 142 
GLN   NE2 HE21 sing N N 143 
GLN   NE2 HE22 sing N N 144 
GLN   OXT HXT  sing N N 145 
GLU   N   CA   sing N N 146 
GLU   N   H    sing N N 147 
GLU   N   H2   sing N N 148 
GLU   CA  C    sing N N 149 
GLU   CA  CB   sing N N 150 
GLU   CA  HA   sing N N 151 
GLU   C   O    doub N N 152 
GLU   C   OXT  sing N N 153 
GLU   CB  CG   sing N N 154 
GLU   CB  HB2  sing N N 155 
GLU   CB  HB3  sing N N 156 
GLU   CG  CD   sing N N 157 
GLU   CG  HG2  sing N N 158 
GLU   CG  HG3  sing N N 159 
GLU   CD  OE1  doub N N 160 
GLU   CD  OE2  sing N N 161 
GLU   OE2 HE2  sing N N 162 
GLU   OXT HXT  sing N N 163 
GLY   N   CA   sing N N 164 
GLY   N   H    sing N N 165 
GLY   N   H2   sing N N 166 
GLY   CA  C    sing N N 167 
GLY   CA  HA2  sing N N 168 
GLY   CA  HA3  sing N N 169 
GLY   C   O    doub N N 170 
GLY   C   OXT  sing N N 171 
GLY   OXT HXT  sing N N 172 
HIS   N   CA   sing N N 173 
HIS   N   H    sing N N 174 
HIS   N   H2   sing N N 175 
HIS   CA  C    sing N N 176 
HIS   CA  CB   sing N N 177 
HIS   CA  HA   sing N N 178 
HIS   C   O    doub N N 179 
HIS   C   OXT  sing N N 180 
HIS   CB  CG   sing N N 181 
HIS   CB  HB2  sing N N 182 
HIS   CB  HB3  sing N N 183 
HIS   CG  ND1  sing Y N 184 
HIS   CG  CD2  doub Y N 185 
HIS   ND1 CE1  doub Y N 186 
HIS   ND1 HD1  sing N N 187 
HIS   CD2 NE2  sing Y N 188 
HIS   CD2 HD2  sing N N 189 
HIS   CE1 NE2  sing Y N 190 
HIS   CE1 HE1  sing N N 191 
HIS   NE2 HE2  sing N N 192 
HIS   OXT HXT  sing N N 193 
HOH   O   H1   sing N N 194 
HOH   O   H2   sing N N 195 
ILE   N   CA   sing N N 196 
ILE   N   H    sing N N 197 
ILE   N   H2   sing N N 198 
ILE   CA  C    sing N N 199 
ILE   CA  CB   sing N N 200 
ILE   CA  HA   sing N N 201 
ILE   C   O    doub N N 202 
ILE   C   OXT  sing N N 203 
ILE   CB  CG1  sing N N 204 
ILE   CB  CG2  sing N N 205 
ILE   CB  HB   sing N N 206 
ILE   CG1 CD1  sing N N 207 
ILE   CG1 HG12 sing N N 208 
ILE   CG1 HG13 sing N N 209 
ILE   CG2 HG21 sing N N 210 
ILE   CG2 HG22 sing N N 211 
ILE   CG2 HG23 sing N N 212 
ILE   CD1 HD11 sing N N 213 
ILE   CD1 HD12 sing N N 214 
ILE   CD1 HD13 sing N N 215 
ILE   OXT HXT  sing N N 216 
LEU   N   CA   sing N N 217 
LEU   N   H    sing N N 218 
LEU   N   H2   sing N N 219 
LEU   CA  C    sing N N 220 
LEU   CA  CB   sing N N 221 
LEU   CA  HA   sing N N 222 
LEU   C   O    doub N N 223 
LEU   C   OXT  sing N N 224 
LEU   CB  CG   sing N N 225 
LEU   CB  HB2  sing N N 226 
LEU   CB  HB3  sing N N 227 
LEU   CG  CD1  sing N N 228 
LEU   CG  CD2  sing N N 229 
LEU   CG  HG   sing N N 230 
LEU   CD1 HD11 sing N N 231 
LEU   CD1 HD12 sing N N 232 
LEU   CD1 HD13 sing N N 233 
LEU   CD2 HD21 sing N N 234 
LEU   CD2 HD22 sing N N 235 
LEU   CD2 HD23 sing N N 236 
LEU   OXT HXT  sing N N 237 
LYS   N   CA   sing N N 238 
LYS   N   H    sing N N 239 
LYS   N   H2   sing N N 240 
LYS   CA  C    sing N N 241 
LYS   CA  CB   sing N N 242 
LYS   CA  HA   sing N N 243 
LYS   C   O    doub N N 244 
LYS   C   OXT  sing N N 245 
LYS   CB  CG   sing N N 246 
LYS   CB  HB2  sing N N 247 
LYS   CB  HB3  sing N N 248 
LYS   CG  CD   sing N N 249 
LYS   CG  HG2  sing N N 250 
LYS   CG  HG3  sing N N 251 
LYS   CD  CE   sing N N 252 
LYS   CD  HD2  sing N N 253 
LYS   CD  HD3  sing N N 254 
LYS   CE  NZ   sing N N 255 
LYS   CE  HE2  sing N N 256 
LYS   CE  HE3  sing N N 257 
LYS   NZ  HZ1  sing N N 258 
LYS   NZ  HZ2  sing N N 259 
LYS   NZ  HZ3  sing N N 260 
LYS   OXT HXT  sing N N 261 
MET   N   CA   sing N N 262 
MET   N   H    sing N N 263 
MET   N   H2   sing N N 264 
MET   CA  C    sing N N 265 
MET   CA  CB   sing N N 266 
MET   CA  HA   sing N N 267 
MET   C   O    doub N N 268 
MET   C   OXT  sing N N 269 
MET   CB  CG   sing N N 270 
MET   CB  HB2  sing N N 271 
MET   CB  HB3  sing N N 272 
MET   CG  SD   sing N N 273 
MET   CG  HG2  sing N N 274 
MET   CG  HG3  sing N N 275 
MET   SD  CE   sing N N 276 
MET   CE  HE1  sing N N 277 
MET   CE  HE2  sing N N 278 
MET   CE  HE3  sing N N 279 
MET   OXT HXT  sing N N 280 
PHE   N   CA   sing N N 281 
PHE   N   H    sing N N 282 
PHE   N   H2   sing N N 283 
PHE   CA  C    sing N N 284 
PHE   CA  CB   sing N N 285 
PHE   CA  HA   sing N N 286 
PHE   C   O    doub N N 287 
PHE   C   OXT  sing N N 288 
PHE   CB  CG   sing N N 289 
PHE   CB  HB2  sing N N 290 
PHE   CB  HB3  sing N N 291 
PHE   CG  CD1  doub Y N 292 
PHE   CG  CD2  sing Y N 293 
PHE   CD1 CE1  sing Y N 294 
PHE   CD1 HD1  sing N N 295 
PHE   CD2 CE2  doub Y N 296 
PHE   CD2 HD2  sing N N 297 
PHE   CE1 CZ   doub Y N 298 
PHE   CE1 HE1  sing N N 299 
PHE   CE2 CZ   sing Y N 300 
PHE   CE2 HE2  sing N N 301 
PHE   CZ  HZ   sing N N 302 
PHE   OXT HXT  sing N N 303 
PRO   N   CA   sing N N 304 
PRO   N   CD   sing N N 305 
PRO   N   H    sing N N 306 
PRO   CA  C    sing N N 307 
PRO   CA  CB   sing N N 308 
PRO   CA  HA   sing N N 309 
PRO   C   O    doub N N 310 
PRO   C   OXT  sing N N 311 
PRO   CB  CG   sing N N 312 
PRO   CB  HB2  sing N N 313 
PRO   CB  HB3  sing N N 314 
PRO   CG  CD   sing N N 315 
PRO   CG  HG2  sing N N 316 
PRO   CG  HG3  sing N N 317 
PRO   CD  HD2  sing N N 318 
PRO   CD  HD3  sing N N 319 
PRO   OXT HXT  sing N N 320 
SER   N   CA   sing N N 321 
SER   N   H    sing N N 322 
SER   N   H2   sing N N 323 
SER   CA  C    sing N N 324 
SER   CA  CB   sing N N 325 
SER   CA  HA   sing N N 326 
SER   C   O    doub N N 327 
SER   C   OXT  sing N N 328 
SER   CB  OG   sing N N 329 
SER   CB  HB2  sing N N 330 
SER   CB  HB3  sing N N 331 
SER   OG  HG   sing N N 332 
SER   OXT HXT  sing N N 333 
THR   N   CA   sing N N 334 
THR   N   H    sing N N 335 
THR   N   H2   sing N N 336 
THR   CA  C    sing N N 337 
THR   CA  CB   sing N N 338 
THR   CA  HA   sing N N 339 
THR   C   O    doub N N 340 
THR   C   OXT  sing N N 341 
THR   CB  OG1  sing N N 342 
THR   CB  CG2  sing N N 343 
THR   CB  HB   sing N N 344 
THR   OG1 HG1  sing N N 345 
THR   CG2 HG21 sing N N 346 
THR   CG2 HG22 sing N N 347 
THR   CG2 HG23 sing N N 348 
THR   OXT HXT  sing N N 349 
TRP   N   CA   sing N N 350 
TRP   N   H    sing N N 351 
TRP   N   H2   sing N N 352 
TRP   CA  C    sing N N 353 
TRP   CA  CB   sing N N 354 
TRP   CA  HA   sing N N 355 
TRP   C   O    doub N N 356 
TRP   C   OXT  sing N N 357 
TRP   CB  CG   sing N N 358 
TRP   CB  HB2  sing N N 359 
TRP   CB  HB3  sing N N 360 
TRP   CG  CD1  doub Y N 361 
TRP   CG  CD2  sing Y N 362 
TRP   CD1 NE1  sing Y N 363 
TRP   CD1 HD1  sing N N 364 
TRP   CD2 CE2  doub Y N 365 
TRP   CD2 CE3  sing Y N 366 
TRP   NE1 CE2  sing Y N 367 
TRP   NE1 HE1  sing N N 368 
TRP   CE2 CZ2  sing Y N 369 
TRP   CE3 CZ3  doub Y N 370 
TRP   CE3 HE3  sing N N 371 
TRP   CZ2 CH2  doub Y N 372 
TRP   CZ2 HZ2  sing N N 373 
TRP   CZ3 CH2  sing Y N 374 
TRP   CZ3 HZ3  sing N N 375 
TRP   CH2 HH2  sing N N 376 
TRP   OXT HXT  sing N N 377 
TYR   N   CA   sing N N 378 
TYR   N   H    sing N N 379 
TYR   N   H2   sing N N 380 
TYR   CA  C    sing N N 381 
TYR   CA  CB   sing N N 382 
TYR   CA  HA   sing N N 383 
TYR   C   O    doub N N 384 
TYR   C   OXT  sing N N 385 
TYR   CB  CG   sing N N 386 
TYR   CB  HB2  sing N N 387 
TYR   CB  HB3  sing N N 388 
TYR   CG  CD1  doub Y N 389 
TYR   CG  CD2  sing Y N 390 
TYR   CD1 CE1  sing Y N 391 
TYR   CD1 HD1  sing N N 392 
TYR   CD2 CE2  doub Y N 393 
TYR   CD2 HD2  sing N N 394 
TYR   CE1 CZ   doub Y N 395 
TYR   CE1 HE1  sing N N 396 
TYR   CE2 CZ   sing Y N 397 
TYR   CE2 HE2  sing N N 398 
TYR   CZ  OH   sing N N 399 
TYR   OH  HH   sing N N 400 
TYR   OXT HXT  sing N N 401 
VAL   N   CA   sing N N 402 
VAL   N   H    sing N N 403 
VAL   N   H2   sing N N 404 
VAL   CA  C    sing N N 405 
VAL   CA  CB   sing N N 406 
VAL   CA  HA   sing N N 407 
VAL   C   O    doub N N 408 
VAL   C   OXT  sing N N 409 
VAL   CB  CG1  sing N N 410 
VAL   CB  CG2  sing N N 411 
VAL   CB  HB   sing N N 412 
VAL   CG1 HG11 sing N N 413 
VAL   CG1 HG12 sing N N 414 
VAL   CG1 HG13 sing N N 415 
VAL   CG2 HG21 sing N N 416 
VAL   CG2 HG22 sing N N 417 
VAL   CG2 HG23 sing N N 418 
VAL   OXT HXT  sing N N 419 
VVB   V5  O12  sing N N 420 
VVB   V5  O13  sing N N 421 
VVB   O12 H1   sing N N 422 
VVB   O13 H2   sing N N 423 
# 
loop_
_pdbx_audit_support.funding_organization 
_pdbx_audit_support.country 
_pdbx_audit_support.grant_number 
_pdbx_audit_support.ordinal 
'Ministero dell Universita e della Ricerca'          Italy 2022JMFC3X           1 
'Council of Scientific & Industrial Research (CSIR)' India '01(3073)/21/EMR-II' 2 
'Science and Engineering Research Board (SERB)'      India CRG/2023/000884      3 
# 
_pdbx_initial_refinement_model.id               1 
_pdbx_initial_refinement_model.entity_id_list   ? 
_pdbx_initial_refinement_model.type             'experimental model' 
_pdbx_initial_refinement_model.source_name      PDB 
_pdbx_initial_refinement_model.accession_code   193L 
_pdbx_initial_refinement_model.details          ? 
# 
_atom_sites.entry_id                    9GOG 
_atom_sites.Cartn_transf_matrix[1][1]   ? 
_atom_sites.Cartn_transf_matrix[1][2]   ? 
_atom_sites.Cartn_transf_matrix[1][3]   ? 
_atom_sites.Cartn_transf_matrix[2][1]   ? 
_atom_sites.Cartn_transf_matrix[2][2]   ? 
_atom_sites.Cartn_transf_matrix[2][3]   ? 
_atom_sites.Cartn_transf_matrix[3][1]   ? 
_atom_sites.Cartn_transf_matrix[3][2]   ? 
_atom_sites.Cartn_transf_matrix[3][3]   ? 
_atom_sites.Cartn_transf_vector[1]      ? 
_atom_sites.Cartn_transf_vector[2]      ? 
_atom_sites.Cartn_transf_vector[3]      ? 
_atom_sites.Cartn_transform_axes        ? 
_atom_sites.fract_transf_matrix[1][1]   -0.01104122 
_atom_sites.fract_transf_matrix[1][2]   -0.00349654 
_atom_sites.fract_transf_matrix[1][3]   0.00593328 
_atom_sites.fract_transf_matrix[2][1]   0.00293364 
_atom_sites.fract_transf_matrix[2][2]   -0.01253095 
_atom_sites.fract_transf_matrix[2][3]   -0.00192541 
_atom_sites.fract_transf_matrix[3][1]   0.01299748 
_atom_sites.fract_transf_matrix[3][2]   -0.00061760 
_atom_sites.fract_transf_matrix[3][3]   0.02382299 
_atom_sites.fract_transf_vector[1]      0.019083 
_atom_sites.fract_transf_vector[2]      -0.253234 
_atom_sites.fract_transf_vector[3]      0.021590 
_atom_sites.solution_primary            ? 
_atom_sites.solution_secondary          ? 
_atom_sites.solution_hydrogens          ? 
_atom_sites.special_details             ? 
# 
loop_
_atom_type.symbol 
_atom_type.pdbx_scat_Z 
_atom_type.pdbx_N_electrons 
_atom_type.scat_Cromer_Mann_a1 
_atom_type.scat_Cromer_Mann_b1 
_atom_type.scat_Cromer_Mann_a2 
_atom_type.scat_Cromer_Mann_b2 
_atom_type.scat_Cromer_Mann_a3 
_atom_type.scat_Cromer_Mann_b3 
_atom_type.scat_Cromer_Mann_a4 
_atom_type.scat_Cromer_Mann_b4 
_atom_type.scat_Cromer_Mann_c 
C  6  6  2.310  20.844 1.020 10.208 1.589 0.569  0.865 51.651  0.216   
CL 17 17 11.460 0.010  7.196 1.166  6.255 18.519 1.645 47.778  -9.375  
H  1  1  0.493  10.511 0.323 26.126 0.140 3.142  0.041 57.800  0.003   
N  7  7  12.222 0.006  3.135 9.893  2.014 28.997 1.167 0.583   -11.538 
NA 11 11 4.766  3.285  3.176 8.842  1.268 0.314  1.114 129.424 0.722   
O  8  8  3.049  13.277 2.287 5.701  1.546 0.324  0.867 32.909  0.251   
S  16 16 6.905  1.468  5.203 22.215 1.438 0.254  1.586 56.172  1.022   
V  23 23 10.299 6.866  7.353 0.438  2.071 26.894 2.058 102.478 1.535   
# 
loop_
_atom_site.group_PDB 
_atom_site.id 
_atom_site.type_symbol 
_atom_site.label_atom_id 
_atom_site.label_alt_id 
_atom_site.label_comp_id 
_atom_site.label_asym_id 
_atom_site.label_entity_id 
_atom_site.label_seq_id 
_atom_site.pdbx_PDB_ins_code 
_atom_site.Cartn_x 
_atom_site.Cartn_y 
_atom_site.Cartn_z 
_atom_site.occupancy 
_atom_site.B_iso_or_equiv 
_atom_site.pdbx_formal_charge 
_atom_site.auth_seq_id 
_atom_site.auth_comp_id 
_atom_site.auth_asym_id 
_atom_site.auth_atom_id 
_atom_site.pdbx_PDB_model_num 
_atom_site.calc_flag 
ATOM   1    N  N   . LYS   A 1 1   ? 0.677   -8.521  -11.475 1.000 22.972 0 1   LYS   AAA N   1 ? 
ATOM   2    C  CA  . LYS   A 1 1   ? -0.732  -8.318  -11.890 1.000 25.169 0 1   LYS   AAA CA  1 ? 
ATOM   3    C  C   . LYS   A 1 1   ? -0.996  -6.819  -11.930 1.000 23.395 0 1   LYS   AAA C   1 ? 
ATOM   4    O  O   . LYS   A 1 1   ? -0.657  -6.122  -10.953 1.000 20.472 0 1   LYS   AAA O   1 ? 
ATOM   5    C  CB  . LYS   A 1 1   ? -1.685  -9.017  -10.921 1.000 25.658 0 1   LYS   AAA CB  1 ? 
ATOM   6    C  CG  . LYS   A 1 1   ? -3.162  -8.755  -11.165 1.000 26.021 0 1   LYS   AAA CG  1 ? 
ATOM   7    C  CD  A LYS   A 1 1   ? -4.095  -9.583  -10.333 0.450 27.081 0 1   LYS   AAA CD  1 ? 
ATOM   8    C  CD  B LYS   A 1 1   ? -4.023  -9.645  -10.289 0.550 27.611 0 1   LYS   AAA CD  1 ? 
ATOM   9    C  CE  A LYS   A 1 1   ? -5.523  -9.108  -10.509 0.450 28.275 0 1   LYS   AAA CE  1 ? 
ATOM   10   C  CE  B LYS   A 1 1   ? -5.478  -9.230  -10.212 0.550 29.170 0 1   LYS   AAA CE  1 ? 
ATOM   11   N  NZ  A LYS   A 1 1   ? -6.489  -9.901  -9.717  0.450 26.697 0 1   LYS   AAA NZ  1 ? 
ATOM   12   N  NZ  B LYS   A 1 1   ? -6.148  -9.334  -11.530 0.550 29.305 0 1   LYS   AAA NZ  1 ? 
ATOM   13   N  N   . VAL   A 1 2   ? -1.626  -6.318  -12.970 1.000 23.283 0 2   VAL   AAA N   1 ? 
ATOM   14   C  CA  . VAL   A 1 2   ? -2.057  -4.898  -13.007 1.000 23.164 0 2   VAL   AAA CA  1 ? 
ATOM   15   C  C   . VAL   A 1 2   ? -3.554  -4.890  -12.786 1.000 22.327 0 2   VAL   AAA C   1 ? 
ATOM   16   O  O   . VAL   A 1 2   ? -4.281  -5.388  -13.655 1.000 24.863 0 2   VAL   AAA O   1 ? 
ATOM   17   C  CB  . VAL   A 1 2   ? -1.667  -4.166  -14.292 1.000 25.511 0 2   VAL   AAA CB  1 ? 
ATOM   18   C  CG1 . VAL   A 1 2   ? -2.132  -2.720  -14.262 1.000 27.030 0 2   VAL   AAA CG1 1 ? 
ATOM   19   C  CG2 . VAL   A 1 2   ? -0.176  -4.219  -14.530 1.000 25.811 0 2   VAL   AAA CG2 1 ? 
ATOM   20   N  N   . PHE   A 1 3   ? -3.971  -4.448  -11.610 1.000 21.992 0 3   PHE   AAA N   1 ? 
ATOM   21   C  CA  . PHE   A 1 3   ? -5.400  -4.313  -11.264 1.000 22.116 0 3   PHE   AAA CA  1 ? 
ATOM   22   C  C   . PHE   A 1 3   ? -6.052  -3.136  -11.979 1.000 21.879 0 3   PHE   AAA C   1 ? 
ATOM   23   O  O   . PHE   A 1 3   ? -5.477  -2.099  -12.309 1.000 23.909 0 3   PHE   AAA O   1 ? 
ATOM   24   C  CB  . PHE   A 1 3   ? -5.569  -4.078  -9.773  1.000 21.121 0 3   PHE   AAA CB  1 ? 
ATOM   25   C  CG  . PHE   A 1 3   ? -5.461  -5.278  -8.893  1.000 22.241 0 3   PHE   AAA CG  1 ? 
ATOM   26   C  CD1 . PHE   A 1 3   ? -4.228  -5.794  -8.491  1.000 23.100 0 3   PHE   AAA CD1 1 ? 
ATOM   27   C  CD2 . PHE   A 1 3   ? -6.598  -5.873  -8.378  1.000 23.436 0 3   PHE   AAA CD2 1 ? 
ATOM   28   C  CE1 . PHE   A 1 3   ? -4.148  -6.877  -7.647  1.000 23.079 0 3   PHE   AAA CE1 1 ? 
ATOM   29   C  CE2 . PHE   A 1 3   ? -6.520  -6.951  -7.527  1.000 23.498 0 3   PHE   AAA CE2 1 ? 
ATOM   30   C  CZ  . PHE   A 1 3   ? -5.302  -7.479  -7.173  1.000 24.075 0 3   PHE   AAA CZ  1 ? 
ATOM   31   N  N   . GLY   A 1 4   ? -7.343  -3.346  -12.285 1.000 23.332 0 4   GLY   AAA N   1 ? 
ATOM   32   C  CA  . GLY   A 1 4   ? -8.277  -2.241  -12.535 1.000 24.034 0 4   GLY   AAA CA  1 ? 
ATOM   33   C  C   . GLY   A 1 4   ? -8.650  -1.547  -11.244 1.000 21.347 0 4   GLY   AAA C   1 ? 
ATOM   34   O  O   . GLY   A 1 4   ? -8.553  -2.203  -10.205 1.000 24.837 0 4   GLY   AAA O   1 ? 
ATOM   35   N  N   . ARG   A 1 5   ? -9.042  -0.278  -11.352 1.000 24.152 0 5   ARG   AAA N   1 ? 
ATOM   36   C  CA  . ARG   A 1 5   ? -9.370  0.594   -10.208 1.000 23.913 0 5   ARG   AAA CA  1 ? 
ATOM   37   C  C   . ARG   A 1 5   ? -10.421 -0.103  -9.358  1.000 24.028 0 5   ARG   AAA C   1 ? 
ATOM   38   O  O   . ARG   A 1 5   ? -10.226 -0.337  -8.186  1.000 22.779 0 5   ARG   AAA O   1 ? 
ATOM   39   C  CB  . ARG   A 1 5   ? -9.793  1.960   -10.746 1.000 26.005 0 5   ARG   AAA CB  1 ? 
ATOM   40   C  CG  . ARG   A 1 5   ? -10.347 2.904   -9.702  1.000 24.857 0 5   ARG   AAA CG  1 ? 
ATOM   41   C  CD  . ARG   A 1 5   ? -10.664 4.269   -10.278 1.000 27.793 0 5   ARG   AAA CD  1 ? 
ATOM   42   N  NE  . ARG   A 1 5   ? -11.728 4.171   -11.278 1.000 28.160 0 5   ARG   AAA NE  1 ? 
ATOM   43   C  CZ  . ARG   A 1 5   ? -13.031 4.204   -10.994 1.000 28.525 0 5   ARG   AAA CZ  1 ? 
ATOM   44   N  NH1 . ARG   A 1 5   ? -13.442 4.300   -9.745  1.000 26.829 0 5   ARG   AAA NH1 1 ? 
ATOM   45   N  NH2 . ARG   A 1 5   ? -13.917 4.089   -11.968 1.000 32.701 0 5   ARG   AAA NH2 1 ? 
ATOM   46   N  N   . CYS   A 1 6   ? -11.530 -0.497  -9.976  1.000 23.905 0 6   CYS   AAA N   1 ? 
ATOM   47   C  CA  . CYS   A 1 6   ? -12.649 -1.074  -9.204  1.000 23.746 0 6   CYS   AAA CA  1 ? 
ATOM   48   C  C   . CYS   A 1 6   ? -12.313 -2.492  -8.769  1.000 21.440 0 6   CYS   AAA C   1 ? 
ATOM   49   O  O   . CYS   A 1 6   ? -12.688 -2.912  -7.716  1.000 23.972 0 6   CYS   AAA O   1 ? 
ATOM   50   C  CB  . CYS   A 1 6   ? -13.938 -1.047  -10.022 1.000 26.822 0 6   CYS   AAA CB  1 ? 
ATOM   51   S  SG  . CYS   A 1 6   ? -14.544 0.632   -10.272 1.000 27.914 0 6   CYS   AAA SG  1 ? 
ATOM   52   N  N   . GLU   A 1 7   ? -11.508 -3.188  -9.553  1.000 23.080 0 7   GLU   AAA N   1 ? 
ATOM   53   C  CA  . GLU   A 1 7   ? -11.045 -4.540  -9.174  1.000 24.549 0 7   GLU   AAA CA  1 ? 
ATOM   54   C  C   . GLU   A 1 7   ? -10.187 -4.458  -7.893  1.000 23.147 0 7   GLU   AAA C   1 ? 
ATOM   55   O  O   . GLU   A 1 7   ? -10.363 -5.302  -6.998  1.000 24.731 0 7   GLU   AAA O   1 ? 
ATOM   56   C  CB  . GLU   A 1 7   ? -10.236 -5.117  -10.330 1.000 24.865 0 7   GLU   AAA CB  1 ? 
ATOM   57   C  CG  . GLU   A 1 7   ? -9.735  -6.511  -10.080 1.000 25.970 0 7   GLU   AAA CG  1 ? 
ATOM   58   C  CD  . GLU   A 1 7   ? -8.696  -7.066  -11.029 1.000 29.078 0 7   GLU   AAA CD  1 ? 
ATOM   59   O  OE1 . GLU   A 1 7   ? -8.129  -6.286  -11.857 1.000 31.086 0 7   GLU   AAA OE1 1 ? 
ATOM   60   O  OE2 . GLU   A 1 7   ? -8.485  -8.290  -10.936 1.000 33.874 0 7   GLU   AAA OE2 1 ? 
ATOM   61   N  N   . LEU   A 1 8   ? -9.308  -3.459  -7.779  1.000 22.824 0 8   LEU   AAA N   1 ? 
ATOM   62   C  CA  . LEU   A 1 8   ? -8.464  -3.361  -6.561  1.000 22.138 0 8   LEU   AAA CA  1 ? 
ATOM   63   C  C   . LEU   A 1 8   ? -9.296  -2.846  -5.385  1.000 20.548 0 8   LEU   AAA C   1 ? 
ATOM   64   O  O   . LEU   A 1 8   ? -9.094  -3.341  -4.286  1.000 22.123 0 8   LEU   AAA O   1 ? 
ATOM   65   C  CB  . LEU   A 1 8   ? -7.303  -2.419  -6.856  1.000 21.379 0 8   LEU   AAA CB  1 ? 
ATOM   66   C  CG  . LEU   A 1 8   ? -6.361  -2.189  -5.670  1.000 21.623 0 8   LEU   AAA CG  1 ? 
ATOM   67   C  CD1 . LEU   A 1 8   ? -5.671  -3.461  -5.214  1.000 21.341 0 8   LEU   AAA CD1 1 ? 
ATOM   68   C  CD2 . LEU   A 1 8   ? -5.337  -1.105  -6.006  1.000 21.585 0 8   LEU   AAA CD2 1 ? 
ATOM   69   N  N   . ALA   A 1 9   ? -10.240 -1.931  -5.630  1.000 22.432 0 9   ALA   AAA N   1 ? 
ATOM   70   C  CA  . ALA   A 1 9   ? -11.139 -1.430  -4.569  1.000 22.225 0 9   ALA   AAA CA  1 ? 
ATOM   71   C  C   . ALA   A 1 9   ? -11.807 -2.634  -3.913  1.000 21.544 0 9   ALA   AAA C   1 ? 
ATOM   72   O  O   . ALA   A 1 9   ? -11.812 -2.732  -2.706  1.000 22.990 0 9   ALA   AAA O   1 ? 
ATOM   73   C  CB  . ALA   A 1 9   ? -12.161 -0.487  -5.125  1.000 21.676 0 9   ALA   AAA CB  1 ? 
ATOM   74   N  N   . ALA   A 1 10  ? -12.352 -3.531  -4.749  1.000 25.154 0 10  ALA   AAA N   1 ? 
ATOM   75   C  CA  . ALA   A 1 10  ? -13.014 -4.757  -4.267  1.000 25.889 0 10  ALA   AAA CA  1 ? 
ATOM   76   C  C   . ALA   A 1 10  ? -12.041 -5.632  -3.488  1.000 25.610 0 10  ALA   AAA C   1 ? 
ATOM   77   O  O   . ALA   A 1 10  ? -12.389 -6.120  -2.417  1.000 25.938 0 10  ALA   AAA O   1 ? 
ATOM   78   C  CB  . ALA   A 1 10  ? -13.680 -5.494  -5.418  1.000 29.932 0 10  ALA   AAA CB  1 ? 
ATOM   79   N  N   . ALA   A 1 11  ? -10.828 -5.844  -3.984  1.000 25.371 0 11  ALA   AAA N   1 ? 
ATOM   80   C  CA  . ALA   A 1 11  ? -9.840  -6.669  -3.265  1.000 25.006 0 11  ALA   AAA CA  1 ? 
ATOM   81   C  C   . ALA   A 1 11  ? -9.545  -6.044  -1.896  1.000 23.242 0 11  ALA   AAA C   1 ? 
ATOM   82   O  O   . ALA   A 1 11  ? -9.494  -6.745  -0.875  1.000 23.852 0 11  ALA   AAA O   1 ? 
ATOM   83   C  CB  . ALA   A 1 11  ? -8.581  -6.824  -4.095  1.000 25.616 0 11  ALA   AAA CB  1 ? 
ATOM   84   N  N   . MET   A 1 12  ? -9.291  -4.742  -1.881  1.000 23.250 0 12  MET   AAA N   1 ? 
ATOM   85   C  CA  . MET   A 1 12  ? -8.945  -4.060  -0.603  1.000 24.231 0 12  MET   AAA CA  1 ? 
ATOM   86   C  C   . MET   A 1 12  ? -10.101 -4.150  0.399   1.000 24.917 0 12  MET   AAA C   1 ? 
ATOM   87   O  O   . MET   A 1 12  ? -9.852  -4.295  1.582   1.000 26.045 0 12  MET   AAA O   1 ? 
ATOM   88   C  CB  . MET   A 1 12  ? -8.599  -2.606  -0.901  1.000 23.083 0 12  MET   AAA CB  1 ? 
ATOM   89   C  CG  . MET   A 1 12  ? -7.309  -2.499  -1.672  1.000 20.635 0 12  MET   AAA CG  1 ? 
ATOM   90   S  SD  . MET   A 1 12  ? -6.912  -0.801  -2.040  1.000 22.253 0 12  MET   AAA SD  1 ? 
ATOM   91   C  CE  . MET   A 1 12  ? -5.143  -0.859  -1.996  1.000 21.449 0 12  MET   AAA CE  1 ? 
ATOM   92   N  N   A LYS   A 1 13  ? -11.343 -4.030  -0.069  0.500 24.281 0 13  LYS   AAA N   1 ? 
ATOM   93   N  N   B LYS   A 1 13  ? -11.335 -4.043  -0.088  0.500 23.692 0 13  LYS   AAA N   1 ? 
ATOM   94   C  CA  A LYS   A 1 13  ? -12.537 -4.061  0.817   0.500 27.255 0 13  LYS   AAA CA  1 ? 
ATOM   95   C  CA  B LYS   A 1 13  ? -12.541 -4.133  0.771   0.500 26.336 0 13  LYS   AAA CA  1 ? 
ATOM   96   C  C   A LYS   A 1 13  ? -12.645 -5.447  1.461   0.500 28.064 0 13  LYS   AAA C   1 ? 
ATOM   97   C  C   B LYS   A 1 13  ? -12.602 -5.524  1.410   0.500 27.504 0 13  LYS   AAA C   1 ? 
ATOM   98   O  O   A LYS   A 1 13  ? -12.909 -5.523  2.679   0.500 28.326 0 13  LYS   AAA O   1 ? 
ATOM   99   O  O   B LYS   A 1 13  ? -12.768 -5.612  2.645   0.500 28.015 0 13  LYS   AAA O   1 ? 
ATOM   100  C  CB  A LYS   A 1 13  ? -13.779 -3.696  0.010   0.500 28.292 0 13  LYS   AAA CB  1 ? 
ATOM   101  C  CB  B LYS   A 1 13  ? -13.783 -3.829  -0.052  0.500 26.834 0 13  LYS   AAA CB  1 ? 
ATOM   102  C  CG  A LYS   A 1 13  ? -14.985 -3.293  0.844   0.500 30.341 0 13  LYS   AAA CG  1 ? 
ATOM   103  C  CG  B LYS   A 1 13  ? -15.069 -4.155  0.684   0.500 28.341 0 13  LYS   AAA CG  1 ? 
ATOM   104  C  CD  A LYS   A 1 13  ? -16.081 -2.694  -0.004  0.500 32.603 0 13  LYS   AAA CD  1 ? 
ATOM   105  C  CD  B LYS   A 1 13  ? -16.215 -3.271  0.325   0.500 29.271 0 13  LYS   AAA CD  1 ? 
ATOM   106  C  CE  A LYS   A 1 13  ? -17.270 -2.199  0.793   0.500 33.882 0 13  LYS   AAA CE  1 ? 
ATOM   107  C  CE  B LYS   A 1 13  ? -17.218 -3.160  1.455   0.500 31.342 0 13  LYS   AAA CE  1 ? 
ATOM   108  N  NZ  A LYS   A 1 13  ? -17.922 -3.310  1.533   0.500 35.391 0 13  LYS   AAA NZ  1 ? 
ATOM   109  N  NZ  B LYS   A 1 13  ? -16.934 -2.000  2.335   0.500 31.406 0 13  LYS   AAA NZ  1 ? 
ATOM   110  N  N   A ARG   A 1 14  ? -12.416 -6.487  0.662   0.500 27.360 0 14  ARG   AAA N   1 ? 
ATOM   111  N  N   B ARG   A 1 14  ? -12.468 -6.575  0.604   0.500 28.004 0 14  ARG   AAA N   1 ? 
ATOM   112  C  CA  A ARG   A 1 14  ? -12.506 -7.910  1.094   0.500 29.170 0 14  ARG   AAA CA  1 ? 
ATOM   113  C  CA  B ARG   A 1 14  ? -12.505 -7.962  1.141   0.500 29.891 0 14  ARG   AAA CA  1 ? 
ATOM   114  C  C   A ARG   A 1 14  ? -11.425 -8.234  2.135   0.500 31.152 0 14  ARG   AAA C   1 ? 
ATOM   115  C  C   B ARG   A 1 14  ? -11.504 -8.050  2.296   0.500 31.468 0 14  ARG   AAA C   1 ? 
ATOM   116  O  O   A ARG   A 1 14  ? -11.652 -9.133  2.937   0.500 31.411 0 14  ARG   AAA O   1 ? 
ATOM   117  O  O   B ARG   A 1 14  ? -11.913 -8.482  3.390   0.500 28.190 0 14  ARG   AAA O   1 ? 
ATOM   118  C  CB  A ARG   A 1 14  ? -12.351 -8.839  -0.111  0.500 30.144 0 14  ARG   AAA CB  1 ? 
ATOM   119  C  CB  B ARG   A 1 14  ? -12.194 -9.004  0.065   0.500 32.593 0 14  ARG   AAA CB  1 ? 
ATOM   120  C  CG  A ARG   A 1 14  ? -11.259 -9.875  0.100   0.500 30.939 0 14  ARG   AAA CG  1 ? 
ATOM   121  C  CG  B ARG   A 1 14  ? -12.288 -10.440 0.565   0.500 34.099 0 14  ARG   AAA CG  1 ? 
ATOM   122  C  CD  A ARG   A 1 14  ? -11.319 -11.071 -0.822  0.500 30.690 0 14  ARG   AAA CD  1 ? 
ATOM   123  C  CD  B ARG   A 1 14  ? -11.186 -11.273 -0.061  0.500 35.456 0 14  ARG   AAA CD  1 ? 
ATOM   124  N  NE  A ARG   A 1 14  ? -10.038 -11.750 -0.724  0.500 29.387 0 14  ARG   AAA NE  1 ? 
ATOM   125  N  NE  B ARG   A 1 14  ? -10.778 -10.660 -1.319  0.500 36.716 0 14  ARG   AAA NE  1 ? 
ATOM   126  C  CZ  A ARG   A 1 14  ? -9.732  -12.648 0.193   0.500 31.952 0 14  ARG   AAA CZ  1 ? 
ATOM   127  C  CZ  B ARG   A 1 14  ? -9.718  -11.026 -2.027  0.500 31.025 0 14  ARG   AAA CZ  1 ? 
ATOM   128  N  NH1 A ARG   A 1 14  ? -10.619 -13.003 1.102   0.500 33.026 0 14  ARG   AAA NH1 1 ? 
ATOM   129  N  NH1 B ARG   A 1 14  ? -8.952  -12.017 -1.599  0.500 34.465 0 14  ARG   AAA NH1 1 ? 
ATOM   130  N  NH2 A ARG   A 1 14  ? -8.529  -13.187 0.195   0.500 34.233 0 14  ARG   AAA NH2 1 ? 
ATOM   131  N  NH2 B ARG   A 1 14  ? -9.428  -10.408 -3.156  0.500 29.799 0 14  ARG   AAA NH2 1 ? 
ATOM   132  N  N   . HIS   A 1 15  ? -10.276 -7.548  2.082   1.000 29.688 0 15  HIS   AAA N   1 ? 
ATOM   133  C  CA  . HIS   A 1 15  ? -9.128  -7.707  3.021   1.000 30.029 0 15  HIS   AAA CA  1 ? 
ATOM   134  C  C   . HIS   A 1 15  ? -9.183  -6.716  4.196   1.000 30.463 0 15  HIS   AAA C   1 ? 
ATOM   135  O  O   . HIS   A 1 15  ? -8.233  -6.709  5.015   1.000 32.885 0 15  HIS   AAA O   1 ? 
ATOM   136  C  CB  . HIS   A 1 15  ? -7.806  -7.531  2.263   1.000 32.215 0 15  HIS   AAA CB  1 ? 
ATOM   137  C  CG  . HIS   A 1 15  ? -7.367  -8.725  1.491   1.000 29.451 0 15  HIS   AAA CG  1 ? 
ATOM   138  N  ND1 . HIS   A 1 15  ? -7.584  -8.862  0.134   1.000 31.626 0 15  HIS   AAA ND1 1 ? 
ATOM   139  C  CD2 . HIS   A 1 15  ? -6.739  -9.847  1.884   1.000 34.532 0 15  HIS   AAA CD2 1 ? 
ATOM   140  C  CE1 . HIS   A 1 15  ? -7.084  -10.000 -0.283  1.000 32.446 0 15  HIS   AAA CE1 1 ? 
ATOM   141  N  NE2 . HIS   A 1 15  ? -6.586  -10.628 0.774   1.000 33.812 0 15  HIS   AAA NE2 1 ? 
ATOM   142  N  N   . GLY   A 1 16  ? -10.233 -5.913  4.301   1.000 27.952 0 16  GLY   AAA N   1 ? 
ATOM   143  C  CA  . GLY   A 1 16  ? -10.570 -5.193  5.534   1.000 28.800 0 16  GLY   AAA CA  1 ? 
ATOM   144  C  C   . GLY   A 1 16  ? -9.902  -3.836  5.625   1.000 26.950 0 16  GLY   AAA C   1 ? 
ATOM   145  O  O   . GLY   A 1 16  ? -9.794  -3.303  6.741   1.000 30.232 0 16  GLY   AAA O   1 ? 
ATOM   146  N  N   . LEU   A 1 17  ? -9.564  -3.219  4.488   1.000 26.176 0 17  LEU   AAA N   1 ? 
ATOM   147  C  CA  . LEU   A 1 17  ? -8.970  -1.842  4.485   1.000 26.143 0 17  LEU   AAA CA  1 ? 
ATOM   148  C  C   . LEU   A 1 17  ? -10.040 -0.741  4.477   1.000 27.982 0 17  LEU   AAA C   1 ? 
ATOM   149  O  O   . LEU   A 1 17  ? -9.717  0.353   4.934   1.000 26.720 0 17  LEU   AAA O   1 ? 
ATOM   150  C  CB  . LEU   A 1 17  ? -8.034  -1.657  3.288   1.000 24.162 0 17  LEU   AAA CB  1 ? 
ATOM   151  C  CG  . LEU   A 1 17  ? -6.683  -2.341  3.384   1.000 24.820 0 17  LEU   AAA CG  1 ? 
ATOM   152  C  CD1 . LEU   A 1 17  ? -5.905  -2.037  2.135   1.000 24.339 0 17  LEU   AAA CD1 1 ? 
ATOM   153  C  CD2 . LEU   A 1 17  ? -5.924  -1.929  4.632   1.000 27.033 0 17  LEU   AAA CD2 1 ? 
ATOM   154  N  N   . ASP   A 1 18  ? -11.265 -0.962  3.993   1.000 30.213 0 18  ASP   AAA N   1 ? 
ATOM   155  C  CA  . ASP   A 1 18  ? -12.335 0.079   4.011   1.000 28.031 0 18  ASP   AAA CA  1 ? 
ATOM   156  C  C   . ASP   A 1 18  ? -12.545 0.533   5.455   1.000 29.938 0 18  ASP   AAA C   1 ? 
ATOM   157  O  O   . ASP   A 1 18  ? -12.999 -0.272  6.277   1.000 32.025 0 18  ASP   AAA O   1 ? 
ATOM   158  C  CB  . ASP   A 1 18  ? -13.673 -0.372  3.420   1.000 31.221 0 18  ASP   AAA CB  1 ? 
ATOM   159  C  CG  . ASP   A 1 18  ? -14.644 0.774   3.139   1.000 35.609 0 18  ASP   AAA CG  1 ? 
ATOM   160  O  OD1 . ASP   A 1 18  ? -14.259 1.990   3.270   1.000 31.993 0 18  ASP   AAA OD1 1 ? 
ATOM   161  O  OD2 . ASP   A 1 18  ? -15.792 0.459   2.759   1.000 40.848 0 18  ASP   AAA OD2 1 ? 
ATOM   162  N  N   . ASN   A 1 19  ? -12.155 1.762   5.769   1.000 26.119 0 19  ASN   AAA N   1 ? 
ATOM   163  C  CA  . ASN   A 1 19  ? -12.372 2.409   7.087   1.000 26.335 0 19  ASN   AAA CA  1 ? 
ATOM   164  C  C   . ASN   A 1 19  ? -11.400 1.872   8.122   1.000 25.208 0 19  ASN   AAA C   1 ? 
ATOM   165  O  O   . ASN   A 1 19  ? -11.565 2.170   9.303   1.000 26.464 0 19  ASN   AAA O   1 ? 
ATOM   166  C  CB  . ASN   A 1 19  ? -13.812 2.233   7.584   1.000 32.097 0 19  ASN   AAA CB  1 ? 
ATOM   167  C  CG  . ASN   A 1 19  ? -14.762 2.968   6.672   1.000 36.823 0 19  ASN   AAA CG  1 ? 
ATOM   168  O  OD1 . ASN   A 1 19  ? -14.521 4.130   6.343   1.000 40.443 0 19  ASN   AAA OD1 1 ? 
ATOM   169  N  ND2 . ASN   A 1 19  ? -15.807 2.286   6.222   1.000 40.649 0 19  ASN   AAA ND2 1 ? 
ATOM   170  N  N   . TYR   A 1 20  ? -10.352 1.168   7.703   1.000 25.424 0 20  TYR   AAA N   1 ? 
ATOM   171  C  CA  . TYR   A 1 20  ? -9.296  0.680   8.615   1.000 25.533 0 20  TYR   AAA CA  1 ? 
ATOM   172  C  C   . TYR   A 1 20  ? -8.546  1.889   9.194   1.000 26.449 0 20  TYR   AAA C   1 ? 
ATOM   173  O  O   . TYR   A 1 20  ? -8.094  2.777   8.448   1.000 23.413 0 20  TYR   AAA O   1 ? 
ATOM   174  C  CB  . TYR   A 1 20  ? -8.319  -0.284  7.939   1.000 25.105 0 20  TYR   AAA CB  1 ? 
ATOM   175  C  CG  . TYR   A 1 20  ? -7.428  -0.999  8.924   1.000 25.165 0 20  TYR   AAA CG  1 ? 
ATOM   176  C  CD1 . TYR   A 1 20  ? -7.870  -2.145  9.575   1.000 26.632 0 20  TYR   AAA CD1 1 ? 
ATOM   177  C  CD2 . TYR   A 1 20  ? -6.189  -0.512  9.280   1.000 24.839 0 20  TYR   AAA CD2 1 ? 
ATOM   178  C  CE1 . TYR   A 1 20  ? -7.093  -2.795  10.507  1.000 27.632 0 20  TYR   AAA CE1 1 ? 
ATOM   179  C  CE2 . TYR   A 1 20  ? -5.396  -1.142  10.219  1.000 24.525 0 20  TYR   AAA CE2 1 ? 
ATOM   180  C  CZ  . TYR   A 1 20  ? -5.857  -2.286  10.843  1.000 26.622 0 20  TYR   AAA CZ  1 ? 
ATOM   181  O  OH  . TYR   A 1 20  ? -5.121  -2.929  11.774  1.000 30.605 0 20  TYR   AAA OH  1 ? 
ATOM   182  N  N   . ARG   A 1 21  ? -8.503  1.993   10.523  1.000 26.049 0 21  ARG   AAA N   1 ? 
ATOM   183  C  CA  . ARG   A 1 21  ? -7.964  3.164   11.286  1.000 26.364 0 21  ARG   AAA CA  1 ? 
ATOM   184  C  C   . ARG   A 1 21  ? -8.606  4.462   10.786  1.000 23.600 0 21  ARG   AAA C   1 ? 
ATOM   185  O  O   . ARG   A 1 21  ? -7.952  5.507   10.853  1.000 23.527 0 21  ARG   AAA O   1 ? 
ATOM   186  C  CB  . ARG   A 1 21  ? -6.442  3.251   11.208  1.000 26.472 0 21  ARG   AAA CB  1 ? 
ATOM   187  C  CG  . ARG   A 1 21  ? -5.698  2.140   11.923  1.000 31.633 0 21  ARG   AAA CG  1 ? 
ATOM   188  C  CD  . ARG   A 1 21  ? -6.035  1.941   13.381  1.000 35.596 0 21  ARG   AAA CD  1 ? 
ATOM   189  N  NE  . ARG   A 1 21  ? -5.591  0.605   13.756  1.000 39.386 0 21  ARG   AAA NE  1 ? 
ATOM   190  C  CZ  . ARG   A 1 21  ? -6.150  -0.152  14.690  1.000 41.457 0 21  ARG   AAA CZ  1 ? 
ATOM   191  N  NH1 . ARG   A 1 21  ? -7.193  0.293   15.379  1.000 40.777 0 21  ARG   AAA NH1 1 ? 
ATOM   192  N  NH2 . ARG   A 1 21  ? -5.662  -1.358  14.926  1.000 42.134 0 21  ARG   AAA NH2 1 ? 
ATOM   193  N  N   . GLY   A 1 22  ? -9.833  4.392   10.301  1.000 26.084 0 22  GLY   AAA N   1 ? 
ATOM   194  C  CA  . GLY   A 1 22  ? -10.609 5.541   9.850   1.000 23.012 0 22  GLY   AAA CA  1 ? 
ATOM   195  C  C   . GLY   A 1 22  ? -10.374 5.986   8.416   1.000 23.278 0 22  GLY   AAA C   1 ? 
ATOM   196  O  O   . GLY   A 1 22  ? -10.952 6.978   8.016   1.000 21.855 0 22  GLY   AAA O   1 ? 
ATOM   197  N  N   . TYR   A 1 23  ? -9.624  5.231   7.613   1.000 20.143 0 23  TYR   AAA N   1 ? 
ATOM   198  C  CA  . TYR   A 1 23  ? -9.316  5.596   6.213   1.000 19.507 0 23  TYR   AAA CA  1 ? 
ATOM   199  C  C   . TYR   A 1 23  ? -10.293 4.884   5.286   1.000 19.131 0 23  TYR   AAA C   1 ? 
ATOM   200  O  O   . TYR   A 1 23  ? -10.198 3.684   5.071   1.000 21.074 0 23  TYR   AAA O   1 ? 
ATOM   201  C  CB  . TYR   A 1 23  ? -7.844  5.268   5.905   1.000 17.096 0 23  TYR   AAA CB  1 ? 
ATOM   202  C  CG  . TYR   A 1 23  ? -6.904  6.207   6.607   1.000 16.419 0 23  TYR   AAA CG  1 ? 
ATOM   203  C  CD1 . TYR   A 1 23  ? -6.518  7.431   6.067   1.000 15.574 0 23  TYR   AAA CD1 1 ? 
ATOM   204  C  CD2 . TYR   A 1 23  ? -6.391  5.842   7.845   1.000 15.131 0 23  TYR   AAA CD2 1 ? 
ATOM   205  C  CE1 . TYR   A 1 23  ? -5.669  8.283   6.747   1.000 16.352 0 23  TYR   AAA CE1 1 ? 
ATOM   206  C  CE2 . TYR   A 1 23  ? -5.577  6.710   8.542   1.000 15.295 0 23  TYR   AAA CE2 1 ? 
ATOM   207  C  CZ  . TYR   A 1 23  ? -5.182  7.904   7.976   1.000 15.696 0 23  TYR   AAA CZ  1 ? 
ATOM   208  O  OH  . TYR   A 1 23  ? -4.311  8.741   8.620   1.000 18.474 0 23  TYR   AAA OH  1 ? 
ATOM   209  N  N   . SER   A 1 24  ? -11.156 5.663   4.682   1.000 21.480 0 24  SER   AAA N   1 ? 
ATOM   210  C  CA  . SER   A 1 24  ? -12.118 5.121   3.712   1.000 20.571 0 24  SER   AAA CA  1 ? 
ATOM   211  C  C   . SER   A 1 24  ? -11.381 4.478   2.548   1.000 23.123 0 24  SER   AAA C   1 ? 
ATOM   212  O  O   . SER   A 1 24  ? -10.210 4.863   2.259   1.000 20.871 0 24  SER   AAA O   1 ? 
ATOM   213  C  CB  . SER   A 1 24  ? -13.067 6.164   3.224   1.000 24.015 0 24  SER   AAA CB  1 ? 
ATOM   214  O  OG  . SER   A 1 24  ? -12.417 7.153   2.455   1.000 24.208 0 24  SER   AAA OG  1 ? 
ATOM   215  N  N   . LEU   A 1 25  ? -12.043 3.532   1.910   1.000 20.527 0 25  LEU   AAA N   1 ? 
ATOM   216  C  CA  . LEU   A 1 25  ? -11.541 2.793   0.733   1.000 19.135 0 25  LEU   AAA CA  1 ? 
ATOM   217  C  C   . LEU   A 1 25  ? -10.906 3.710   -0.310  1.000 18.928 0 25  LEU   AAA C   1 ? 
ATOM   218  O  O   . LEU   A 1 25  ? -9.840  3.315   -0.856  1.000 19.821 0 25  LEU   AAA O   1 ? 
ATOM   219  C  CB  . LEU   A 1 25  ? -12.673 1.973   0.112   1.000 21.038 0 25  LEU   AAA CB  1 ? 
ATOM   220  C  CG  . LEU   A 1 25  ? -12.216 0.861   -0.828  1.000 23.465 0 25  LEU   AAA CG  1 ? 
ATOM   221  C  CD1 . LEU   A 1 25  ? -11.221 -0.047  -0.142  1.000 23.062 0 25  LEU   AAA CD1 1 ? 
ATOM   222  C  CD2 . LEU   A 1 25  ? -13.414 0.035   -1.322  1.000 24.200 0 25  LEU   AAA CD2 1 ? 
ATOM   223  N  N   . GLY   A 1 26  ? -11.465 4.833   -0.710  1.000 18.127 0 26  GLY   AAA N   1 ? 
ATOM   224  C  CA  . GLY   A 1 26  ? -10.899 5.689   -1.753  1.000 19.610 0 26  GLY   AAA CA  1 ? 
ATOM   225  C  C   . GLY   A 1 26  ? -9.454  6.097   -1.399  1.000 16.964 0 26  GLY   AAA C   1 ? 
ATOM   226  O  O   . GLY   A 1 26  ? -8.659  6.342   -2.315  1.000 18.285 0 26  GLY   AAA O   1 ? 
ATOM   227  N  N   . ASN   A 1 27  ? -9.153  6.335   -0.121  1.000 17.452 0 27  ASN   AAA N   1 ? 
ATOM   228  C  CA  . ASN   A 1 27  ? -7.774  6.693   0.315   1.000 16.919 0 27  ASN   AAA CA  1 ? 
ATOM   229  C  C   . ASN   A 1 27  ? -6.805  5.606   -0.145  1.000 18.248 0 27  ASN   AAA C   1 ? 
ATOM   230  O  O   . ASN   A 1 27  ? -5.705  5.949   -0.618  1.000 16.409 0 27  ASN   AAA O   1 ? 
ATOM   231  C  CB  . ASN   A 1 27  ? -7.657  6.842   1.818   1.000 18.476 0 27  ASN   AAA CB  1 ? 
ATOM   232  C  CG  . ASN   A 1 27  ? -8.274  8.120   2.288   1.000 18.998 0 27  ASN   AAA CG  1 ? 
ATOM   233  O  OD1 . ASN   A 1 27  ? -7.701  9.172   2.060   1.000 18.919 0 27  ASN   AAA OD1 1 ? 
ATOM   234  N  ND2 . ASN   A 1 27  ? -9.497  8.017   2.810   1.000 21.050 0 27  ASN   AAA ND2 1 ? 
ATOM   235  N  N   . TRP   A 1 28  ? -7.156  4.354   0.106   1.000 16.056 0 28  TRP   AAA N   1 ? 
ATOM   236  C  CA  . TRP   A 1 28  ? -6.252  3.222   -0.238  1.000 16.408 0 28  TRP   AAA CA  1 ? 
ATOM   237  C  C   . TRP   A 1 28  ? -6.112  3.073   -1.745  1.000 16.793 0 28  TRP   AAA C   1 ? 
ATOM   238  O  O   . TRP   A 1 28  ? -5.037  2.683   -2.202  1.000 16.300 0 28  TRP   AAA O   1 ? 
ATOM   239  C  CB  . TRP   A 1 28  ? -6.786  1.946   0.408   1.000 15.914 0 28  TRP   AAA CB  1 ? 
ATOM   240  C  CG  . TRP   A 1 28  ? -6.841  2.044   1.906   1.000 18.115 0 28  TRP   AAA CG  1 ? 
ATOM   241  C  CD1 . TRP   A 1 28  ? -7.915  2.289   2.730   1.000 17.696 0 28  TRP   AAA CD1 1 ? 
ATOM   242  C  CD2 . TRP   A 1 28  ? -5.712  1.911   2.788   1.000 18.167 0 28  TRP   AAA CD2 1 ? 
ATOM   243  N  NE1 . TRP   A 1 28  ? -7.545  2.321   4.038   1.000 19.080 0 28  TRP   AAA NE1 1 ? 
ATOM   244  C  CE2 . TRP   A 1 28  ? -6.197  2.096   4.101   1.000 17.922 0 28  TRP   AAA CE2 1 ? 
ATOM   245  C  CE3 . TRP   A 1 28  ? -4.341  1.703   2.587   1.000 18.108 0 28  TRP   AAA CE3 1 ? 
ATOM   246  C  CZ2 . TRP   A 1 28  ? -5.337  2.053   5.197   1.000 18.641 0 28  TRP   AAA CZ2 1 ? 
ATOM   247  C  CZ3 . TRP   A 1 28  ? -3.511  1.613   3.684   1.000 20.400 0 28  TRP   AAA CZ3 1 ? 
ATOM   248  C  CH2 . TRP   A 1 28  ? -4.007  1.803   4.970   1.000 19.785 0 28  TRP   AAA CH2 1 ? 
ATOM   249  N  N   . VAL   A 1 29  ? -7.211  3.201   -2.495  1.000 16.768 0 29  VAL   AAA N   1 ? 
ATOM   250  C  CA  . VAL   A 1 29  ? -7.169  3.098   -3.967  1.000 15.119 0 29  VAL   AAA CA  1 ? 
ATOM   251  C  C   . VAL   A 1 29  ? -6.355  4.259   -4.546  1.000 15.786 0 29  VAL   AAA C   1 ? 
ATOM   252  O  O   . VAL   A 1 29  ? -5.508  4.023   -5.412  1.000 16.601 0 29  VAL   AAA O   1 ? 
ATOM   253  C  CB  . VAL   A 1 29  ? -8.599  3.055   -4.547  1.000 16.663 0 29  VAL   AAA CB  1 ? 
ATOM   254  C  CG1 . VAL   A 1 29  ? -8.567  3.007   -6.058  1.000 16.968 0 29  VAL   AAA CG1 1 ? 
ATOM   255  C  CG2 . VAL   A 1 29  ? -9.342  1.865   -3.997  1.000 17.934 0 29  VAL   AAA CG2 1 ? 
ATOM   256  N  N   . CYS   A 1 30  ? -6.564  5.475   -4.061  1.000 16.218 0 30  CYS   AAA N   1 ? 
ATOM   257  C  CA  . CYS   A 1 30  ? -5.788  6.655   -4.522  1.000 17.146 0 30  CYS   AAA CA  1 ? 
ATOM   258  C  C   . CYS   A 1 30  ? -4.295  6.398   -4.217  1.000 16.380 0 30  CYS   AAA C   1 ? 
ATOM   259  O  O   . CYS   A 1 30  ? -3.451  6.573   -5.119  1.000 16.732 0 30  CYS   AAA O   1 ? 
ATOM   260  C  CB  . CYS   A 1 30  ? -6.331  7.886   -3.808  1.000 16.650 0 30  CYS   AAA CB  1 ? 
ATOM   261  S  SG  . CYS   A 1 30  ? -5.493  9.404   -4.278  1.000 18.412 0 30  CYS   AAA SG  1 ? 
ATOM   262  N  N   . ALA   A 1 31  ? -4.001  5.923   -3.026  1.000 15.970 0 31  ALA   AAA N   1 ? 
ATOM   263  C  CA  . ALA   A 1 31  ? -2.598  5.659   -2.634  1.000 15.850 0 31  ALA   AAA CA  1 ? 
ATOM   264  C  C   . ALA   A 1 31  ? -2.015  4.625   -3.593  1.000 15.874 0 31  ALA   AAA C   1 ? 
ATOM   265  O  O   . ALA   A 1 31  ? -0.908  4.818   -4.134  1.000 17.247 0 31  ALA   AAA O   1 ? 
ATOM   266  C  CB  . ALA   A 1 31  ? -2.508  5.169   -1.226  1.000 16.543 0 31  ALA   AAA CB  1 ? 
ATOM   267  N  N   . ALA   A 1 32  ? -2.710  3.525   -3.792  1.000 15.784 0 32  ALA   AAA N   1 ? 
ATOM   268  C  CA  . ALA   A 1 32  ? -2.187  2.481   -4.691  1.000 15.182 0 32  ALA   AAA CA  1 ? 
ATOM   269  C  C   . ALA   A 1 32  ? -1.988  2.996   -6.124  1.000 14.717 0 32  ALA   AAA C   1 ? 
ATOM   270  O  O   . ALA   A 1 32  ? -0.998  2.615   -6.775  1.000 17.068 0 32  ALA   AAA O   1 ? 
ATOM   271  C  CB  . ALA   A 1 32  ? -3.081  1.292   -4.709  1.000 15.181 0 32  ALA   AAA CB  1 ? 
ATOM   272  N  N   . LYS   A 1 33  ? -2.913  3.765   -6.690  1.000 16.865 0 33  LYS   AAA N   1 ? 
ATOM   273  C  CA  . LYS   A 1 33  ? -2.705  4.312   -8.032  1.000 17.675 0 33  LYS   AAA CA  1 ? 
ATOM   274  C  C   . LYS   A 1 33  ? -1.403  5.084   -8.128  1.000 17.442 0 33  LYS   AAA C   1 ? 
ATOM   275  O  O   . LYS   A 1 33  ? -0.626  4.826   -9.040  1.000 18.027 0 33  LYS   AAA O   1 ? 
ATOM   276  C  CB  . LYS   A 1 33  ? -3.911  5.186   -8.362  1.000 21.223 0 33  LYS   AAA CB  1 ? 
ATOM   277  C  CG  . LYS   A 1 33  ? -3.760  6.057   -9.581  1.000 26.444 0 33  LYS   AAA CG  1 ? 
ATOM   278  C  CD  . LYS   A 1 33  ? -3.556  5.283   -10.830 1.000 28.809 0 33  LYS   AAA CD  1 ? 
ATOM   279  C  CE  . LYS   A 1 33  ? -3.204  6.175   -12.013 1.000 35.525 0 33  LYS   AAA CE  1 ? 
ATOM   280  N  NZ  . LYS   A 1 33  ? -3.745  5.601   -13.264 1.000 41.051 0 33  LYS   AAA NZ  1 ? 
ATOM   281  N  N   . PHE   A 1 34  ? -1.176  5.977   -7.189  1.000 16.984 0 34  PHE   AAA N   1 ? 
ATOM   282  C  CA  . PHE   A 1 34  ? -0.009  6.878   -7.323  1.000 18.093 0 34  PHE   AAA CA  1 ? 
ATOM   283  C  C   . PHE   A 1 34  ? 1.263   6.181   -6.867  1.000 18.989 0 34  PHE   AAA C   1 ? 
ATOM   284  O  O   . PHE   A 1 34  ? 2.325   6.497   -7.390  1.000 22.812 0 34  PHE   AAA O   1 ? 
ATOM   285  C  CB  . PHE   A 1 34  ? -0.280  8.217   -6.653  1.000 17.745 0 34  PHE   AAA CB  1 ? 
ATOM   286  C  CG  . PHE   A 1 34  ? -1.380  8.998   -7.309  1.000 19.414 0 34  PHE   AAA CG  1 ? 
ATOM   287  C  CD1 . PHE   A 1 34  ? -1.434  9.126   -8.681  1.000 16.691 0 34  PHE   AAA CD1 1 ? 
ATOM   288  C  CD2 . PHE   A 1 34  ? -2.332  9.644   -6.557  1.000 20.162 0 34  PHE   AAA CD2 1 ? 
ATOM   289  C  CE1 . PHE   A 1 34  ? -2.468  9.827   -9.282  1.000 19.205 0 34  PHE   AAA CE1 1 ? 
ATOM   290  C  CE2 . PHE   A 1 34  ? -3.345  10.371  -7.167  1.000 22.163 0 34  PHE   AAA CE2 1 ? 
ATOM   291  C  CZ  . PHE   A 1 34  ? -3.395  10.477  -8.518  1.000 20.739 0 34  PHE   AAA CZ  1 ? 
ATOM   292  N  N   . GLU   A 1 35  ? 1.156   5.213   -5.994  1.000 16.043 0 35  GLU   AAA N   1 ? 
ATOM   293  C  CA  . GLU   A 1 35  ? 2.348   4.436   -5.517  1.000 15.624 0 35  GLU   AAA CA  1 ? 
ATOM   294  C  C   . GLU   A 1 35  ? 2.785   3.465   -6.617  1.000 16.629 0 35  GLU   AAA C   1 ? 
ATOM   295  O  O   . GLU   A 1 35  ? 4.005   3.363   -6.903  1.000 18.022 0 35  GLU   AAA O   1 ? 
ATOM   296  C  CB  . GLU   A 1 35  ? 2.042   3.710   -4.200  1.000 17.057 0 35  GLU   AAA CB  1 ? 
ATOM   297  C  CG  . GLU   A 1 35  ? 1.932   4.598   -2.975  1.000 18.216 0 35  GLU   AAA CG  1 ? 
ATOM   298  C  CD  . GLU   A 1 35  ? 3.194   5.344   -2.558  1.000 19.177 0 35  GLU   AAA CD  1 ? 
ATOM   299  O  OE1 . GLU   A 1 35  ? 4.255   5.092   -3.195  1.000 21.594 0 35  GLU   AAA OE1 1 ? 
ATOM   300  O  OE2 . GLU   A 1 35  ? 3.142   6.167   -1.639  1.000 20.797 0 35  GLU   AAA OE2 1 ? 
ATOM   301  N  N   . SER   A 1 36  ? 1.879   2.672   -7.187  1.000 16.267 0 36  SER   AAA N   1 ? 
ATOM   302  C  CA  . SER   A 1 36  ? 2.250   1.481   -8.001  1.000 16.877 0 36  SER   AAA CA  1 ? 
ATOM   303  C  C   . SER   A 1 36  ? 1.588   1.460   -9.374  1.000 18.839 0 36  SER   AAA C   1 ? 
ATOM   304  O  O   . SER   A 1 36  ? 1.857   0.532   -10.128 1.000 18.311 0 36  SER   AAA O   1 ? 
ATOM   305  C  CB  . SER   A 1 36  ? 1.937   0.243   -7.300  1.000 16.273 0 36  SER   AAA CB  1 ? 
ATOM   306  O  OG  . SER   A 1 36  ? 0.533   0.070   -7.188  1.000 16.847 0 36  SER   AAA OG  1 ? 
ATOM   307  N  N   . ASN   A 1 37  ? 0.706   2.420   -9.657  1.000 18.765 0 37  ASN   AAA N   1 ? 
ATOM   308  C  CA  . ASN   A 1 37  ? -0.137  2.350   -10.873 1.000 20.867 0 37  ASN   AAA CA  1 ? 
ATOM   309  C  C   . ASN   A 1 37  ? -0.922  1.048   -10.857 1.000 18.150 0 37  ASN   AAA C   1 ? 
ATOM   310  O  O   . ASN   A 1 37  ? -1.138  0.503   -11.947 1.000 21.900 0 37  ASN   AAA O   1 ? 
ATOM   311  C  CB  . ASN   A 1 37  ? 0.681   2.480   -12.162 1.000 24.827 0 37  ASN   AAA CB  1 ? 
ATOM   312  C  CG  . ASN   A 1 37  ? -0.193  3.038   -13.270 1.000 33.269 0 37  ASN   AAA CG  1 ? 
ATOM   313  O  OD1 . ASN   A 1 37  ? -1.260  3.590   -13.008 1.000 34.318 0 37  ASN   AAA OD1 1 ? 
ATOM   314  N  ND2 . ASN   A 1 37  ? 0.218   2.869   -14.512 1.000 37.629 0 37  ASN   AAA ND2 1 ? 
ATOM   315  N  N   . PHE   A 1 38  ? -1.290  0.527   -9.685  1.000 18.320 0 38  PHE   AAA N   1 ? 
ATOM   316  C  CA  . PHE   A 1 38  ? -2.112  -0.675  -9.536  1.000 17.486 0 38  PHE   AAA CA  1 ? 
ATOM   317  C  C   . PHE   A 1 38  ? -1.359  -1.939  -9.986  1.000 18.174 0 38  PHE   AAA C   1 ? 
ATOM   318  O  O   . PHE   A 1 38  ? -1.997  -2.981  -10.130 1.000 18.756 0 38  PHE   AAA O   1 ? 
ATOM   319  C  CB  . PHE   A 1 38  ? -3.416  -0.530  -10.324 1.000 18.552 0 38  PHE   AAA CB  1 ? 
ATOM   320  C  CG  . PHE   A 1 38  ? -4.354  0.582   -9.916  1.000 18.257 0 38  PHE   AAA CG  1 ? 
ATOM   321  C  CD1 . PHE   A 1 38  ? -4.481  1.038   -8.620  1.000 19.605 0 38  PHE   AAA CD1 1 ? 
ATOM   322  C  CD2 . PHE   A 1 38  ? -5.131  1.150   -10.902 1.000 20.339 0 38  PHE   AAA CD2 1 ? 
ATOM   323  C  CE1 . PHE   A 1 38  ? -5.435  1.996   -8.318  1.000 18.908 0 38  PHE   AAA CE1 1 ? 
ATOM   324  C  CE2 . PHE   A 1 38  ? -6.057  2.141   -10.596 1.000 19.244 0 38  PHE   AAA CE2 1 ? 
ATOM   325  C  CZ  . PHE   A 1 38  ? -6.200  2.544   -9.311  1.000 19.319 0 38  PHE   AAA CZ  1 ? 
ATOM   326  N  N   . ASN   A 1 39  ? -0.031  -1.882  -9.993  1.000 17.144 0 39  ASN   AAA N   1 ? 
ATOM   327  C  CA  . ASN   A 1 39  ? 0.843   -3.000  -10.466 1.000 16.876 0 39  ASN   AAA CA  1 ? 
ATOM   328  C  C   . ASN   A 1 39  ? 1.428   -3.708  -9.231  1.000 15.498 0 39  ASN   AAA C   1 ? 
ATOM   329  O  O   . ASN   A 1 39  ? 2.266   -3.068  -8.513  1.000 17.552 0 39  ASN   AAA O   1 ? 
ATOM   330  C  CB  . ASN   A 1 39  ? 1.914   -2.478  -11.389 1.000 17.585 0 39  ASN   AAA CB  1 ? 
ATOM   331  C  CG  . ASN   A 1 39  ? 2.775   -3.587  -11.973 1.000 16.867 0 39  ASN   AAA CG  1 ? 
ATOM   332  O  OD1 . ASN   A 1 39  ? 2.635   -4.742  -11.631 1.000 17.395 0 39  ASN   AAA OD1 1 ? 
ATOM   333  N  ND2 . ASN   A 1 39  ? 3.568   -3.217  -12.944 1.000 26.068 0 39  ASN   AAA ND2 1 ? 
ATOM   334  N  N   . THR   A 1 40  ? 1.074   -4.939  -8.970  1.000 16.844 0 40  THR   AAA N   1 ? 
ATOM   335  C  CA  . THR   A 1 40  ? 1.595   -5.710  -7.828  1.000 16.136 0 40  THR   AAA CA  1 ? 
ATOM   336  C  C   . THR   A 1 40  ? 3.107   -5.924  -7.933  1.000 16.420 0 40  THR   AAA C   1 ? 
ATOM   337  O  O   . THR   A 1 40  ? 3.731   -6.158  -6.839  1.000 17.336 0 40  THR   AAA O   1 ? 
ATOM   338  C  CB  . THR   A 1 40  ? 0.899   -7.057  -7.624  1.000 18.023 0 40  THR   AAA CB  1 ? 
ATOM   339  O  OG1 . THR   A 1 40  ? 1.229   -7.873  -8.756  1.000 20.664 0 40  THR   AAA OG1 1 ? 
ATOM   340  C  CG2 . THR   A 1 40  ? -0.597  -6.873  -7.487  1.000 20.291 0 40  THR   AAA CG2 1 ? 
ATOM   341  N  N   . GLN   A 1 41  ? 3.684   -5.825  -9.120  1.000 15.896 0 41  GLN   AAA N   1 ? 
ATOM   342  C  CA  . GLN   A 1 41  ? 5.119   -6.111  -9.295  1.000 15.260 0 41  GLN   AAA CA  1 ? 
ATOM   343  C  C   . GLN   A 1 41  ? 5.955   -4.834  -9.200  1.000 15.918 0 41  GLN   AAA C   1 ? 
ATOM   344  O  O   . GLN   A 1 41  ? 7.199   -4.956  -9.298  1.000 16.465 0 41  GLN   AAA O   1 ? 
ATOM   345  C  CB  . GLN   A 1 41  ? 5.373   -6.778  -10.639 1.000 15.184 0 41  GLN   AAA CB  1 ? 
ATOM   346  C  CG  . GLN   A 1 41  ? 4.671   -8.123  -10.726 1.000 17.299 0 41  GLN   AAA CG  1 ? 
ATOM   347  C  CD  . GLN   A 1 41  ? 5.233   -8.959  -11.847 1.000 18.485 0 41  GLN   AAA CD  1 ? 
ATOM   348  O  OE1 . GLN   A 1 41  ? 6.333   -9.516  -11.766 1.000 22.751 0 41  GLN   AAA OE1 1 ? 
ATOM   349  N  NE2 . GLN   A 1 41  ? 4.541   -8.968  -12.971 1.000 18.442 0 41  GLN   AAA NE2 1 ? 
ATOM   350  N  N   . ALA   A 1 42  ? 5.393   -3.663  -8.937  1.000 14.874 0 42  ALA   AAA N   1 ? 
ATOM   351  C  CA  . ALA   A 1 42  ? 6.147   -2.413  -8.942  1.000 14.986 0 42  ALA   AAA CA  1 ? 
ATOM   352  C  C   . ALA   A 1 42  ? 7.251   -2.393  -7.862  1.000 14.342 0 42  ALA   AAA C   1 ? 
ATOM   353  O  O   . ALA   A 1 42  ? 6.977   -2.765  -6.702  1.000 15.424 0 42  ALA   AAA O   1 ? 
ATOM   354  C  CB  . ALA   A 1 42  ? 5.168   -1.274  -8.704  1.000 16.620 0 42  ALA   AAA CB  1 ? 
ATOM   355  N  N   . THR   A 1 43  ? 8.447   -2.013  -8.261  1.000 15.324 0 43  THR   AAA N   1 ? 
ATOM   356  C  CA  . THR   A 1 43  ? 9.549   -1.790  -7.306  1.000 16.013 0 43  THR   AAA CA  1 ? 
ATOM   357  C  C   . THR   A 1 43  ? 10.200  -0.471  -7.627  1.000 16.369 0 43  THR   AAA C   1 ? 
ATOM   358  O  O   . THR   A 1 43  ? 10.369  -0.145  -8.800  1.000 18.724 0 43  THR   AAA O   1 ? 
ATOM   359  C  CB  . THR   A 1 43  ? 10.615  -2.884  -7.381  1.000 16.498 0 43  THR   AAA CB  1 ? 
ATOM   360  O  OG1 . THR   A 1 43  ? 11.211  -2.963  -8.694  1.000 17.206 0 43  THR   AAA OG1 1 ? 
ATOM   361  C  CG2 . THR   A 1 43  ? 10.065  -4.238  -6.997  1.000 16.134 0 43  THR   AAA CG2 1 ? 
ATOM   362  N  N   . ASN   A 1 44  ? 10.540  0.356   -6.649  1.000 15.927 0 44  ASN   AAA N   1 ? 
ATOM   363  C  CA  . ASN   A 1 44  ? 11.196  1.642   -6.890  1.000 16.239 0 44  ASN   AAA CA  1 ? 
ATOM   364  C  C   . ASN   A 1 44  ? 12.243  1.886   -5.816  1.000 17.502 0 44  ASN   AAA C   1 ? 
ATOM   365  O  O   . ASN   A 1 44  ? 11.916  1.799   -4.631  1.000 18.243 0 44  ASN   AAA O   1 ? 
ATOM   366  C  CB  . ASN   A 1 44  ? 10.143  2.742   -6.930  1.000 18.686 0 44  ASN   AAA CB  1 ? 
ATOM   367  C  CG  . ASN   A 1 44  ? 9.196   2.628   -8.102  1.000 22.126 0 44  ASN   AAA CG  1 ? 
ATOM   368  O  OD1 . ASN   A 1 44  ? 8.021   2.262   -7.936  1.000 23.289 0 44  ASN   AAA OD1 1 ? 
ATOM   369  N  ND2 . ASN   A 1 44  ? 9.671   3.008   -9.272  1.000 21.720 0 44  ASN   AAA ND2 1 ? 
ATOM   370  N  N   . ARG   A 1 45  ? 13.448  2.192   -6.244  1.000 19.892 0 45  ARG   AAA N   1 ? 
ATOM   371  C  CA  . ARG   A 1 45  ? 14.579  2.530   -5.339  1.000 22.938 0 45  ARG   AAA CA  1 ? 
ATOM   372  C  C   . ARG   A 1 45  ? 14.334  3.914   -4.751  1.000 23.896 0 45  ARG   AAA C   1 ? 
ATOM   373  O  O   . ARG   A 1 45  ? 13.861  4.845   -5.425  1.000 26.286 0 45  ARG   AAA O   1 ? 
ATOM   374  C  CB  . ARG   A 1 45  ? 15.905  2.457   -6.112  1.000 24.356 0 45  ARG   AAA CB  1 ? 
ATOM   375  C  CG  . ARG   A 1 45  ? 17.138  2.294   -5.230  1.000 27.416 0 45  ARG   AAA CG  1 ? 
ATOM   376  C  CD  . ARG   A 1 45  ? 17.107  0.883   -4.705  1.000 34.234 0 45  ARG   AAA CD  1 ? 
ATOM   377  N  NE  . ARG   A 1 45  ? 18.131  0.517   -3.726  1.000 36.838 0 45  ARG   AAA NE  1 ? 
ATOM   378  C  CZ  . ARG   A 1 45  ? 19.267  -0.118  -3.988  1.000 34.023 0 45  ARG   AAA CZ  1 ? 
ATOM   379  N  NH1 . ARG   A 1 45  ? 19.603  -0.451  -5.228  1.000 35.704 0 45  ARG   AAA NH1 1 ? 
ATOM   380  N  NH2 . ARG   A 1 45  ? 20.073  -0.422  -2.984  1.000 37.211 0 45  ARG   AAA NH2 1 ? 
ATOM   381  N  N   . ASN   A 1 46  ? 14.620  4.032   -3.461  1.000 22.705 0 46  ASN   AAA N   1 ? 
ATOM   382  C  CA  . ASN   A 1 46  ? 14.593  5.335   -2.755  1.000 25.988 0 46  ASN   AAA CA  1 ? 
ATOM   383  C  C   . ASN   A 1 46  ? 16.028  5.887   -2.724  1.000 24.945 0 46  ASN   AAA C   1 ? 
ATOM   384  O  O   . ASN   A 1 46  ? 17.001  5.082   -2.744  1.000 28.605 0 46  ASN   AAA O   1 ? 
ATOM   385  C  CB  . ASN   A 1 46  ? 14.000  5.215   -1.348  1.000 24.970 0 46  ASN   AAA CB  1 ? 
ATOM   386  C  CG  . ASN   A 1 46  ? 12.611  4.613   -1.338  1.000 25.810 0 46  ASN   AAA CG  1 ? 
ATOM   387  O  OD1 . ASN   A 1 46  ? 12.335  3.632   -0.635  1.000 26.684 0 46  ASN   AAA OD1 1 ? 
ATOM   388  N  ND2 . ASN   A 1 46  ? 11.748  5.163   -2.144  1.000 27.657 0 46  ASN   AAA ND2 1 ? 
ATOM   389  N  N   . THR   A 1 47  ? 16.116  7.197   -2.545  1.000 33.194 0 47  THR   AAA N   1 ? 
ATOM   390  C  CA  . THR   A 1 47  ? 17.400  7.939   -2.419  1.000 38.545 0 47  THR   AAA CA  1 ? 
ATOM   391  C  C   . THR   A 1 47  ? 18.240  7.355   -1.280  1.000 36.837 0 47  THR   AAA C   1 ? 
ATOM   392  O  O   . THR   A 1 47  ? 19.472  7.351   -1.417  1.000 41.860 0 47  THR   AAA O   1 ? 
ATOM   393  C  CB  . THR   A 1 47  ? 17.177  9.442   -2.224  1.000 40.150 0 47  THR   AAA CB  1 ? 
ATOM   394  O  OG1 . THR   A 1 47  ? 16.365  9.679   -1.076  1.000 47.167 0 47  THR   AAA OG1 1 ? 
ATOM   395  C  CG2 . THR   A 1 47  ? 16.521  10.102  -3.415  1.000 43.069 0 47  THR   AAA CG2 1 ? 
ATOM   396  N  N   . ASP   A 1 48  ? 17.611  6.869   -0.206  1.000 33.647 0 48  ASP   AAA N   1 ? 
ATOM   397  C  CA  . ASP   A 1 48  ? 18.316  6.398   1.011   1.000 30.908 0 48  ASP   AAA CA  1 ? 
ATOM   398  C  C   . ASP   A 1 48  ? 18.876  4.979   0.796   1.000 32.895 0 48  ASP   AAA C   1 ? 
ATOM   399  O  O   . ASP   A 1 48  ? 19.512  4.474   1.725   1.000 33.857 0 48  ASP   AAA O   1 ? 
ATOM   400  C  CB  . ASP   A 1 48  ? 17.406  6.614   2.230   1.000 31.632 0 48  ASP   AAA CB  1 ? 
ATOM   401  C  CG  . ASP   A 1 48  ? 16.276  5.611   2.292   1.000 34.072 0 48  ASP   AAA CG  1 ? 
ATOM   402  O  OD1 . ASP   A 1 48  ? 16.154  4.854   1.311   1.000 26.760 0 48  ASP   AAA OD1 1 ? 
ATOM   403  O  OD2 . ASP   A 1 48  ? 15.568  5.563   3.316   1.000 33.432 0 48  ASP   AAA OD2 1 ? 
ATOM   404  N  N   . GLY   A 1 49  ? 18.638  4.350   -0.371  1.000 30.657 0 49  GLY   AAA N   1 ? 
ATOM   405  C  CA  . GLY   A 1 49  ? 19.141  3.003   -0.715  1.000 31.777 0 49  GLY   AAA CA  1 ? 
ATOM   406  C  C   . GLY   A 1 49  ? 18.123  1.906   -0.415  1.000 28.429 0 49  GLY   AAA C   1 ? 
ATOM   407  O  O   . GLY   A 1 49  ? 18.337  0.732   -0.787  1.000 30.071 0 49  GLY   AAA O   1 ? 
ATOM   408  N  N   . SER   A 1 50  ? 17.035  2.253   0.277   1.000 22.830 0 50  SER   AAA N   1 ? 
ATOM   409  C  CA  . SER   A 1 50  ? 15.878  1.357   0.460   1.000 21.821 0 50  SER   AAA CA  1 ? 
ATOM   410  C  C   . SER   A 1 50  ? 15.133  1.245   -0.883  1.000 16.836 0 50  SER   AAA C   1 ? 
ATOM   411  O  O   . SER   A 1 50  ? 15.414  2.009   -1.773  1.000 19.741 0 50  SER   AAA O   1 ? 
ATOM   412  C  CB  . SER   A 1 50  ? 15.025  1.805   1.580   1.000 19.798 0 50  SER   AAA CB  1 ? 
ATOM   413  O  OG  . SER   A 1 50  ? 14.313  2.961   1.282   1.000 19.972 0 50  SER   AAA OG  1 ? 
ATOM   414  N  N   . THR   A 1 51  ? 14.231  0.295   -0.905  1.000 16.418 0 51  THR   AAA N   1 ? 
ATOM   415  C  CA  . THR   A 1 51  ? 13.352  0.080   -2.078  1.000 15.581 0 51  THR   AAA CA  1 ? 
ATOM   416  C  C   . THR   A 1 51  ? 11.935  -0.032  -1.529  1.000 15.611 0 51  THR   AAA C   1 ? 
ATOM   417  O  O   . THR   A 1 51  ? 11.713  -0.638  -0.449  1.000 15.222 0 51  THR   AAA O   1 ? 
ATOM   418  C  CB  . THR   A 1 51  ? 13.871  -1.150  -2.818  1.000 16.412 0 51  THR   AAA CB  1 ? 
ATOM   419  O  OG1 . THR   A 1 51  ? 15.211  -0.950  -3.252  1.000 18.765 0 51  THR   AAA OG1 1 ? 
ATOM   420  C  CG2 . THR   A 1 51  ? 13.043  -1.505  -4.040  1.000 16.472 0 51  THR   AAA CG2 1 ? 
ATOM   421  N  N   . ASP   A 1 52  ? 10.997  0.388   -2.390  1.000 16.046 0 52  ASP   AAA N   1 ? 
ATOM   422  C  CA  . ASP   A 1 52  ? 9.563   0.211   -2.121  1.000 16.190 0 52  ASP   AAA CA  1 ? 
ATOM   423  C  C   . ASP   A 1 52  ? 8.971   -0.864  -3.015  1.000 13.876 0 52  ASP   AAA C   1 ? 
ATOM   424  O  O   . ASP   A 1 52  ? 9.400   -0.951  -4.209  1.000 15.150 0 52  ASP   AAA O   1 ? 
ATOM   425  C  CB  . ASP   A 1 52  ? 8.783   1.498   -2.370  1.000 17.153 0 52  ASP   AAA CB  1 ? 
ATOM   426  C  CG  . ASP   A 1 52  ? 9.032   2.607   -1.382  1.000 20.295 0 52  ASP   AAA CG  1 ? 
ATOM   427  O  OD1 . ASP   A 1 52  ? 9.686   2.387   -0.384  1.000 20.526 0 52  ASP   AAA OD1 1 ? 
ATOM   428  O  OD2 . ASP   A 1 52  ? 8.464   3.693   -1.626  1.000 27.355 0 52  ASP   AAA OD2 1 ? 
ATOM   429  N  N   . TYR   A 1 53  ? 8.202   -1.739  -2.434  1.000 14.563 0 53  TYR   AAA N   1 ? 
ATOM   430  C  CA  . TYR   A 1 53  ? 7.713   -2.964  -3.058  1.000 14.418 0 53  TYR   AAA CA  1 ? 
ATOM   431  C  C   . TYR   A 1 53  ? 6.195   -3.037  -3.106  1.000 15.515 0 53  TYR   AAA C   1 ? 
ATOM   432  O  O   . TYR   A 1 53  ? 5.508   -2.934  -2.096  1.000 16.042 0 53  TYR   AAA O   1 ? 
ATOM   433  C  CB  . TYR   A 1 53  ? 8.250   -4.165  -2.279  1.000 14.547 0 53  TYR   AAA CB  1 ? 
ATOM   434  C  CG  . TYR   A 1 53  ? 9.738   -4.331  -2.353  1.000 15.000 0 53  TYR   AAA CG  1 ? 
ATOM   435  C  CD1 . TYR   A 1 53  ? 10.538  -3.636  -1.459  1.000 16.051 0 53  TYR   AAA CD1 1 ? 
ATOM   436  C  CD2 . TYR   A 1 53  ? 10.350  -5.085  -3.345  1.000 15.678 0 53  TYR   AAA CD2 1 ? 
ATOM   437  C  CE1 . TYR   A 1 53  ? 11.913  -3.772  -1.520  1.000 16.616 0 53  TYR   AAA CE1 1 ? 
ATOM   438  C  CE2 . TYR   A 1 53  ? 11.722  -5.195  -3.439  1.000 16.437 0 53  TYR   AAA CE2 1 ? 
ATOM   439  C  CZ  . TYR   A 1 53  ? 12.506  -4.481  -2.548  1.000 15.770 0 53  TYR   AAA CZ  1 ? 
ATOM   440  O  OH  . TYR   A 1 53  ? 13.865  -4.617  -2.574  1.000 16.488 0 53  TYR   AAA OH  1 ? 
ATOM   441  N  N   . GLY   A 1 54  ? 5.704   -3.376  -4.290  1.000 14.177 0 54  GLY   AAA N   1 ? 
ATOM   442  C  CA  . GLY   A 1 54  ? 4.342   -3.834  -4.539  1.000 14.969 0 54  GLY   AAA CA  1 ? 
ATOM   443  C  C   . GLY   A 1 54  ? 3.312   -2.712  -4.613  1.000 14.046 0 54  GLY   AAA C   1 ? 
ATOM   444  O  O   . GLY   A 1 54  ? 3.619   -1.552  -4.811  1.000 13.886 0 54  GLY   AAA O   1 ? 
ATOM   445  N  N   . ILE   A 1 55  ? 2.077   -3.185  -4.572  1.000 16.150 0 55  ILE   AAA N   1 ? 
ATOM   446  C  CA  . ILE   A 1 55  ? 0.852   -2.385  -4.837  1.000 17.135 0 55  ILE   AAA CA  1 ? 
ATOM   447  C  C   . ILE   A 1 55  ? 0.808   -1.144  -3.924  1.000 16.653 0 55  ILE   AAA C   1 ? 
ATOM   448  O  O   . ILE   A 1 55  ? 0.335   -0.101  -4.341  1.000 17.729 0 55  ILE   AAA O   1 ? 
ATOM   449  C  CB  . ILE   A 1 55  ? -0.355  -3.322  -4.642  1.000 21.705 0 55  ILE   AAA CB  1 ? 
ATOM   450  C  CG1 . ILE   A 1 55  ? -1.639  -2.673  -5.163  1.000 23.325 0 55  ILE   AAA CG1 1 ? 
ATOM   451  C  CG2 . ILE   A 1 55  ? -0.513  -3.813  -3.221  1.000 21.551 0 55  ILE   AAA CG2 1 ? 
ATOM   452  C  CD1 . ILE   A 1 55  ? -1.751  -2.721  -6.651  1.000 26.088 0 55  ILE   AAA CD1 1 ? 
ATOM   453  N  N   . LEU   A 1 56  ? 1.349   -1.242  -2.704  1.000 17.505 0 56  LEU   AAA N   1 ? 
ATOM   454  C  CA  . LEU   A 1 56  ? 1.357   -0.120  -1.731  1.000 17.314 0 56  LEU   AAA CA  1 ? 
ATOM   455  C  C   . LEU   A 1 56  ? 2.784   0.336   -1.402  1.000 18.027 0 56  LEU   AAA C   1 ? 
ATOM   456  O  O   . LEU   A 1 56  ? 2.968   1.091   -0.475  1.000 19.369 0 56  LEU   AAA O   1 ? 
ATOM   457  C  CB  . LEU   A 1 56  ? 0.551   -0.525  -0.494  1.000 19.157 0 56  LEU   AAA CB  1 ? 
ATOM   458  C  CG  . LEU   A 1 56  ? -0.963  -0.347  -0.657  1.000 21.741 0 56  LEU   AAA CG  1 ? 
ATOM   459  C  CD1 . LEU   A 1 56  ? -1.692  -0.969  0.521   1.000 23.135 0 56  LEU   AAA CD1 1 ? 
ATOM   460  C  CD2 . LEU   A 1 56  ? -1.367  1.117   -0.841  1.000 22.144 0 56  LEU   AAA CD2 1 ? 
ATOM   461  N  N   . GLN   A 1 57  ? 3.768   -0.082  -2.196  1.000 16.578 0 57  GLN   AAA N   1 ? 
ATOM   462  C  CA  . GLN   A 1 57  ? 5.136   0.486   -2.158  1.000 16.795 0 57  GLN   AAA CA  1 ? 
ATOM   463  C  C   . GLN   A 1 57  ? 5.678   0.481   -0.726  1.000 17.393 0 57  GLN   AAA C   1 ? 
ATOM   464  O  O   . GLN   A 1 57  ? 6.134   1.514   -0.228  1.000 18.933 0 57  GLN   AAA O   1 ? 
ATOM   465  C  CB  . GLN   A 1 57  ? 5.167   1.839   -2.823  1.000 16.730 0 57  GLN   AAA CB  1 ? 
ATOM   466  C  CG  . GLN   A 1 57  ? 5.016   1.750   -4.329  1.000 15.638 0 57  GLN   AAA CG  1 ? 
ATOM   467  C  CD  . GLN   A 1 57  ? 6.223   1.147   -5.005  1.000 15.589 0 57  GLN   AAA CD  1 ? 
ATOM   468  O  OE1 . GLN   A 1 57  ? 7.206   1.831   -5.208  1.000 17.250 0 57  GLN   AAA OE1 1 ? 
ATOM   469  N  NE2 . GLN   A 1 57  ? 6.114   -0.149  -5.251  1.000 15.435 0 57  GLN   AAA NE2 1 ? 
ATOM   470  N  N   . ILE   A 1 58  ? 5.661   -0.686  -0.155  1.000 17.511 0 58  ILE   AAA N   1 ? 
ATOM   471  C  CA  . ILE   A 1 58  ? 6.144   -0.901  1.241   1.000 18.322 0 58  ILE   AAA CA  1 ? 
ATOM   472  C  C   . ILE   A 1 58  ? 7.658   -0.905  1.228   1.000 17.364 0 58  ILE   AAA C   1 ? 
ATOM   473  O  O   . ILE   A 1 58  ? 8.293   -1.565  0.416   1.000 16.757 0 58  ILE   AAA O   1 ? 
ATOM   474  C  CB  . ILE   A 1 58  ? 5.508   -2.152  1.827   1.000 19.395 0 58  ILE   AAA CB  1 ? 
ATOM   475  C  CG1 . ILE   A 1 58  ? 4.014   -1.821  2.013   1.000 24.199 0 58  ILE   AAA CG1 1 ? 
ATOM   476  C  CG2 . ILE   A 1 58  ? 6.173   -2.631  3.123   1.000 20.563 0 58  ILE   AAA CG2 1 ? 
ATOM   477  C  CD1 . ILE   A 1 58  ? 3.183   -2.990  2.307   1.000 27.315 0 58  ILE   AAA CD1 1 ? 
ATOM   478  N  N   . ASN   A 1 59  ? 8.202   -0.133  2.149   1.000 18.204 0 59  ASN   AAA N   1 ? 
ATOM   479  C  CA  . ASN   A 1 59  ? 9.604   0.287   2.195   1.000 19.360 0 59  ASN   AAA CA  1 ? 
ATOM   480  C  C   . ASN   A 1 59  ? 10.447  -0.736  2.965   1.000 18.671 0 59  ASN   AAA C   1 ? 
ATOM   481  O  O   . ASN   A 1 59  ? 10.095  -1.115  4.090   1.000 22.516 0 59  ASN   AAA O   1 ? 
ATOM   482  C  CB  . ASN   A 1 59  ? 9.692   1.663   2.857   1.000 22.034 0 59  ASN   AAA CB  1 ? 
ATOM   483  C  CG  A ASN   A 1 59  ? 11.076  2.232   2.698   0.600 25.367 0 59  ASN   AAA CG  1 ? 
ATOM   484  C  CG  B ASN   A 1 59  ? 10.992  2.382   2.615   0.400 20.891 0 59  ASN   AAA CG  1 ? 
ATOM   485  O  OD1 A ASN   A 1 59  ? 11.923  2.027   3.568   0.600 25.927 0 59  ASN   AAA OD1 1 ? 
ATOM   486  O  OD1 B ASN   A 1 59  ? 11.950  1.774   2.176   0.400 19.334 0 59  ASN   AAA OD1 1 ? 
ATOM   487  N  ND2 A ASN   A 1 59  ? 11.341  2.854   1.567   0.600 29.694 0 59  ASN   AAA ND2 1 ? 
ATOM   488  N  ND2 B ASN   A 1 59  ? 11.003  3.693   2.816   0.400 19.998 0 59  ASN   AAA ND2 1 ? 
ATOM   489  N  N   . SER   A 1 60  ? 11.566  -1.111  2.394   1.000 18.406 0 60  SER   AAA N   1 ? 
ATOM   490  C  CA  . SER   A 1 60  ? 12.541  -2.054  2.996   1.000 18.333 0 60  SER   AAA CA  1 ? 
ATOM   491  C  C   . SER   A 1 60  ? 13.325  -1.430  4.170   1.000 21.137 0 60  SER   AAA C   1 ? 
ATOM   492  O  O   . SER   A 1 60  ? 13.989  -2.223  4.802   1.000 25.686 0 60  SER   AAA O   1 ? 
ATOM   493  C  CB  . SER   A 1 60  ? 13.483  -2.565  1.916   1.000 16.840 0 60  SER   AAA CB  1 ? 
ATOM   494  O  OG  . SER   A 1 60  ? 14.259  -1.558  1.429   1.000 16.976 0 60  SER   AAA OG  1 ? 
ATOM   495  N  N   . ARG   A 1 61  ? 13.268  -0.119  4.372   1.000 22.416 0 61  ARG   AAA N   1 ? 
ATOM   496  C  CA  . ARG   A 1 61  ? 14.001  0.554   5.499   1.000 26.164 0 61  ARG   AAA CA  1 ? 
ATOM   497  C  C   . ARG   A 1 61  ? 13.411  0.038   6.799   1.000 26.347 0 61  ARG   AAA C   1 ? 
ATOM   498  O  O   . ARG   A 1 61  ? 14.169  -0.060  7.773   1.000 26.473 0 61  ARG   AAA O   1 ? 
ATOM   499  C  CB  . ARG   A 1 61  ? 13.871  2.078   5.421   1.000 31.931 0 61  ARG   AAA CB  1 ? 
ATOM   500  C  CG  . ARG   A 1 61  ? 14.475  2.844   6.594   1.000 37.764 0 61  ARG   AAA CG  1 ? 
ATOM   501  C  CD  . ARG   A 1 61  ? 15.974  2.667   6.687   1.000 43.088 0 61  ARG   AAA CD  1 ? 
ATOM   502  N  NE  . ARG   A 1 61  ? 16.615  3.199   5.491   1.000 51.302 0 61  ARG   AAA NE  1 ? 
ATOM   503  C  CZ  . ARG   A 1 61  ? 17.838  2.879   5.071   1.000 50.146 0 61  ARG   AAA CZ  1 ? 
ATOM   504  N  NH1 . ARG   A 1 61  ? 18.582  2.025   5.755   1.000 55.117 0 61  ARG   AAA NH1 1 ? 
ATOM   505  N  NH2 . ARG   A 1 61  ? 18.310  3.416   3.962   1.000 50.556 0 61  ARG   AAA NH2 1 ? 
ATOM   506  N  N   . TRP   A 1 62  ? 12.112  -0.232  6.869   1.000 23.536 0 62  TRP   AAA N   1 ? 
ATOM   507  C  CA  . TRP   A 1 62  ? 11.420  -0.587  8.136   1.000 22.126 0 62  TRP   AAA CA  1 ? 
ATOM   508  C  C   . TRP   A 1 62  ? 10.619  -1.866  8.064   1.000 21.462 0 62  TRP   AAA C   1 ? 
ATOM   509  O  O   . TRP   A 1 62  ? 10.465  -2.501  9.106   1.000 23.417 0 62  TRP   AAA O   1 ? 
ATOM   510  C  CB  . TRP   A 1 62  ? 10.461  0.538   8.541   1.000 24.034 0 62  TRP   AAA CB  1 ? 
ATOM   511  C  CG  . TRP   A 1 62  ? 11.143  1.863   8.707   1.000 29.731 0 62  TRP   AAA CG  1 ? 
ATOM   512  C  CD1 . TRP   A 1 62  ? 11.066  2.952   7.889   1.000 31.497 0 62  TRP   AAA CD1 1 ? 
ATOM   513  C  CD2 . TRP   A 1 62  ? 12.100  2.203   9.727   1.000 32.130 0 62  TRP   AAA CD2 1 ? 
ATOM   514  N  NE1 . TRP   A 1 62  ? 11.860  3.965   8.362   1.000 37.337 0 62  TRP   AAA NE1 1 ? 
ATOM   515  C  CE2 . TRP   A 1 62  ? 12.503  3.531   9.492   1.000 36.126 0 62  TRP   AAA CE2 1 ? 
ATOM   516  C  CE3 . TRP   A 1 62  ? 12.637  1.510   10.816  1.000 37.598 0 62  TRP   AAA CE3 1 ? 
ATOM   517  C  CZ2 . TRP   A 1 62  ? 13.411  4.188   10.323  1.000 41.033 0 62  TRP   AAA CZ2 1 ? 
ATOM   518  C  CZ3 . TRP   A 1 62  ? 13.545  2.154   11.634  1.000 41.501 0 62  TRP   AAA CZ3 1 ? 
ATOM   519  C  CH2 . TRP   A 1 62  ? 13.919  3.477   11.388  1.000 41.933 0 62  TRP   AAA CH2 1 ? 
ATOM   520  N  N   . TRP   A 1 63  ? 9.984   -2.217  6.919   1.000 19.576 0 63  TRP   AAA N   1 ? 
ATOM   521  C  CA  . TRP   A 1 63  ? 8.811   -3.097  6.993   1.000 20.363 0 63  TRP   AAA CA  1 ? 
ATOM   522  C  C   . TRP   A 1 63  ? 9.144   -4.484  6.475   1.000 16.827 0 63  TRP   AAA C   1 ? 
ATOM   523  O  O   . TRP   A 1 63  ? 8.461   -5.396  6.817   1.000 19.690 0 63  TRP   AAA O   1 ? 
ATOM   524  C  CB  . TRP   A 1 63  ? 7.654   -2.450  6.227   1.000 18.522 0 63  TRP   AAA CB  1 ? 
ATOM   525  C  CG  . TRP   A 1 63  ? 7.315   -1.116  6.839   1.000 20.303 0 63  TRP   AAA CG  1 ? 
ATOM   526  C  CD1 . TRP   A 1 63  ? 7.595   0.102   6.301   1.000 20.411 0 63  TRP   AAA CD1 1 ? 
ATOM   527  C  CD2 . TRP   A 1 63  ? 6.838   -0.853  8.175   1.000 22.258 0 63  TRP   AAA CD2 1 ? 
ATOM   528  N  NE1 . TRP   A 1 63  ? 7.236   1.117   7.168   1.000 22.196 0 63  TRP   AAA NE1 1 ? 
ATOM   529  C  CE2 . TRP   A 1 63  ? 6.791   0.550   8.320   1.000 21.933 0 63  TRP   AAA CE2 1 ? 
ATOM   530  C  CE3 . TRP   A 1 63  ? 6.364   -1.661  9.202   1.000 22.971 0 63  TRP   AAA CE3 1 ? 
ATOM   531  C  CZ2 . TRP   A 1 63  ? 6.300   1.176   9.471   1.000 22.739 0 63  TRP   AAA CZ2 1 ? 
ATOM   532  C  CZ3 . TRP   A 1 63  ? 5.854   -1.048  10.334  1.000 24.252 0 63  TRP   AAA CZ3 1 ? 
ATOM   533  C  CH2 . TRP   A 1 63  ? 5.848   0.337   10.453  1.000 24.723 0 63  TRP   AAA CH2 1 ? 
ATOM   534  N  N   . CYS   A 1 64  ? 10.066  -4.607  5.517   1.000 19.488 0 64  CYS   AAA N   1 ? 
ATOM   535  C  CA  . CYS   A 1 64  ? 10.329  -5.904  4.884   1.000 19.644 0 64  CYS   AAA CA  1 ? 
ATOM   536  C  C   . CYS   A 1 64  ? 11.819  -6.084  4.663   1.000 18.039 0 64  CYS   AAA C   1 ? 
ATOM   537  O  O   . CYS   A 1 64  ? 12.541  -5.105  4.661   1.000 18.698 0 64  CYS   AAA O   1 ? 
ATOM   538  C  CB  . CYS   A 1 64  ? 9.569   -6.106  3.588   1.000 19.112 0 64  CYS   AAA CB  1 ? 
ATOM   539  S  SG  . CYS   A 1 64  ? 9.967   -4.981  2.237   1.000 19.049 0 64  CYS   AAA SG  1 ? 
ATOM   540  N  N   . ASN   A 1 65  ? 12.191  -7.354  4.497   1.000 18.979 0 65  ASN   AAA N   1 ? 
ATOM   541  C  CA  . ASN   A 1 65  ? 13.603  -7.681  4.292   1.000 19.869 0 65  ASN   AAA CA  1 ? 
ATOM   542  C  C   . ASN   A 1 65  ? 13.886  -7.903  2.802   1.000 17.249 0 65  ASN   AAA C   1 ? 
ATOM   543  O  O   . ASN   A 1 65  ? 13.284  -8.821  2.237   1.000 19.094 0 65  ASN   AAA O   1 ? 
ATOM   544  C  CB  . ASN   A 1 65  ? 14.110  -8.836  5.139   1.000 21.787 0 65  ASN   AAA CB  1 ? 
ATOM   545  C  CG  . ASN   A 1 65  ? 15.553  -9.082  4.763   1.000 22.418 0 65  ASN   AAA CG  1 ? 
ATOM   546  O  OD1 . ASN   A 1 65  ? 16.379  -8.185  4.887   1.000 22.735 0 65  ASN   AAA OD1 1 ? 
ATOM   547  N  ND2 . ASN   A 1 65  ? 15.781  -10.236 4.167   1.000 27.250 0 65  ASN   AAA ND2 1 ? 
ATOM   548  N  N   . ASP   A 1 66  ? 14.783  -7.075  2.293   1.000 17.066 0 66  ASP   AAA N   1 ? 
ATOM   549  C  CA  . ASP   A 1 66  ? 15.302  -7.305  0.909   1.000 18.622 0 66  ASP   AAA CA  1 ? 
ATOM   550  C  C   . ASP   A 1 66  ? 16.798  -7.603  0.878   1.000 19.951 0 66  ASP   AAA C   1 ? 
ATOM   551  O  O   . ASP   A 1 66  ? 17.309  -7.784  -0.233  1.000 21.156 0 66  ASP   AAA O   1 ? 
ATOM   552  C  CB  . ASP   A 1 66  ? 14.997  -6.196  -0.081  1.000 17.785 0 66  ASP   AAA CB  1 ? 
ATOM   553  C  CG  . ASP   A 1 66  ? 15.703  -4.878  0.143   1.000 17.973 0 66  ASP   AAA CG  1 ? 
ATOM   554  O  OD1 . ASP   A 1 66  ? 16.591  -4.770  1.047   1.000 19.096 0 66  ASP   AAA OD1 1 ? 
ATOM   555  O  OD2 . ASP   A 1 66  ? 15.400  -3.911  -0.559  1.000 16.675 0 66  ASP   AAA OD2 1 ? 
ATOM   556  N  N   . GLY   A 1 67  ? 17.443  -7.736  2.036   1.000 19.761 0 67  GLY   AAA N   1 ? 
ATOM   557  C  CA  . GLY   A 1 67  ? 18.857  -8.149  2.139   1.000 21.812 0 67  GLY   AAA CA  1 ? 
ATOM   558  C  C   . GLY   A 1 67  ? 19.826  -7.132  1.597   1.000 22.842 0 67  GLY   AAA C   1 ? 
ATOM   559  O  O   . GLY   A 1 67  ? 21.042  -7.435  1.581   1.000 25.886 0 67  GLY   AAA O   1 ? 
ATOM   560  N  N   . ARG   A 1 68  ? 19.406  -5.957  1.153   1.000 20.137 0 68  ARG   AAA N   1 ? 
ATOM   561  C  CA  . ARG   A 1 68  ? 20.354  -4.955  0.640   1.000 20.801 0 68  ARG   AAA CA  1 ? 
ATOM   562  C  C   . ARG   A 1 68  ? 20.084  -3.559  1.202   1.000 21.536 0 68  ARG   AAA C   1 ? 
ATOM   563  O  O   . ARG   A 1 68  ? 20.523  -2.558  0.575   1.000 26.530 0 68  ARG   AAA O   1 ? 
ATOM   564  C  CB  . ARG   A 1 68  ? 20.361  -4.953  -0.881  1.000 20.847 0 68  ARG   AAA CB  1 ? 
ATOM   565  C  CG  . ARG   A 1 68  ? 19.071  -4.418  -1.498  1.000 21.781 0 68  ARG   AAA CG  1 ? 
ATOM   566  C  CD  . ARG   A 1 68  ? 19.251  -4.233  -2.983  1.000 21.717 0 68  ARG   AAA CD  1 ? 
ATOM   567  N  NE  . ARG   A 1 68  ? 18.150  -3.438  -3.459  1.000 22.098 0 68  ARG   AAA NE  1 ? 
ATOM   568  C  CZ  . ARG   A 1 68  ? 17.808  -3.322  -4.742  1.000 20.760 0 68  ARG   AAA CZ  1 ? 
ATOM   569  N  NH1 . ARG   A 1 68  ? 18.509  -3.929  -5.698  1.000 21.194 0 68  ARG   AAA NH1 1 ? 
ATOM   570  N  NH2 . ARG   A 1 68  ? 16.803  -2.517  -5.086  1.000 19.413 0 68  ARG   AAA NH2 1 ? 
ATOM   571  N  N   . THR   A 1 69  ? 19.378  -3.464  2.324   1.000 21.584 0 69  THR   AAA N   1 ? 
ATOM   572  C  CA  . THR   A 1 69  ? 19.044  -2.145  2.920   1.000 22.503 0 69  THR   AAA CA  1 ? 
ATOM   573  C  C   . THR   A 1 69  ? 19.713  -2.069  4.292   1.000 21.876 0 69  THR   AAA C   1 ? 
ATOM   574  O  O   . THR   A 1 69  ? 19.185  -2.616  5.239   1.000 25.470 0 69  THR   AAA O   1 ? 
ATOM   575  C  CB  . THR   A 1 69  ? 17.532  -1.908  3.030   1.000 23.004 0 69  THR   AAA CB  1 ? 
ATOM   576  O  OG1 . THR   A 1 69  ? 16.886  -2.192  1.761   1.000 20.832 0 69  THR   AAA OG1 1 ? 
ATOM   577  C  CG2 . THR   A 1 69  ? 17.197  -0.497  3.463   1.000 24.127 0 69  THR   AAA CG2 1 ? 
ATOM   578  N  N   . PRO   A 1 70  ? 20.892  -1.442  4.367   1.000 25.719 0 70  PRO   AAA N   1 ? 
ATOM   579  C  CA  . PRO   A 1 70  ? 21.675  -1.465  5.600   1.000 27.388 0 70  PRO   AAA CA  1 ? 
ATOM   580  C  C   . PRO   A 1 70  ? 20.945  -0.751  6.726   1.000 31.910 0 70  PRO   AAA C   1 ? 
ATOM   581  O  O   . PRO   A 1 70  ? 20.415  0.315   6.507   1.000 36.666 0 70  PRO   AAA O   1 ? 
ATOM   582  C  CB  . PRO   A 1 70  ? 22.953  -0.663  5.309   1.000 33.022 0 70  PRO   AAA CB  1 ? 
ATOM   583  C  CG  . PRO   A 1 70  ? 23.024  -0.598  3.799   1.000 30.423 0 70  PRO   AAA CG  1 ? 
ATOM   584  C  CD  . PRO   A 1 70  ? 21.600  -0.743  3.290   1.000 29.988 0 70  PRO   AAA CD  1 ? 
ATOM   585  N  N   . GLY   A 1 71  ? 20.938  -1.379  7.901   1.000 32.472 0 71  GLY   AAA N   1 ? 
ATOM   586  C  CA  . GLY   A 1 71  ? 20.473  -0.748  9.144   1.000 38.720 0 71  GLY   AAA CA  1 ? 
ATOM   587  C  C   . GLY   A 1 71  ? 18.972  -0.773  9.194   1.000 35.531 0 71  GLY   AAA C   1 ? 
ATOM   588  O  O   . GLY   A 1 71  ? 18.394  -0.058  10.014  1.000 43.689 0 71  GLY   AAA O   1 ? 
ATOM   589  N  N   . SER   A 1 72  ? 18.362  -1.562  8.317   1.000 38.114 0 72  SER   AAA N   1 ? 
ATOM   590  C  CA  . SER   A 1 72  ? 16.902  -1.589  8.145   1.000 36.037 0 72  SER   AAA CA  1 ? 
ATOM   591  C  C   . SER   A 1 72  ? 16.328  -2.590  9.133   1.000 38.960 0 72  SER   AAA C   1 ? 
ATOM   592  O  O   . SER   A 1 72  ? 17.081  -3.413  9.696   1.000 38.831 0 72  SER   AAA O   1 ? 
ATOM   593  C  CB  . SER   A 1 72  ? 16.534  -1.927  6.736   1.000 35.812 0 72  SER   AAA CB  1 ? 
ATOM   594  O  OG  . SER   A 1 72  ? 16.787  -3.303  6.476   1.000 33.009 0 72  SER   AAA OG  1 ? 
ATOM   595  N  N   . ARG   A 1 73  ? 15.034  -2.460  9.358   1.000 29.925 0 73  ARG   AAA N   1 ? 
ATOM   596  C  CA  . ARG   A 1 73  ? 14.217  -3.453  10.057  1.000 31.819 0 73  ARG   AAA CA  1 ? 
ATOM   597  C  C   . ARG   A 1 73  ? 13.287  -4.116  9.037   1.000 28.048 0 73  ARG   AAA C   1 ? 
ATOM   598  O  O   . ARG   A 1 73  ? 13.312  -3.714  7.814   1.000 32.301 0 73  ARG   AAA O   1 ? 
ATOM   599  C  CB  . ARG   A 1 73  ? 13.445  -2.770  11.189  1.000 32.159 0 73  ARG   AAA CB  1 ? 
ATOM   600  C  CG  . ARG   A 1 73  ? 14.339  -1.950  12.114  1.000 35.982 0 73  ARG   AAA CG  1 ? 
ATOM   601  C  CD  . ARG   A 1 73  ? 14.869  -2.767  13.283  1.000 42.222 0 73  ARG   AAA CD  1 ? 
ATOM   602  N  NE  . ARG   A 1 73  ? 14.012  -2.620  14.458  1.000 49.917 0 73  ARG   AAA NE  1 ? 
ATOM   603  C  CZ  . ARG   A 1 73  ? 13.271  -3.573  15.017  1.000 53.176 0 73  ARG   AAA CZ  1 ? 
ATOM   604  N  NH1 . ARG   A 1 73  ? 13.262  -4.811  14.540  1.000 55.186 0 73  ARG   AAA NH1 1 ? 
ATOM   605  N  NH2 . ARG   A 1 73  ? 12.531  -3.274  16.071  1.000 56.855 0 73  ARG   AAA NH2 1 ? 
ATOM   606  N  N   . ASN   A 1 74  ? 12.594  -5.127  9.538   1.000 25.398 0 74  ASN   AAA N   1 ? 
ATOM   607  C  CA  . ASN   A 1 74  ? 11.633  -6.065  8.936   1.000 24.760 0 74  ASN   AAA CA  1 ? 
ATOM   608  C  C   . ASN   A 1 74  ? 10.473  -6.229  9.927   1.000 22.477 0 74  ASN   AAA C   1 ? 
ATOM   609  O  O   . ASN   A 1 74  ? 10.158  -7.349  10.345  1.000 24.292 0 74  ASN   AAA O   1 ? 
ATOM   610  C  CB  . ASN   A 1 74  ? 12.347  -7.381  8.616   1.000 23.603 0 74  ASN   AAA CB  1 ? 
ATOM   611  C  CG  . ASN   A 1 74  ? 11.464  -8.378  7.909   1.000 25.594 0 74  ASN   AAA CG  1 ? 
ATOM   612  O  OD1 . ASN   A 1 74  ? 10.412  -8.029  7.405   1.000 24.066 0 74  ASN   AAA OD1 1 ? 
ATOM   613  N  ND2 . ASN   A 1 74  ? 11.857  -9.640  7.866   1.000 26.228 0 74  ASN   AAA ND2 1 ? 
ATOM   614  N  N   . LEU   A 1 75  ? 9.706   -5.150  10.097  1.000 24.178 0 75  LEU   AAA N   1 ? 
ATOM   615  C  CA  . LEU   A 1 75  ? 8.681   -5.087  11.167  1.000 25.731 0 75  LEU   AAA CA  1 ? 
ATOM   616  C  C   . LEU   A 1 75  ? 7.456   -5.896  10.739  1.000 25.349 0 75  LEU   AAA C   1 ? 
ATOM   617  O  O   . LEU   A 1 75  ? 6.733   -6.351  11.625  1.000 29.186 0 75  LEU   AAA O   1 ? 
ATOM   618  C  CB  . LEU   A 1 75  ? 8.410   -3.626  11.518  1.000 27.698 0 75  LEU   AAA CB  1 ? 
ATOM   619  C  CG  . LEU   A 1 75  ? 9.589   -2.950  12.210  1.000 30.383 0 75  LEU   AAA CG  1 ? 
ATOM   620  C  CD1 . LEU   A 1 75  ? 9.403   -1.456  12.311  1.000 31.630 0 75  LEU   AAA CD1 1 ? 
ATOM   621  C  CD2 . LEU   A 1 75  ? 9.833   -3.557  13.593  1.000 32.255 0 75  LEU   AAA CD2 1 ? 
ATOM   622  N  N   . CYS   A 1 76  ? 7.256   -6.173  9.432   1.000 21.847 0 76  CYS   AAA N   1 ? 
ATOM   623  C  CA  . CYS   A 1 76  ? 6.179   -7.045  8.953   1.000 21.111 0 76  CYS   AAA CA  1 ? 
ATOM   624  C  C   . CYS   A 1 76  ? 6.634   -8.503  8.852   1.000 18.563 0 76  CYS   AAA C   1 ? 
ATOM   625  O  O   . CYS   A 1 76  ? 5.832   -9.356  8.494   1.000 22.849 0 76  CYS   AAA O   1 ? 
ATOM   626  C  CB  . CYS   A 1 76  ? 5.665   -6.554  7.596   1.000 22.188 0 76  CYS   AAA CB  1 ? 
ATOM   627  S  SG  . CYS   A 1 76  ? 4.784   -4.980  7.802   1.000 23.192 0 76  CYS   AAA SG  1 ? 
ATOM   628  N  N   . ASN   A 1 77  ? 7.921   -8.749  9.149   1.000 23.545 0 77  ASN   AAA N   1 ? 
ATOM   629  C  CA  . ASN   A 1 77  ? 8.546   -10.104 9.198   1.000 29.190 0 77  ASN   AAA CA  1 ? 
ATOM   630  C  C   . ASN   A 1 77  ? 8.235   -10.886 7.920   1.000 25.144 0 77  ASN   AAA C   1 ? 
ATOM   631  O  O   . ASN   A 1 77  ? 7.686   -11.977 7.958   1.000 28.020 0 77  ASN   AAA O   1 ? 
ATOM   632  C  CB  . ASN   A 1 77  ? 8.135   -10.856 10.457  1.000 35.801 0 77  ASN   AAA CB  1 ? 
ATOM   633  C  CG  . ASN   A 1 77  ? 9.307   -10.928 11.401  1.000 43.521 0 77  ASN   AAA CG  1 ? 
ATOM   634  O  OD1 . ASN   A 1 77  ? 10.270  -11.649 11.137  1.000 45.051 0 77  ASN   AAA OD1 1 ? 
ATOM   635  N  ND2 . ASN   A 1 77  ? 9.264   -10.127 12.452  1.000 49.164 0 77  ASN   AAA ND2 1 ? 
ATOM   636  N  N   A ILE   A 1 78  ? 8.570   -10.282 6.778   0.500 24.892 0 78  ILE   AAA N   1 ? 
ATOM   637  N  N   B ILE   A 1 78  ? 8.605   -10.300 6.782   0.500 24.561 0 78  ILE   AAA N   1 ? 
ATOM   638  C  CA  A ILE   A 1 78  ? 8.326   -10.841 5.422   0.500 24.950 0 78  ILE   AAA CA  1 ? 
ATOM   639  C  CA  B ILE   A 1 78  ? 8.325   -10.867 5.439   0.500 24.499 0 78  ILE   AAA CA  1 ? 
ATOM   640  C  C   A ILE   A 1 78  ? 9.484   -10.442 4.520   0.500 22.180 0 78  ILE   AAA C   1 ? 
ATOM   641  C  C   B ILE   A 1 78  ? 9.424   -10.431 4.484   0.500 21.881 0 78  ILE   AAA C   1 ? 
ATOM   642  O  O   A ILE   A 1 78  ? 10.090  -9.366  4.648   0.500 20.893 0 78  ILE   AAA O   1 ? 
ATOM   643  O  O   B ILE   A 1 78  ? 9.932   -9.312  4.546   0.500 20.791 0 78  ILE   AAA O   1 ? 
ATOM   644  C  CB  A ILE   A 1 78  ? 7.007   -10.331 4.819   0.500 25.286 0 78  ILE   AAA CB  1 ? 
ATOM   645  C  CB  B ILE   A 1 78  ? 6.954   -10.410 4.925   0.500 24.726 0 78  ILE   AAA CB  1 ? 
ATOM   646  C  CG1 A ILE   A 1 78  ? 6.921   -8.808  4.928   0.500 26.466 0 78  ILE   AAA CG1 1 ? 
ATOM   647  C  CG1 B ILE   A 1 78  ? 6.511   -11.261 3.736   0.500 27.314 0 78  ILE   AAA CG1 1 ? 
ATOM   648  C  CG2 A ILE   A 1 78  ? 5.797   -11.034 5.429   0.500 27.076 0 78  ILE   AAA CG2 1 ? 
ATOM   649  C  CG2 B ILE   A 1 78  ? 6.970   -8.924  4.601   0.500 24.125 0 78  ILE   AAA CG2 1 ? 
ATOM   650  C  CD1 A ILE   A 1 78  ? 5.734   -8.239  4.228   0.500 29.119 0 78  ILE   AAA CD1 1 ? 
ATOM   651  C  CD1 B ILE   A 1 78  ? 5.076   -11.109 3.377   0.500 28.875 0 78  ILE   AAA CD1 1 ? 
ATOM   652  N  N   . PRO   A 1 79  ? 9.836   -11.326 3.569   1.000 22.024 0 79  PRO   AAA N   1 ? 
ATOM   653  C  CA  . PRO   A 1 79  ? 10.748  -10.891 2.521   1.000 21.389 0 79  PRO   AAA CA  1 ? 
ATOM   654  C  C   . PRO   A 1 79  ? 9.985   -9.878  1.651   1.000 17.279 0 79  PRO   AAA C   1 ? 
ATOM   655  O  O   . PRO   A 1 79  ? 8.826   -10.100 1.341   1.000 19.462 0 79  PRO   AAA O   1 ? 
ATOM   656  C  CB  . PRO   A 1 79  ? 11.094  -12.173 1.775   1.000 22.833 0 79  PRO   AAA CB  1 ? 
ATOM   657  C  CG  . PRO   A 1 79  ? 10.359  -13.321 2.462   1.000 26.200 0 79  PRO   AAA CG  1 ? 
ATOM   658  C  CD  . PRO   A 1 79  ? 9.453   -12.744 3.536   1.000 24.489 0 79  PRO   AAA CD  1 ? 
ATOM   659  N  N   . CYS   A 1 80  ? 10.673  -8.826  1.249   1.000 16.794 0 80  CYS   AAA N   1 ? 
ATOM   660  C  CA  . CYS   A 1 80  ? 10.052  -7.836  0.356   1.000 16.815 0 80  CYS   AAA CA  1 ? 
ATOM   661  C  C   . CYS   A 1 80  ? 9.489   -8.484  -0.908  1.000 17.654 0 80  CYS   AAA C   1 ? 
ATOM   662  O  O   . CYS   A 1 80  ? 8.447   -8.018  -1.409  1.000 17.530 0 80  CYS   AAA O   1 ? 
ATOM   663  C  CB  . CYS   A 1 80  ? 11.012  -6.741  -0.021  1.000 16.198 0 80  CYS   AAA CB  1 ? 
ATOM   664  S  SG  . CYS   A 1 80  ? 11.602  -5.821  1.421   1.000 18.094 0 80  CYS   AAA SG  1 ? 
ATOM   665  N  N   . SER   A 1 81  ? 10.139  -9.508  -1.440  1.000 18.361 0 81  SER   AAA N   1 ? 
ATOM   666  C  CA  . SER   A 1 81  ? 9.651   -10.186 -2.654  1.000 19.991 0 81  SER   AAA CA  1 ? 
ATOM   667  C  C   . SER   A 1 81  ? 8.249   -10.772 -2.439  1.000 21.939 0 81  SER   AAA C   1 ? 
ATOM   668  O  O   . SER   A 1 81  ? 7.445   -10.871 -3.383  1.000 24.115 0 81  SER   AAA O   1 ? 
ATOM   669  C  CB  . SER   A 1 81  ? 10.661  -11.245 -3.085  1.000 23.411 0 81  SER   AAA CB  1 ? 
ATOM   670  O  OG  . SER   A 1 81  ? 10.680  -12.286 -2.139  1.000 26.404 0 81  SER   AAA OG  1 ? 
ATOM   671  N  N   . ALA   A 1 82  ? 7.893   -11.122 -1.217  1.000 20.463 0 82  ALA   AAA N   1 ? 
ATOM   672  C  CA  . ALA   A 1 82  ? 6.569   -11.718 -0.933  1.000 25.205 0 82  ALA   AAA CA  1 ? 
ATOM   673  C  C   . ALA   A 1 82  ? 5.476   -10.663 -1.081  1.000 25.163 0 82  ALA   AAA C   1 ? 
ATOM   674  O  O   . ALA   A 1 82  ? 4.264   -11.015 -1.171  1.000 31.236 0 82  ALA   AAA O   1 ? 
ATOM   675  C  CB  . ALA   A 1 82  ? 6.570   -12.329 0.437   1.000 28.403 0 82  ALA   AAA CB  1 ? 
ATOM   676  N  N   . LEU   A 1 83  ? 5.853   -9.394  -1.185  1.000 23.338 0 83  LEU   AAA N   1 ? 
ATOM   677  C  CA  . LEU   A 1 83  ? 4.899   -8.280  -1.381  1.000 23.595 0 83  LEU   AAA CA  1 ? 
ATOM   678  C  C   . LEU   A 1 83  ? 4.656   -7.980  -2.854  1.000 23.796 0 83  LEU   AAA C   1 ? 
ATOM   679  O  O   . LEU   A 1 83  ? 3.977   -6.999  -3.118  1.000 23.696 0 83  LEU   AAA O   1 ? 
ATOM   680  C  CB  . LEU   A 1 83  ? 5.448   -7.026  -0.704  1.000 23.298 0 83  LEU   AAA CB  1 ? 
ATOM   681  C  CG  . LEU   A 1 83  ? 5.677   -7.178  0.804   1.000 24.205 0 83  LEU   AAA CG  1 ? 
ATOM   682  C  CD1 . LEU   A 1 83  ? 6.295   -5.926  1.377   1.000 25.467 0 83  LEU   AAA CD1 1 ? 
ATOM   683  C  CD2 . LEU   A 1 83  ? 4.345   -7.510  1.485   1.000 29.854 0 83  LEU   AAA CD2 1 ? 
ATOM   684  N  N   . LEU   A 1 84  ? 5.195   -8.781  -3.781  1.000 22.211 0 84  LEU   AAA N   1 ? 
ATOM   685  C  CA  . LEU   A 1 84  ? 4.989   -8.576  -5.241  1.000 21.379 0 84  LEU   AAA CA  1 ? 
ATOM   686  C  C   . LEU   A 1 84  ? 3.979   -9.571  -5.837  1.000 24.331 0 84  LEU   AAA C   1 ? 
ATOM   687  O  O   . LEU   A 1 84  ? 3.738   -9.543  -7.077  1.000 26.387 0 84  LEU   AAA O   1 ? 
ATOM   688  C  CB  . LEU   A 1 84  ? 6.357   -8.692  -5.908  1.000 21.233 0 84  LEU   AAA CB  1 ? 
ATOM   689  C  CG  . LEU   A 1 84  ? 7.390   -7.716  -5.383  1.000 20.920 0 84  LEU   AAA CG  1 ? 
ATOM   690  C  CD1 . LEU   A 1 84  ? 8.739   -7.954  -6.068  1.000 22.888 0 84  LEU   AAA CD1 1 ? 
ATOM   691  C  CD2 . LEU   A 1 84  ? 6.919   -6.281  -5.509  1.000 20.383 0 84  LEU   AAA CD2 1 ? 
ATOM   692  N  N   A SER   A 1 85  ? 3.340   -10.401 -5.018  0.500 24.249 0 85  SER   AAA N   1 ? 
ATOM   693  N  N   B SER   A 1 85  ? 3.328   -10.359 -4.974  0.500 24.770 0 85  SER   AAA N   1 ? 
ATOM   694  C  CA  A SER   A 1 85  ? 2.440   -11.476 -5.491  0.500 26.326 0 85  SER   AAA CA  1 ? 
ATOM   695  C  CA  B SER   A 1 85  ? 2.300   -11.386 -5.276  0.500 26.757 0 85  SER   AAA CA  1 ? 
ATOM   696  C  C   A SER   A 1 85  ? 1.136   -10.884 -6.032  0.500 27.714 0 85  SER   AAA C   1 ? 
ATOM   697  C  C   B SER   A 1 85  ? 1.149   -10.797 -6.111  0.500 28.009 0 85  SER   AAA C   1 ? 
ATOM   698  O  O   A SER   A 1 85  ? 0.733   -9.812  -5.551  0.500 24.580 0 85  SER   AAA O   1 ? 
ATOM   699  O  O   B SER   A 1 85  ? 0.871   -9.599  -5.961  0.500 24.488 0 85  SER   AAA O   1 ? 
ATOM   700  C  CB  A SER   A 1 85  ? 2.157   -12.455 -4.397  0.500 27.541 0 85  SER   AAA CB  1 ? 
ATOM   701  C  CB  B SER   A 1 85  ? 1.788   -11.980 -3.971  0.500 27.800 0 85  SER   AAA CB  1 ? 
ATOM   702  O  OG  A SER   A 1 85  ? 0.880   -13.011 -4.597  0.500 26.590 0 85  SER   AAA OG  1 ? 
ATOM   703  O  OG  B SER   A 1 85  ? 1.984   -11.081 -2.868  0.500 27.688 0 85  SER   AAA OG  1 ? 
ATOM   704  N  N   . SER   A 1 86  ? 0.478   -11.598 -6.949  1.000 26.737 0 86  SER   AAA N   1 ? 
ATOM   705  C  CA  . SER   A 1 86  ? -0.795  -11.194 -7.602  1.000 30.717 0 86  SER   AAA CA  1 ? 
ATOM   706  C  C   . SER   A 1 86  ? -1.905  -11.085 -6.550  1.000 28.695 0 86  SER   AAA C   1 ? 
ATOM   707  O  O   . SER   A 1 86  ? -2.867  -10.332 -6.799  1.000 31.995 0 86  SER   AAA O   1 ? 
ATOM   708  C  CB  A SER   A 1 86  ? -1.180  -12.142 -8.712  0.500 33.406 0 86  SER   AAA CB  1 ? 
ATOM   709  C  CB  B SER   A 1 86  ? -1.151  -12.141 -8.714  0.500 34.968 0 86  SER   AAA CB  1 ? 
ATOM   710  O  OG  A SER   A 1 86  ? -1.219  -13.479 -8.241  0.500 33.207 0 86  SER   AAA OG  1 ? 
ATOM   711  O  OG  B SER   A 1 86  ? -0.091  -12.194 -9.658  0.500 38.450 0 86  SER   AAA OG  1 ? 
ATOM   712  N  N   . ASP   A 1 87  ? -1.737  -11.797 -5.439  1.000 25.695 0 87  ASP   AAA N   1 ? 
ATOM   713  C  CA  . ASP   A 1 87  ? -2.584  -11.813 -4.217  1.000 28.006 0 87  ASP   AAA CA  1 ? 
ATOM   714  C  C   . ASP   A 1 87  ? -2.062  -10.733 -3.251  1.000 24.708 0 87  ASP   AAA C   1 ? 
ATOM   715  O  O   . ASP   A 1 87  ? -0.931  -10.828 -2.769  1.000 24.004 0 87  ASP   AAA O   1 ? 
ATOM   716  C  CB  . ASP   A 1 87  ? -2.565  -13.195 -3.558  1.000 30.310 0 87  ASP   AAA CB  1 ? 
ATOM   717  C  CG  . ASP   A 1 87  ? -3.487  -13.372 -2.367  1.000 35.666 0 87  ASP   AAA CG  1 ? 
ATOM   718  O  OD1 . ASP   A 1 87  ? -3.597  -12.441 -1.545  1.000 30.967 0 87  ASP   AAA OD1 1 ? 
ATOM   719  O  OD2 . ASP   A 1 87  ? -4.095  -14.468 -2.260  1.000 45.114 0 87  ASP   AAA OD2 1 ? 
ATOM   720  N  N   . ILE   A 1 88  ? -2.936  -9.813  -2.870  1.000 23.278 0 88  ILE   AAA N   1 ? 
ATOM   721  C  CA  . ILE   A 1 88  ? -2.482  -8.596  -2.125  1.000 23.002 0 88  ILE   AAA CA  1 ? 
ATOM   722  C  C   . ILE   A 1 88  ? -2.437  -8.841  -0.618  1.000 21.180 0 88  ILE   AAA C   1 ? 
ATOM   723  O  O   . ILE   A 1 88  ? -2.180  -7.866  0.127   1.000 21.318 0 88  ILE   AAA O   1 ? 
ATOM   724  C  CB  . ILE   A 1 88  ? -3.344  -7.377  -2.490  1.000 24.207 0 88  ILE   AAA CB  1 ? 
ATOM   725  C  CG1 . ILE   A 1 88  ? -4.792  -7.513  -2.004  1.000 25.997 0 88  ILE   AAA CG1 1 ? 
ATOM   726  C  CG2 . ILE   A 1 88  ? -3.241  -7.054  -3.979  1.000 25.408 0 88  ILE   AAA CG2 1 ? 
ATOM   727  C  CD1 . ILE   A 1 88  ? -5.583  -6.210  -2.006  1.000 27.102 0 88  ILE   AAA CD1 1 ? 
ATOM   728  N  N   . THR   A 1 89  ? -2.766  -10.048 -0.132  1.000 23.685 0 89  THR   AAA N   1 ? 
ATOM   729  C  CA  . THR   A 1 89  ? -2.844  -10.359 1.326   1.000 22.091 0 89  THR   AAA CA  1 ? 
ATOM   730  C  C   . THR   A 1 89  ? -1.639  -9.823  2.077   1.000 20.917 0 89  THR   AAA C   1 ? 
ATOM   731  O  O   . THR   A 1 89  ? -1.818  -9.150  3.111   1.000 22.081 0 89  THR   AAA O   1 ? 
ATOM   732  C  CB  . THR   A 1 89  ? -3.003  -11.865 1.593   1.000 25.895 0 89  THR   AAA CB  1 ? 
ATOM   733  O  OG1 . THR   A 1 89  ? -4.210  -12.240 0.938   1.000 29.806 0 89  THR   AAA OG1 1 ? 
ATOM   734  C  CG2 . THR   A 1 89  ? -3.069  -12.217 3.062   1.000 28.906 0 89  THR   AAA CG2 1 ? 
ATOM   735  N  N   . ALA   A 1 90  ? -0.439  -10.141 1.660   1.000 22.483 0 90  ALA   AAA N   1 ? 
ATOM   736  C  CA  . ALA   A 1 90  ? 0.747   -9.800  2.445   1.000 21.302 0 90  ALA   AAA CA  1 ? 
ATOM   737  C  C   . ALA   A 1 90  ? 0.901   -8.271  2.502   1.000 20.520 0 90  ALA   AAA C   1 ? 
ATOM   738  O  O   . ALA   A 1 90  ? 1.297   -7.733  3.581   1.000 21.059 0 90  ALA   AAA O   1 ? 
ATOM   739  C  CB  . ALA   A 1 90  ? 1.957   -10.503 1.882   1.000 24.269 0 90  ALA   AAA CB  1 ? 
ATOM   740  N  N   . SER   A 1 91  ? 0.655   -7.581  1.411   1.000 18.612 0 91  SER   AAA N   1 ? 
ATOM   741  C  CA  . SER   A 1 91  ? 0.818   -6.107  1.373   1.000 17.948 0 91  SER   AAA CA  1 ? 
ATOM   742  C  C   . SER   A 1 91  ? -0.232  -5.469  2.276   1.000 17.040 0 91  SER   AAA C   1 ? 
ATOM   743  O  O   . SER   A 1 91  ? 0.048   -4.528  3.013   1.000 18.879 0 91  SER   AAA O   1 ? 
ATOM   744  C  CB  . SER   A 1 91  ? 0.662   -5.594  -0.015  1.000 18.244 0 91  SER   AAA CB  1 ? 
ATOM   745  O  OG  . SER   A 1 91  ? 1.803   -5.888  -0.812  1.000 18.790 0 91  SER   AAA OG  1 ? 
ATOM   746  N  N   . VAL   A 1 92  ? -1.440  -6.013  2.241   1.000 19.479 0 92  VAL   AAA N   1 ? 
ATOM   747  C  CA  . VAL   A 1 92  ? -2.515  -5.439  3.096   1.000 19.330 0 92  VAL   AAA CA  1 ? 
ATOM   748  C  C   . VAL   A 1 92  ? -2.177  -5.655  4.565   1.000 23.768 0 92  VAL   AAA C   1 ? 
ATOM   749  O  O   . VAL   A 1 92  ? -2.329  -4.722  5.350   1.000 22.804 0 92  VAL   AAA O   1 ? 
ATOM   750  C  CB  . VAL   A 1 92  ? -3.883  -6.028  2.726   1.000 21.319 0 92  VAL   AAA CB  1 ? 
ATOM   751  C  CG1 . VAL   A 1 92  ? -4.921  -5.593  3.762   1.000 23.279 0 92  VAL   AAA CG1 1 ? 
ATOM   752  C  CG2 . VAL   A 1 92  ? -4.308  -5.652  1.325   1.000 23.062 0 92  VAL   AAA CG2 1 ? 
ATOM   753  N  N   . ASN   A 1 93  ? -1.733  -6.848  4.936   1.000 22.210 0 93  ASN   AAA N   1 ? 
ATOM   754  C  CA  . ASN   A 1 93  ? -1.375  -7.183  6.330   1.000 25.925 0 93  ASN   AAA CA  1 ? 
ATOM   755  C  C   . ASN   A 1 93  ? -0.306  -6.217  6.822   1.000 22.666 0 93  ASN   AAA C   1 ? 
ATOM   756  O  O   . ASN   A 1 93  ? -0.408  -5.691  7.975   1.000 23.099 0 93  ASN   AAA O   1 ? 
ATOM   757  C  CB  . ASN   A 1 93  ? -0.831  -8.613  6.473   1.000 28.927 0 93  ASN   AAA CB  1 ? 
ATOM   758  C  CG  . ASN   A 1 93  ? -1.897  -9.673  6.326   1.000 39.898 0 93  ASN   AAA CG  1 ? 
ATOM   759  O  OD1 . ASN   A 1 93  ? -3.089  -9.372  6.337   1.000 41.819 0 93  ASN   AAA OD1 1 ? 
ATOM   760  N  ND2 . ASN   A 1 93  ? -1.470  -10.918 6.184   1.000 42.489 0 93  ASN   AAA ND2 1 ? 
ATOM   761  N  N   . CYS   A 1 94  ? 0.691   -5.966  5.997   1.000 19.726 0 94  CYS   AAA N   1 ? 
ATOM   762  C  CA  . CYS   A 1 94  ? 1.781   -5.064  6.334   1.000 20.421 0 94  CYS   AAA CA  1 ? 
ATOM   763  C  C   . CYS   A 1 94  ? 1.232   -3.626  6.407   1.000 20.422 0 94  CYS   AAA C   1 ? 
ATOM   764  O  O   . CYS   A 1 94  ? 1.629   -2.900  7.341   1.000 20.790 0 94  CYS   AAA O   1 ? 
ATOM   765  C  CB  . CYS   A 1 94  ? 2.923   -5.238  5.350   1.000 22.680 0 94  CYS   AAA CB  1 ? 
ATOM   766  S  SG  . CYS   A 1 94  ? 4.389   -4.371  5.906   1.000 22.111 0 94  CYS   AAA SG  1 ? 
ATOM   767  N  N   . ALA   A 1 95  ? 0.422   -3.207  5.444   1.000 18.518 0 95  ALA   AAA N   1 ? 
ATOM   768  C  CA  . ALA   A 1 95  ? -0.119  -1.826  5.424   1.000 18.304 0 95  ALA   AAA CA  1 ? 
ATOM   769  C  C   . ALA   A 1 95  ? -0.933  -1.567  6.684   1.000 17.974 0 95  ALA   AAA C   1 ? 
ATOM   770  O  O   . ALA   A 1 95  ? -0.912  -0.453  7.173   1.000 18.986 0 95  ALA   AAA O   1 ? 
ATOM   771  C  CB  . ALA   A 1 95  ? -0.958  -1.597  4.212   1.000 17.671 0 95  ALA   AAA CB  1 ? 
ATOM   772  N  N   . LYS   A 1 96  ? -1.634  -2.579  7.204   1.000 18.389 0 96  LYS   AAA N   1 ? 
ATOM   773  C  CA  . LYS   A 1 96  ? -2.400  -2.386  8.454   1.000 19.415 0 96  LYS   AAA CA  1 ? 
ATOM   774  C  C   . LYS   A 1 96  ? -1.465  -2.102  9.628   1.000 20.387 0 96  LYS   AAA C   1 ? 
ATOM   775  O  O   . LYS   A 1 96  ? -1.801  -1.266  10.491  1.000 22.867 0 96  LYS   AAA O   1 ? 
ATOM   776  C  CB  . LYS   A 1 96  ? -3.228  -3.625  8.769   1.000 19.329 0 96  LYS   AAA CB  1 ? 
ATOM   777  C  CG  . LYS   A 1 96  ? -4.435  -3.790  7.900   1.000 21.159 0 96  LYS   AAA CG  1 ? 
ATOM   778  C  CD  . LYS   A 1 96  ? -5.093  -5.162  8.057   1.000 23.614 0 96  LYS   AAA CD  1 ? 
ATOM   779  C  CE  . LYS   A 1 96  ? -6.369  -5.285  7.261   1.000 27.910 0 96  LYS   AAA CE  1 ? 
ATOM   780  N  NZ  . LYS   A 1 96  ? -7.027  -6.580  7.555   1.000 29.047 0 96  LYS   AAA NZ  1 ? 
ATOM   781  N  N   A LYS   A 1 97  ? -0.276  -2.717  9.673   0.500 20.138 0 97  LYS   AAA N   1 ? 
ATOM   782  N  N   B LYS   A 1 97  ? -0.318  -2.779  9.656   0.500 19.911 0 97  LYS   AAA N   1 ? 
ATOM   783  C  CA  A LYS   A 1 97  ? 0.710   -2.405  10.745  0.500 21.936 0 97  LYS   AAA CA  1 ? 
ATOM   784  C  CA  B LYS   A 1 97  ? 0.700   -2.490  10.684  0.500 21.675 0 97  LYS   AAA CA  1 ? 
ATOM   785  C  C   A LYS   A 1 97  ? 1.265   -0.993  10.547  0.500 20.993 0 97  LYS   AAA C   1 ? 
ATOM   786  C  C   B LYS   A 1 97  ? 1.089   -1.021  10.509  0.500 20.636 0 97  LYS   AAA C   1 ? 
ATOM   787  O  O   A LYS   A 1 97  ? 1.519   -0.262  11.535  0.500 19.591 0 97  LYS   AAA O   1 ? 
ATOM   788  O  O   B LYS   A 1 97  ? 0.839   -0.268  11.462  0.500 22.339 0 97  LYS   AAA O   1 ? 
ATOM   789  C  CB  A LYS   A 1 97  ? 1.870   -3.395  10.734  0.500 25.219 0 97  LYS   AAA CB  1 ? 
ATOM   790  C  CB  B LYS   A 1 97  ? 1.817   -3.527  10.596  0.500 24.169 0 97  LYS   AAA CB  1 ? 
ATOM   791  C  CG  A LYS   A 1 97  ? 2.891   -3.160  11.836  0.500 26.879 0 97  LYS   AAA CG  1 ? 
ATOM   792  C  CG  B LYS   A 1 97  ? 1.353   -4.940  10.935  0.500 25.311 0 97  LYS   AAA CG  1 ? 
ATOM   793  C  CD  A LYS   A 1 97  ? 3.719   -4.392  12.168  0.500 31.109 0 97  LYS   AAA CD  1 ? 
ATOM   794  C  CD  B LYS   A 1 97  ? 2.486   -5.934  10.988  0.500 26.653 0 97  LYS   AAA CD  1 ? 
ATOM   795  C  CE  A LYS   A 1 97  ? 2.940   -5.465  12.906  0.500 34.425 0 97  LYS   AAA CE  1 ? 
ATOM   796  C  CE  B LYS   A 1 97  ? 3.503   -5.602  12.057  0.500 27.899 0 97  LYS   AAA CE  1 ? 
ATOM   797  N  NZ  A LYS   A 1 97  ? 2.368   -6.484  11.989  0.500 36.035 0 97  LYS   AAA NZ  1 ? 
ATOM   798  N  NZ  B LYS   A 1 97  ? 4.010   -4.213  11.942  0.500 29.368 0 97  LYS   AAA NZ  1 ? 
ATOM   799  N  N   . ILE   A 1 98  ? 1.531   -0.613  9.305   1.000 19.892 0 98  ILE   AAA N   1 ? 
ATOM   800  C  CA  . ILE   A 1 98  ? 2.116   0.718   9.020   1.000 19.381 0 98  ILE   AAA CA  1 ? 
ATOM   801  C  C   . ILE   A 1 98  ? 1.123   1.792   9.497   1.000 18.703 0 98  ILE   AAA C   1 ? 
ATOM   802  O  O   . ILE   A 1 98  ? 1.524   2.750   10.206  1.000 21.354 0 98  ILE   AAA O   1 ? 
ATOM   803  C  CB  . ILE   A 1 98  ? 2.455   0.852   7.541   1.000 18.954 0 98  ILE   AAA CB  1 ? 
ATOM   804  C  CG1 . ILE   A 1 98  ? 3.536   -0.174  7.186   1.000 19.497 0 98  ILE   AAA CG1 1 ? 
ATOM   805  C  CG2 . ILE   A 1 98  ? 2.882   2.270   7.246   1.000 18.989 0 98  ILE   AAA CG2 1 ? 
ATOM   806  C  CD1 . ILE   A 1 98  ? 3.819   -0.266  5.732   1.000 20.686 0 98  ILE   AAA CD1 1 ? 
ATOM   807  N  N   . VAL   A 1 99  ? -0.112  1.684   9.063   1.000 18.792 0 99  VAL   AAA N   1 ? 
ATOM   808  C  CA  . VAL   A 1 99  ? -1.097  2.766   9.277   1.000 19.642 0 99  VAL   AAA CA  1 ? 
ATOM   809  C  C   . VAL   A 1 99  ? -1.527  2.806   10.733  1.000 24.845 0 99  VAL   AAA C   1 ? 
ATOM   810  O  O   . VAL   A 1 99  ? -2.103  3.831   11.127  1.000 24.056 0 99  VAL   AAA O   1 ? 
ATOM   811  C  CB  . VAL   A 1 99  ? -2.280  2.571   8.328   1.000 19.235 0 99  VAL   AAA CB  1 ? 
ATOM   812  C  CG1 . VAL   A 1 99  ? -3.181  1.423   8.744   1.000 20.028 0 99  VAL   AAA CG1 1 ? 
ATOM   813  C  CG2 . VAL   A 1 99  ? -3.083  3.835   8.126   1.000 18.895 0 99  VAL   AAA CG2 1 ? 
ATOM   814  N  N   . SER   A 1 100 ? -1.269  1.743   11.486  1.000 23.419 0 100 SER   AAA N   1 ? 
ATOM   815  C  CA  . SER   A 1 100 ? -1.612  1.665   12.924  1.000 27.288 0 100 SER   AAA CA  1 ? 
ATOM   816  C  C   . SER   A 1 100 ? -0.517  2.301   13.769  1.000 27.678 0 100 SER   AAA C   1 ? 
ATOM   817  O  O   . SER   A 1 100 ? -0.738  2.366   15.010  1.000 32.856 0 100 SER   AAA O   1 ? 
ATOM   818  C  CB  . SER   A 1 100 ? -1.879  0.248   13.341  1.000 26.655 0 100 SER   AAA CB  1 ? 
ATOM   819  O  OG  . SER   A 1 100 ? -3.053  -0.229  12.714  1.000 29.313 0 100 SER   AAA OG  1 ? 
ATOM   820  N  N   . ASP   A 1 101 ? 0.618   2.705   13.205  1.000 27.446 0 101 ASP   AAA N   1 ? 
ATOM   821  C  CA  . ASP   A 1 101 ? 1.858   2.924   14.005  1.000 35.617 0 101 ASP   AAA CA  1 ? 
ATOM   822  C  C   . ASP   A 1 101 ? 1.944   4.363   14.534  1.000 40.685 0 101 ASP   AAA C   1 ? 
ATOM   823  O  O   . ASP   A 1 101 ? 2.981   4.680   15.177  1.000 46.664 0 101 ASP   AAA O   1 ? 
ATOM   824  C  CB  . ASP   A 1 101 ? 3.099   2.554   13.201  1.000 37.636 0 101 ASP   AAA CB  1 ? 
ATOM   825  C  CG  . ASP   A 1 101 ? 3.529   3.649   12.249  1.000 38.978 0 101 ASP   AAA CG  1 ? 
ATOM   826  O  OD1 . ASP   A 1 101 ? 2.855   4.729   12.220  1.000 37.680 0 101 ASP   AAA OD1 1 ? 
ATOM   827  O  OD2 . ASP   A 1 101 ? 4.514   3.418   11.534  1.000 42.311 0 101 ASP   AAA OD2 1 ? 
ATOM   828  N  N   . GLY   A 1 102 ? 0.931   5.205   14.267  1.000 38.302 0 102 GLY   AAA N   1 ? 
ATOM   829  C  CA  . GLY   A 1 102 ? 0.811   6.554   14.857  1.000 38.338 0 102 GLY   AAA CA  1 ? 
ATOM   830  C  C   . GLY   A 1 102 ? 0.672   7.659   13.824  1.000 36.121 0 102 GLY   AAA C   1 ? 
ATOM   831  O  O   . GLY   A 1 102 ? -0.066  8.635   14.105  1.000 33.620 0 102 GLY   AAA O   1 ? 
ATOM   832  N  N   . ASN   A 1 103 ? 1.348   7.542   12.674  1.000 34.099 0 103 ASN   AAA N   1 ? 
ATOM   833  C  CA  . ASN   A 1 103 ? 1.365   8.605   11.635  1.000 30.585 0 103 ASN   AAA CA  1 ? 
ATOM   834  C  C   . ASN   A 1 103 ? 0.244   8.375   10.609  1.000 20.156 0 103 ASN   AAA C   1 ? 
ATOM   835  O  O   . ASN   A 1 103 ? 0.058   9.219   9.707   1.000 21.737 0 103 ASN   AAA O   1 ? 
ATOM   836  C  CB  . ASN   A 1 103 ? 2.731   8.668   10.953  1.000 37.808 0 103 ASN   AAA CB  1 ? 
ATOM   837  C  CG  . ASN   A 1 103 ? 3.838   9.116   11.885  1.000 47.267 0 103 ASN   AAA CG  1 ? 
ATOM   838  O  OD1 . ASN   A 1 103 ? 4.799   8.383   12.114  1.000 53.333 0 103 ASN   AAA OD1 1 ? 
ATOM   839  N  ND2 . ASN   A 1 103 ? 3.714   10.321  12.421  1.000 51.416 0 103 ASN   AAA ND2 1 ? 
ATOM   840  N  N   . GLY   A 1 104 ? -0.554  7.349   10.783  1.000 20.310 0 104 GLY   AAA N   1 ? 
ATOM   841  C  CA  . GLY   A 1 104 ? -1.615  7.041   9.821   1.000 18.601 0 104 GLY   AAA CA  1 ? 
ATOM   842  C  C   . GLY   A 1 104 ? -1.096  6.883   8.398   1.000 17.540 0 104 GLY   AAA C   1 ? 
ATOM   843  O  O   . GLY   A 1 104 ? 0.005   6.335   8.192   1.000 20.582 0 104 GLY   AAA O   1 ? 
ATOM   844  N  N   . MET   A 1 105 ? -1.818  7.407   7.435   1.000 15.716 0 105 MET   AAA N   1 ? 
ATOM   845  C  CA  . MET   A 1 105 ? -1.424  7.195   6.015   1.000 15.523 0 105 MET   AAA CA  1 ? 
ATOM   846  C  C   . MET   A 1 105 ? -0.352  8.195   5.609   1.000 15.678 0 105 MET   AAA C   1 ? 
ATOM   847  O  O   . MET   A 1 105 ? 0.141   8.066   4.472   1.000 16.557 0 105 MET   AAA O   1 ? 
ATOM   848  C  CB  . MET   A 1 105 ? -2.627  7.228   5.088   1.000 15.061 0 105 MET   AAA CB  1 ? 
ATOM   849  C  CG  . MET   A 1 105 ? -3.487  5.989   5.179   1.000 17.047 0 105 MET   AAA CG  1 ? 
ATOM   850  S  SD  . MET   A 1 105 ? -4.646  5.810   3.818   1.000 17.446 0 105 MET   AAA SD  1 ? 
ATOM   851  C  CE  . MET   A 1 105 ? -3.553  5.251   2.528   1.000 16.720 0 105 MET   AAA CE  1 ? 
ATOM   852  N  N   . ASN   A 1 106 ? 0.096   9.075   6.475   1.000 16.478 0 106 ASN   AAA N   1 ? 
ATOM   853  C  CA  . ASN   A 1 106 ? 1.195   10.022  6.134   1.000 17.251 0 106 ASN   AAA CA  1 ? 
ATOM   854  C  C   . ASN   A 1 106 ? 2.485   9.231   5.845   1.000 17.516 0 106 ASN   AAA C   1 ? 
ATOM   855  O  O   . ASN   A 1 106 ? 3.352   9.837   5.176   1.000 20.825 0 106 ASN   AAA O   1 ? 
ATOM   856  C  CB  . ASN   A 1 106 ? 1.427   11.066  7.220   1.000 18.433 0 106 ASN   AAA CB  1 ? 
ATOM   857  C  CG  . ASN   A 1 106 ? 0.245   11.996  7.324   1.000 20.310 0 106 ASN   AAA CG  1 ? 
ATOM   858  O  OD1 . ASN   A 1 106 ? -0.032  12.766  6.417   1.000 20.473 0 106 ASN   AAA OD1 1 ? 
ATOM   859  N  ND2 . ASN   A 1 106 ? -0.504  11.835  8.399   1.000 22.086 0 106 ASN   AAA ND2 1 ? 
ATOM   860  N  N   . ALA   A 1 107 ? 2.549   7.965   6.267   1.000 18.419 0 107 ALA   AAA N   1 ? 
ATOM   861  C  CA  . ALA   A 1 107 ? 3.707   7.099   5.937   1.000 20.708 0 107 ALA   AAA CA  1 ? 
ATOM   862  C  C   . ALA   A 1 107 ? 3.909   7.046   4.417   1.000 19.652 0 107 ALA   AAA C   1 ? 
ATOM   863  O  O   . ALA   A 1 107 ? 5.062   6.811   3.945   1.000 21.623 0 107 ALA   AAA O   1 ? 
ATOM   864  C  CB  . ALA   A 1 107 ? 3.469   5.726   6.502   1.000 21.107 0 107 ALA   AAA CB  1 ? 
ATOM   865  N  N   . TRP   A 1 108 ? 2.840   7.125   3.635   1.000 17.199 0 108 TRP   AAA N   1 ? 
ATOM   866  C  CA  . TRP   A 1 108 ? 2.830   7.004   2.155   1.000 17.524 0 108 TRP   AAA CA  1 ? 
ATOM   867  C  C   . TRP   A 1 108 ? 2.961   8.383   1.552   1.000 19.119 0 108 TRP   AAA C   1 ? 
ATOM   868  O  O   . TRP   A 1 108 ? 1.990   9.181   1.585   1.000 17.236 0 108 TRP   AAA O   1 ? 
ATOM   869  C  CB  . TRP   A 1 108 ? 1.618   6.277   1.628   1.000 16.637 0 108 TRP   AAA CB  1 ? 
ATOM   870  C  CG  . TRP   A 1 108 ? 1.608   4.816   1.872   1.000 16.425 0 108 TRP   AAA CG  1 ? 
ATOM   871  C  CD1 . TRP   A 1 108 ? 2.170   3.872   1.068   1.000 17.457 0 108 TRP   AAA CD1 1 ? 
ATOM   872  C  CD2 . TRP   A 1 108 ? 1.057   4.113   2.993   1.000 16.744 0 108 TRP   AAA CD2 1 ? 
ATOM   873  N  NE1 . TRP   A 1 108 ? 1.938   2.638   1.592   1.000 17.168 0 108 TRP   AAA NE1 1 ? 
ATOM   874  C  CE2 . TRP   A 1 108 ? 1.259   2.743   2.776   1.000 16.382 0 108 TRP   AAA CE2 1 ? 
ATOM   875  C  CE3 . TRP   A 1 108 ? 0.345   4.502   4.138   1.000 16.351 0 108 TRP   AAA CE3 1 ? 
ATOM   876  C  CZ2 . TRP   A 1 108 ? 0.853   1.748   3.644   1.000 16.957 0 108 TRP   AAA CZ2 1 ? 
ATOM   877  C  CZ3 . TRP   A 1 108 ? -0.075  3.516   5.005   1.000 16.746 0 108 TRP   AAA CZ3 1 ? 
ATOM   878  C  CH2 . TRP   A 1 108 ? 0.164   2.158   4.755   1.000 16.113 0 108 TRP   AAA CH2 1 ? 
ATOM   879  N  N   . VAL   A 1 109 ? 4.120   8.658   0.966   1.000 19.959 0 109 VAL   AAA N   1 ? 
ATOM   880  C  CA  . VAL   A 1 109 ? 4.414   10.001  0.409   1.000 22.313 0 109 VAL   AAA CA  1 ? 
ATOM   881  C  C   . VAL   A 1 109 ? 3.386   10.354  -0.662  1.000 17.474 0 109 VAL   AAA C   1 ? 
ATOM   882  O  O   . VAL   A 1 109 ? 2.894   11.475  -0.645  1.000 19.607 0 109 VAL   AAA O   1 ? 
ATOM   883  C  CB  A VAL   A 1 109 ? 5.848   9.988   -0.164  0.520 23.786 0 109 VAL   AAA CB  1 ? 
ATOM   884  C  CB  B VAL   A 1 109 ? 5.846   10.091  -0.145  0.480 24.150 0 109 VAL   AAA CB  1 ? 
ATOM   885  C  CG1 A VAL   A 1 109 ? 6.225   11.323  -0.781  0.520 25.280 0 109 VAL   AAA CG1 1 ? 
ATOM   886  C  CG1 B VAL   A 1 109 ? 6.021   9.270   -1.411  0.480 25.987 0 109 VAL   AAA CG1 1 ? 
ATOM   887  C  CG2 A VAL   A 1 109 ? 6.891   9.547   0.871   0.520 24.998 0 109 VAL   AAA CG2 1 ? 
ATOM   888  C  CG2 B VAL   A 1 109 ? 6.254   11.540  -0.363  0.480 25.391 0 109 VAL   AAA CG2 1 ? 
ATOM   889  N  N   . ALA   A 1 110 ? 3.030   9.397   -1.492  1.000 18.478 0 110 ALA   AAA N   1 ? 
ATOM   890  C  CA  . ALA   A 1 110 ? 2.114   9.713   -2.606  1.000 19.481 0 110 ALA   AAA CA  1 ? 
ATOM   891  C  C   . ALA   A 1 110 ? 0.754   10.028  -1.994  1.000 20.064 0 110 ALA   AAA C   1 ? 
ATOM   892  O  O   . ALA   A 1 110 ? 0.065   10.918  -2.516  1.000 19.293 0 110 ALA   AAA O   1 ? 
ATOM   893  C  CB  . ALA   A 1 110 ? 2.026   8.607   -3.632  1.000 22.951 0 110 ALA   AAA CB  1 ? 
ATOM   894  N  N   . TRP   A 1 111 ? 0.365   9.341   -0.920  1.000 17.996 0 111 TRP   AAA N   1 ? 
ATOM   895  C  CA  . TRP   A 1 111 ? -0.948  9.652   -0.308  1.000 16.371 0 111 TRP   AAA CA  1 ? 
ATOM   896  C  C   . TRP   A 1 111 ? -0.910  11.082  0.240   1.000 16.702 0 111 TRP   AAA C   1 ? 
ATOM   897  O  O   . TRP   A 1 111 ? -1.845  11.851  0.003   1.000 16.635 0 111 TRP   AAA O   1 ? 
ATOM   898  C  CB  . TRP   A 1 111 ? -1.292  8.618   0.770   1.000 16.998 0 111 TRP   AAA CB  1 ? 
ATOM   899  C  CG  . TRP   A 1 111 ? -2.603  8.964   1.432   1.000 16.885 0 111 TRP   AAA CG  1 ? 
ATOM   900  C  CD1 . TRP   A 1 111 ? -3.846  8.636   0.982   1.000 16.500 0 111 TRP   AAA CD1 1 ? 
ATOM   901  C  CD2 . TRP   A 1 111 ? -2.780  9.752   2.608   1.000 16.138 0 111 TRP   AAA CD2 1 ? 
ATOM   902  N  NE1 . TRP   A 1 111 ? -4.789  9.204   1.805   1.000 16.857 0 111 TRP   AAA NE1 1 ? 
ATOM   903  C  CE2 . TRP   A 1 111 ? -4.171  9.893   2.811   1.000 17.086 0 111 TRP   AAA CE2 1 ? 
ATOM   904  C  CE3 . TRP   A 1 111 ? -1.908  10.401  3.496   1.000 16.222 0 111 TRP   AAA CE3 1 ? 
ATOM   905  C  CZ2 . TRP   A 1 111 ? -4.689  10.587  3.907   1.000 17.797 0 111 TRP   AAA CZ2 1 ? 
ATOM   906  C  CZ3 . TRP   A 1 111 ? -2.431  11.055  4.591   1.000 18.188 0 111 TRP   AAA CZ3 1 ? 
ATOM   907  C  CH2 . TRP   A 1 111 ? -3.808  11.185  4.768   1.000 17.737 0 111 TRP   AAA CH2 1 ? 
ATOM   908  N  N   A ARG   A 1 112 ? 0.104   11.426  1.020   0.500 17.025 0 112 ARG   AAA N   1 ? 
ATOM   909  N  N   B ARG   A 1 112 ? 0.113   11.435  1.015   0.500 17.321 0 112 ARG   AAA N   1 ? 
ATOM   910  C  CA  A ARG   A 1 112 ? 0.207   12.776  1.603   0.500 18.146 0 112 ARG   AAA CA  1 ? 
ATOM   911  C  CA  B ARG   A 1 112 ? 0.192   12.785  1.615   0.500 18.781 0 112 ARG   AAA CA  1 ? 
ATOM   912  C  C   A ARG   A 1 112 ? 0.143   13.844  0.498   0.500 18.175 0 112 ARG   AAA C   1 ? 
ATOM   913  C  C   B ARG   A 1 112 ? 0.154   13.854  0.507   0.500 18.489 0 112 ARG   AAA C   1 ? 
ATOM   914  O  O   A ARG   A 1 112 ? -0.571  14.822  0.667   0.500 20.480 0 112 ARG   AAA O   1 ? 
ATOM   915  O  O   B ARG   A 1 112 ? -0.546  14.838  0.686   0.500 20.722 0 112 ARG   AAA O   1 ? 
ATOM   916  C  CB  A ARG   A 1 112 ? 1.519   12.876  2.374   0.500 21.379 0 112 ARG   AAA CB  1 ? 
ATOM   917  C  CB  B ARG   A 1 112 ? 1.452   12.935  2.469   0.500 22.885 0 112 ARG   AAA CB  1 ? 
ATOM   918  C  CG  A ARG   A 1 112 ? 1.511   13.987  3.402   0.500 24.455 0 112 ARG   AAA CG  1 ? 
ATOM   919  C  CG  B ARG   A 1 112 ? 1.426   14.189  3.328   0.500 26.985 0 112 ARG   AAA CG  1 ? 
ATOM   920  C  CD  A ARG   A 1 112 ? 2.763   13.876  4.254   0.500 27.108 0 112 ARG   AAA CD  1 ? 
ATOM   921  C  CD  B ARG   A 1 112 ? 2.636   14.274  4.246   0.500 31.239 0 112 ARG   AAA CD  1 ? 
ATOM   922  N  NE  A ARG   A 1 112 ? 3.945   14.059  3.416   0.500 27.384 0 112 ARG   AAA NE  1 ? 
ATOM   923  N  NE  B ARG   A 1 112 ? 3.800   13.640  3.638   0.500 33.543 0 112 ARG   AAA NE  1 ? 
ATOM   924  C  CZ  A ARG   A 1 112 ? 4.859   13.128  3.120   0.500 28.083 0 112 ARG   AAA CZ  1 ? 
ATOM   925  C  CZ  B ARG   A 1 112 ? 4.662   14.256  2.838   0.500 36.315 0 112 ARG   AAA CZ  1 ? 
ATOM   926  N  NH1 A ARG   A 1 112 ? 4.816   11.904  3.630   0.500 27.820 0 112 ARG   AAA NH1 1 ? 
ATOM   927  N  NH1 B ARG   A 1 112 ? 4.518   15.541  2.555   0.500 34.553 0 112 ARG   AAA NH1 1 ? 
ATOM   928  N  NH2 A ARG   A 1 112 ? 5.859   13.453  2.321   0.500 32.038 0 112 ARG   AAA NH2 1 ? 
ATOM   929  N  NH2 B ARG   A 1 112 ? 5.673   13.579  2.325   0.500 39.489 0 112 ARG   AAA NH2 1 ? 
ATOM   930  N  N   . ASN   A 1 113 ? 0.877   13.644  -0.591  1.000 18.023 0 113 ASN   AAA N   1 ? 
ATOM   931  C  CA  . ASN   A 1 113 ? 1.071   14.714  -1.605  1.000 18.809 0 113 ASN   AAA CA  1 ? 
ATOM   932  C  C   . ASN   A 1 113 ? -0.037  14.732  -2.635  1.000 20.511 0 113 ASN   AAA C   1 ? 
ATOM   933  O  O   . ASN   A 1 113 ? -0.193  15.777  -3.300  1.000 24.637 0 113 ASN   AAA O   1 ? 
ATOM   934  C  CB  . ASN   A 1 113 ? 2.435   14.559  -2.264  1.000 18.762 0 113 ASN   AAA CB  1 ? 
ATOM   935  C  CG  . ASN   A 1 113 ? 3.563   14.966  -1.344  1.000 21.043 0 113 ASN   AAA CG  1 ? 
ATOM   936  O  OD1 . ASN   A 1 113 ? 3.358   15.793  -0.483  1.000 25.020 0 113 ASN   AAA OD1 1 ? 
ATOM   937  N  ND2 . ASN   A 1 113 ? 4.733   14.418  -1.582  1.000 21.178 0 113 ASN   AAA ND2 1 ? 
ATOM   938  N  N   . ARG   A 1 114 ? -0.800  13.666  -2.795  1.000 18.508 0 114 ARG   AAA N   1 ? 
ATOM   939  C  CA  . ARG   A 1 114 ? -1.717  13.535  -3.960  1.000 20.223 0 114 ARG   AAA CA  1 ? 
ATOM   940  C  C   . ARG   A 1 114 ? -3.111  13.088  -3.576  1.000 19.380 0 114 ARG   AAA C   1 ? 
ATOM   941  O  O   . ARG   A 1 114 ? -3.983  13.158  -4.461  1.000 23.265 0 114 ARG   AAA O   1 ? 
ATOM   942  C  CB  . ARG   A 1 114 ? -1.089  12.615  -4.963  1.000 20.491 0 114 ARG   AAA CB  1 ? 
ATOM   943  C  CG  . ARG   A 1 114 ? 0.321   13.047  -5.313  1.000 21.021 0 114 ARG   AAA CG  1 ? 
ATOM   944  C  CD  . ARG   A 1 114 ? 0.919   12.166  -6.373  1.000 21.524 0 114 ARG   AAA CD  1 ? 
ATOM   945  N  NE  . ARG   A 1 114 ? 0.325   12.286  -7.694  1.000 20.348 0 114 ARG   AAA NE  1 ? 
ATOM   946  C  CZ  . ARG   A 1 114 ? 0.787   11.611  -8.750  1.000 19.285 0 114 ARG   AAA CZ  1 ? 
ATOM   947  N  NH1 . ARG   A 1 114 ? 1.811   10.795  -8.628  1.000 20.651 0 114 ARG   AAA NH1 1 ? 
ATOM   948  N  NH2 . ARG   A 1 114 ? 0.233   11.793  -9.933  1.000 22.671 0 114 ARG   AAA NH2 1 ? 
ATOM   949  N  N   . CYS   A 1 115 ? -3.307  12.553  -2.400  1.000 18.660 0 115 CYS   AAA N   1 ? 
ATOM   950  C  CA  . CYS   A 1 115 ? -4.658  12.062  -2.019  1.000 18.770 0 115 CYS   AAA CA  1 ? 
ATOM   951  C  C   . CYS   A 1 115 ? -5.227  12.812  -0.817  1.000 18.844 0 115 CYS   AAA C   1 ? 
ATOM   952  O  O   . CYS   A 1 115 ? -6.438  13.233  -0.792  1.000 20.449 0 115 CYS   AAA O   1 ? 
ATOM   953  C  CB  . CYS   A 1 115 ? -4.619  10.566  -1.705  1.000 19.630 0 115 CYS   AAA CB  1 ? 
ATOM   954  S  SG  . CYS   A 1 115 ? -3.938  9.535   -3.022  1.000 18.824 0 115 CYS   AAA SG  1 ? 
ATOM   955  N  N   . LYS   A 1 116 ? -4.425  13.054  0.183   1.000 19.621 0 116 LYS   AAA N   1 ? 
ATOM   956  C  CA  . LYS   A 1 116 ? -4.803  13.782  1.403   1.000 19.879 0 116 LYS   AAA CA  1 ? 
ATOM   957  C  C   . LYS   A 1 116 ? -5.363  15.152  1.004   1.000 22.679 0 116 LYS   AAA C   1 ? 
ATOM   958  O  O   . LYS   A 1 116 ? -4.752  15.850  0.182   1.000 22.297 0 116 LYS   AAA O   1 ? 
ATOM   959  C  CB  . LYS   A 1 116 ? -3.577  13.900  2.301   1.000 19.548 0 116 LYS   AAA CB  1 ? 
ATOM   960  C  CG  . LYS   A 1 116 ? -3.817  14.588  3.617   1.000 20.502 0 116 LYS   AAA CG  1 ? 
ATOM   961  C  CD  . LYS   A 1 116 ? -2.534  14.685  4.387   1.000 19.488 0 116 LYS   AAA CD  1 ? 
ATOM   962  C  CE  . LYS   A 1 116 ? -2.729  15.175  5.805   1.000 21.135 0 116 LYS   AAA CE  1 ? 
ATOM   963  N  NZ  . LYS   A 1 116 ? -1.528  15.198  6.664   1.000 23.065 0 116 LYS   AAA NZ  1 ? 
ATOM   964  N  N   . GLY   A 1 117 ? -6.488  15.557  1.594   1.000 23.897 0 117 GLY   AAA N   1 ? 
ATOM   965  C  CA  . GLY   A 1 117 ? -7.069  16.887  1.298   1.000 27.013 0 117 GLY   AAA CA  1 ? 
ATOM   966  C  C   . GLY   A 1 117 ? -7.700  16.930  -0.071  1.000 29.359 0 117 GLY   AAA C   1 ? 
ATOM   967  O  O   . GLY   A 1 117 ? -7.937  18.059  -0.586  1.000 34.328 0 117 GLY   AAA O   1 ? 
ATOM   968  N  N   . THR   A 1 118 ? -8.009  15.782  -0.660  1.000 25.959 0 118 THR   AAA N   1 ? 
ATOM   969  C  CA  . THR   A 1 118 ? -8.740  15.678  -1.944  1.000 25.228 0 118 THR   AAA CA  1 ? 
ATOM   970  C  C   . THR   A 1 118 ? -10.018 14.834  -1.774  1.000 28.174 0 118 THR   AAA C   1 ? 
ATOM   971  O  O   . THR   A 1 118 ? -10.198 14.098  -0.746  1.000 26.679 0 118 THR   AAA O   1 ? 
ATOM   972  C  CB  . THR   A 1 118 ? -7.848  15.123  -3.066  1.000 27.357 0 118 THR   AAA CB  1 ? 
ATOM   973  O  OG1 . THR   A 1 118 ? -7.850  13.688  -3.001  1.000 24.944 0 118 THR   AAA OG1 1 ? 
ATOM   974  C  CG2 . THR   A 1 118 ? -6.441  15.694  -3.050  1.000 29.336 0 118 THR   AAA CG2 1 ? 
ATOM   975  N  N   . ASP   A 1 119 ? -10.877 14.882  -2.776  1.000 29.876 0 119 ASP   AAA N   1 ? 
ATOM   976  C  CA  . ASP   A 1 119 ? -12.100 14.051  -2.829  1.000 28.441 0 119 ASP   AAA CA  1 ? 
ATOM   977  C  C   . ASP   A 1 119 ? -11.685 12.648  -3.251  1.000 27.769 0 119 ASP   AAA C   1 ? 
ATOM   978  O  O   . ASP   A 1 119 ? -11.755 12.315  -4.449  1.000 29.795 0 119 ASP   AAA O   1 ? 
ATOM   979  C  CB  . ASP   A 1 119 ? -13.138 14.675  -3.760  1.000 31.732 0 119 ASP   AAA CB  1 ? 
ATOM   980  C  CG  . ASP   A 1 119 ? -14.396 13.847  -3.890  1.000 36.749 0 119 ASP   AAA CG  1 ? 
ATOM   981  O  OD1 . ASP   A 1 119 ? -14.598 12.945  -3.054  1.000 35.560 0 119 ASP   AAA OD1 1 ? 
ATOM   982  O  OD2 . ASP   A 1 119 ? -15.143 14.101  -4.849  1.000 46.144 0 119 ASP   AAA OD2 1 ? 
ATOM   983  N  N   . VAL   A 1 120 ? -11.332 11.835  -2.270  1.000 27.601 0 120 VAL   AAA N   1 ? 
ATOM   984  C  CA  . VAL   A 1 120 ? -10.852 10.446  -2.531  1.000 26.065 0 120 VAL   AAA CA  1 ? 
ATOM   985  C  C   . VAL   A 1 120 ? -12.019 9.496   -2.877  1.000 28.471 0 120 VAL   AAA C   1 ? 
ATOM   986  O  O   . VAL   A 1 120 ? -11.776 8.435   -3.447  1.000 28.051 0 120 VAL   AAA O   1 ? 
ATOM   987  C  CB  . VAL   A 1 120 ? -9.973  9.885   -1.398  1.000 24.621 0 120 VAL   AAA CB  1 ? 
ATOM   988  C  CG1 . VAL   A 1 120 ? -8.697  10.694  -1.225  1.000 26.647 0 120 VAL   AAA CG1 1 ? 
ATOM   989  C  CG2 . VAL   A 1 120 ? -10.728 9.725   -0.083  1.000 27.020 0 120 VAL   AAA CG2 1 ? 
ATOM   990  N  N   A GLN   A 1 121 ? -13.255 9.844   -2.527  0.500 30.399 0 121 GLN   AAA N   1 ? 
ATOM   991  N  N   B GLN   A 1 121 ? -13.261 9.827   -2.517  0.500 29.623 0 121 GLN   AAA N   1 ? 
ATOM   992  C  CA  A GLN   A 1 121 ? -14.421 8.979   -2.853  0.500 29.946 0 121 GLN   AAA CA  1 ? 
ATOM   993  C  CA  B GLN   A 1 121 ? -14.429 8.972   -2.881  0.500 28.697 0 121 GLN   AAA CA  1 ? 
ATOM   994  C  C   A GLN   A 1 121 ? -14.529 8.830   -4.385  0.500 28.522 0 121 GLN   AAA C   1 ? 
ATOM   995  C  C   B GLN   A 1 121 ? -14.500 8.808   -4.406  0.500 27.650 0 121 GLN   AAA C   1 ? 
ATOM   996  O  O   A GLN   A 1 121 ? -15.051 7.795   -4.840  0.500 30.062 0 121 GLN   AAA O   1 ? 
ATOM   997  O  O   B GLN   A 1 121 ? -15.010 7.770   -4.873  0.500 28.951 0 121 GLN   AAA O   1 ? 
ATOM   998  C  CB  A GLN   A 1 121 ? -15.672 9.528   -2.158  0.500 34.944 0 121 GLN   AAA CB  1 ? 
ATOM   999  C  CB  B GLN   A 1 121 ? -15.739 9.563   -2.358  0.500 32.978 0 121 GLN   AAA CB  1 ? 
ATOM   1000 C  CG  A GLN   A 1 121 ? -16.766 8.486   -1.975  0.500 36.183 0 121 GLN   AAA CG  1 ? 
ATOM   1001 C  CG  B GLN   A 1 121 ? -15.692 9.945   -0.890  0.500 32.839 0 121 GLN   AAA CG  1 ? 
ATOM   1002 C  CD  A GLN   A 1 121 ? -17.564 8.329   -3.244  0.500 38.117 0 121 GLN   AAA CD  1 ? 
ATOM   1003 C  CD  B GLN   A 1 121 ? -15.121 8.892   0.028   0.500 34.903 0 121 GLN   AAA CD  1 ? 
ATOM   1004 O  OE1 A GLN   A 1 121 ? -17.502 9.168   -4.138  0.500 39.987 0 121 GLN   AAA OE1 1 ? 
ATOM   1005 O  OE1 B GLN   A 1 121 ? -15.484 7.723   -0.034  0.500 31.979 0 121 GLN   AAA OE1 1 ? 
ATOM   1006 N  NE2 A GLN   A 1 121 ? -18.321 7.250   -3.330  0.500 39.228 0 121 GLN   AAA NE2 1 ? 
ATOM   1007 N  NE2 B GLN   A 1 121 ? -14.241 9.311   0.924   0.500 34.820 0 121 GLN   AAA NE2 1 ? 
ATOM   1008 N  N   . ALA   A 1 122 ? -14.031 9.792   -5.176  1.000 27.557 0 122 ALA   AAA N   1 ? 
ATOM   1009 C  CA  . ALA   A 1 122 ? -13.986 9.705   -6.655  1.000 26.370 0 122 ALA   AAA CA  1 ? 
ATOM   1010 C  C   . ALA   A 1 122 ? -13.370 8.368   -7.097  1.000 25.875 0 122 ALA   AAA C   1 ? 
ATOM   1011 O  O   . ALA   A 1 122 ? -13.684 7.829   -8.153  1.000 28.733 0 122 ALA   AAA O   1 ? 
ATOM   1012 C  CB  . ALA   A 1 122 ? -13.199 10.829  -7.268  1.000 29.369 0 122 ALA   AAA CB  1 ? 
ATOM   1013 N  N   . TRP   A 1 123 ? -12.386 7.899   -6.333  1.000 25.189 0 123 TRP   AAA N   1 ? 
ATOM   1014 C  CA  . TRP   A 1 123 ? -11.602 6.709   -6.722  1.000 24.458 0 123 TRP   AAA CA  1 ? 
ATOM   1015 C  C   . TRP   A 1 123 ? -12.449 5.439   -6.694  1.000 21.574 0 123 TRP   AAA C   1 ? 
ATOM   1016 O  O   . TRP   A 1 123 ? -12.022 4.417   -7.270  1.000 23.662 0 123 TRP   AAA O   1 ? 
ATOM   1017 C  CB  . TRP   A 1 123 ? -10.377 6.559   -5.818  1.000 21.563 0 123 TRP   AAA CB  1 ? 
ATOM   1018 C  CG  . TRP   A 1 123 ? -9.358  7.609   -6.118  1.000 20.736 0 123 TRP   AAA CG  1 ? 
ATOM   1019 C  CD1 . TRP   A 1 123 ? -9.251  8.837   -5.553  1.000 23.928 0 123 TRP   AAA CD1 1 ? 
ATOM   1020 C  CD2 . TRP   A 1 123 ? -8.411  7.540   -7.174  1.000 22.440 0 123 TRP   AAA CD2 1 ? 
ATOM   1021 N  NE1 . TRP   A 1 123 ? -8.251  9.542   -6.153  1.000 22.766 0 123 TRP   AAA NE1 1 ? 
ATOM   1022 C  CE2 . TRP   A 1 123 ? -7.679  8.743   -7.106  1.000 22.039 0 123 TRP   AAA CE2 1 ? 
ATOM   1023 C  CE3 . TRP   A 1 123 ? -8.053  6.537   -8.065  1.000 24.028 0 123 TRP   AAA CE3 1 ? 
ATOM   1024 C  CZ2 . TRP   A 1 123 ? -6.640  8.986   -7.985  1.000 25.847 0 123 TRP   AAA CZ2 1 ? 
ATOM   1025 C  CZ3 . TRP   A 1 123 ? -7.010  6.773   -8.915  1.000 27.488 0 123 TRP   AAA CZ3 1 ? 
ATOM   1026 C  CH2 . TRP   A 1 123 ? -6.315  7.986   -8.858  1.000 28.119 0 123 TRP   AAA CH2 1 ? 
ATOM   1027 N  N   . ILE   A 1 124 ? -13.580 5.452   -5.985  1.000 23.165 0 124 ILE   AAA N   1 ? 
ATOM   1028 C  CA  . ILE   A 1 124 ? -14.426 4.225   -5.959  1.000 22.106 0 124 ILE   AAA CA  1 ? 
ATOM   1029 C  C   . ILE   A 1 124 ? -15.769 4.469   -6.667  1.000 24.648 0 124 ILE   AAA C   1 ? 
ATOM   1030 O  O   . ILE   A 1 124 ? -16.585 3.522   -6.646  1.000 26.744 0 124 ILE   AAA O   1 ? 
ATOM   1031 C  CB  . ILE   A 1 124 ? -14.600 3.694   -4.530  1.000 27.414 0 124 ILE   AAA CB  1 ? 
ATOM   1032 C  CG1 . ILE   A 1 124 ? -15.345 4.673   -3.618  1.000 29.590 0 124 ILE   AAA CG1 1 ? 
ATOM   1033 C  CG2 . ILE   A 1 124 ? -13.226 3.316   -3.969  1.000 28.602 0 124 ILE   AAA CG2 1 ? 
ATOM   1034 C  CD1 . ILE   A 1 124 ? -15.719 4.089   -2.281  1.000 33.956 0 124 ILE   AAA CD1 1 ? 
ATOM   1035 N  N   . ARG   A 1 125 ? -15.893 5.551   -7.423  1.000 27.652 0 125 ARG   AAA N   1 ? 
ATOM   1036 C  CA  . ARG   A 1 125 ? -17.155 5.833   -8.161  1.000 33.882 0 125 ARG   AAA CA  1 ? 
ATOM   1037 C  C   . ARG   A 1 125 ? -17.335 4.770   -9.242  1.000 32.418 0 125 ARG   AAA C   1 ? 
ATOM   1038 O  O   . ARG   A 1 125 ? -16.375 4.407   -9.910  1.000 32.100 0 125 ARG   AAA O   1 ? 
ATOM   1039 C  CB  . ARG   A 1 125 ? -17.141 7.254   -8.734  1.000 39.634 0 125 ARG   AAA CB  1 ? 
ATOM   1040 C  CG  . ARG   A 1 125 ? -17.548 8.313   -7.721  1.000 47.322 0 125 ARG   AAA CG  1 ? 
ATOM   1041 C  CD  . ARG   A 1 125 ? -18.219 9.538   -8.320  1.000 49.925 0 125 ARG   AAA CD  1 ? 
ATOM   1042 N  NE  . ARG   A 1 125 ? -17.731 10.750  -7.666  1.000 53.659 0 125 ARG   AAA NE  1 ? 
ATOM   1043 C  CZ  . ARG   A 1 125 ? -16.881 11.633  -8.200  1.000 50.610 0 125 ARG   AAA CZ  1 ? 
ATOM   1044 N  NH1 . ARG   A 1 125 ? -16.421 11.477  -9.433  1.000 51.632 0 125 ARG   AAA NH1 1 ? 
ATOM   1045 N  NH2 . ARG   A 1 125 ? -16.503 12.684  -7.496  1.000 48.216 0 125 ARG   AAA NH2 1 ? 
ATOM   1046 N  N   . GLY   A 1 126 ? -18.556 4.246   -9.394  1.000 33.123 0 126 GLY   AAA N   1 ? 
ATOM   1047 C  CA  . GLY   A 1 126 ? -18.865 3.262   -10.442 1.000 32.211 0 126 GLY   AAA CA  1 ? 
ATOM   1048 C  C   . GLY   A 1 126 ? -18.566 1.849   -10.000 1.000 30.416 0 126 GLY   AAA C   1 ? 
ATOM   1049 O  O   . GLY   A 1 126 ? -18.955 0.926   -10.724 1.000 33.061 0 126 GLY   AAA O   1 ? 
ATOM   1050 N  N   . CYS   A 1 127 ? -17.883 1.639   -8.871  1.000 29.376 0 127 CYS   AAA N   1 ? 
ATOM   1051 C  CA  . CYS   A 1 127 ? -17.379 0.297   -8.514  1.000 27.125 0 127 CYS   AAA CA  1 ? 
ATOM   1052 C  C   . CYS   A 1 127 ? -18.444 -0.535  -7.791  1.000 27.132 0 127 CYS   AAA C   1 ? 
ATOM   1053 O  O   . CYS   A 1 127 ? -19.128 -0.039  -6.920  1.000 26.180 0 127 CYS   AAA O   1 ? 
ATOM   1054 C  CB  . CYS   A 1 127 ? -16.099 0.372   -7.674  1.000 27.560 0 127 CYS   AAA CB  1 ? 
ATOM   1055 S  SG  . CYS   A 1 127 ? -14.739 1.357   -8.377  1.000 26.185 0 127 CYS   AAA SG  1 ? 
ATOM   1056 N  N   . ARG   A 1 128 ? -18.587 -1.784  -8.187  1.000 29.330 0 128 ARG   AAA N   1 ? 
ATOM   1057 C  CA  . ARG   A 1 128 ? -19.427 -2.755  -7.448  1.000 33.000 0 128 ARG   AAA CA  1 ? 
ATOM   1058 C  C   . ARG   A 1 128 ? -18.627 -3.259  -6.241  1.000 36.299 0 128 ARG   AAA C   1 ? 
ATOM   1059 O  O   . ARG   A 1 128 ? -17.676 -4.028  -6.455  1.000 41.713 0 128 ARG   AAA O   1 ? 
ATOM   1060 C  CB  . ARG   A 1 128 ? -19.872 -3.860  -8.400  1.000 36.152 0 128 ARG   AAA CB  1 ? 
ATOM   1061 C  CG  . ARG   A 1 128 ? -21.176 -4.515  -7.987  1.000 37.736 0 128 ARG   AAA CG  1 ? 
ATOM   1062 C  CD  . ARG   A 1 128 ? -21.874 -5.210  -9.139  1.000 41.878 0 128 ARG   AAA CD  1 ? 
ATOM   1063 N  NE  . ARG   A 1 128 ? -20.945 -5.725  -10.137 1.000 45.637 0 128 ARG   AAA NE  1 ? 
ATOM   1064 C  CZ  . ARG   A 1 128 ? -21.043 -5.563  -11.455 1.000 46.767 0 128 ARG   AAA CZ  1 ? 
ATOM   1065 N  NH1 . ARG   A 1 128 ? -22.054 -4.895  -11.989 1.000 52.471 0 128 ARG   AAA NH1 1 ? 
ATOM   1066 N  NH2 . ARG   A 1 128 ? -20.131 -6.109  -12.245 1.000 47.192 0 128 ARG   AAA NH2 1 ? 
ATOM   1067 N  N   . LEU   A 1 129 ? -18.957 -2.800  -5.031  1.000 37.726 0 129 LEU   AAA N   1 ? 
ATOM   1068 C  CA  . LEU   A 1 129 ? -18.207 -3.133  -3.789  1.000 41.207 0 129 LEU   AAA CA  1 ? 
ATOM   1069 C  C   . LEU   A 1 129 ? -19.074 -4.048  -2.926  1.000 43.259 0 129 LEU   AAA C   1 ? 
ATOM   1070 O  O   . LEU   A 1 129 ? -20.067 -4.580  -3.455  1.000 45.795 0 129 LEU   AAA O   1 ? 
ATOM   1071 C  CB  . LEU   A 1 129 ? -17.832 -1.844  -3.049  1.000 43.476 0 129 LEU   AAA CB  1 ? 
ATOM   1072 C  CG  . LEU   A 1 129 ? -16.532 -1.173  -3.493  1.000 48.178 0 129 LEU   AAA CG  1 ? 
ATOM   1073 C  CD1 . LEU   A 1 129 ? -15.391 -2.180  -3.586  1.000 46.958 0 129 LEU   AAA CD1 1 ? 
ATOM   1074 C  CD2 . LEU   A 1 129 ? -16.705 -0.459  -4.806  1.000 52.299 0 129 LEU   AAA CD2 1 ? 
ATOM   1075 O  OXT . LEU   A 1 129 ? -18.807 -4.262  -1.730  1.000 35.702 0 129 LEU   AAA OXT 1 ? 
HETATM 1076 CL CL  . CL    B 2 .   ? -5.051  8.873   11.405  1.000 27.149 0 201 CL    AAA CL  1 ? 
HETATM 1077 NA NA  . NA    C 3 .   ? 14.548  -4.092  5.809   0.800 24.104 0 202 NA    AAA NA  1 ? 
HETATM 1078 C  C   . ACT   D 4 .   ? 5.644   2.707   3.032   1.000 30.531 0 203 ACT   AAA C   1 ? 
HETATM 1079 O  O   . ACT   D 4 .   ? 5.595   3.033   1.778   1.000 32.767 0 203 ACT   AAA O   1 ? 
HETATM 1080 O  OXT . ACT   D 4 .   ? 6.330   1.782   3.546   1.000 26.968 0 203 ACT   AAA OXT 1 ? 
HETATM 1081 C  CH3 . ACT   D 4 .   ? 4.858   3.529   3.974   1.000 31.093 0 203 ACT   AAA CH3 1 ? 
HETATM 1082 C  C   . ACT   E 4 .   ? 5.766   9.140   8.628   1.000 56.275 0 204 ACT   AAA C   1 ? 
HETATM 1083 O  O   . ACT   E 4 .   ? 6.196   9.952   7.788   1.000 54.681 0 204 ACT   AAA O   1 ? 
HETATM 1084 O  OXT . ACT   E 4 .   ? 4.779   9.362   9.361   1.000 56.884 0 204 ACT   AAA OXT 1 ? 
HETATM 1085 C  CH3 . ACT   E 4 .   ? 6.486   7.793   8.767   1.000 53.211 0 204 ACT   AAA CH3 1 ? 
HETATM 1086 V  V5  A VVB   F 5 .   ? -12.262 -2.417  -13.787 0.700 38.351 0 205 VVB   AAA V5  1 ? 
HETATM 1087 O  O12 A VVB   F 5 .   ? -11.627 -2.992  -12.297 0.700 32.186 0 205 VVB   AAA O12 1 ? 
HETATM 1088 O  O13 A VVB   F 5 .   ? -13.680 -3.839  -13.609 0.700 40.845 0 205 VVB   AAA O13 1 ? 
HETATM 1089 C  C1  . A1IOM G 6 .   ? -5.467  7.693   -15.874 0.700 37.860 0 206 A1IOM AAA C1  1 ? 
HETATM 1090 N  N1  . A1IOM G 6 .   ? -7.358  9.404   -14.571 0.700 37.612 0 206 A1IOM AAA N1  1 ? 
HETATM 1091 N  N2  . A1IOM G 6 .   ? -8.368  10.280  -14.152 0.700 41.621 0 206 A1IOM AAA N2  1 ? 
HETATM 1092 C  C2  . A1IOM G 6 .   ? -6.720  7.989   -16.452 0.700 40.286 0 206 A1IOM AAA C2  1 ? 
HETATM 1093 O  O2  . A1IOM G 6 .   ? -6.778  10.495  -12.502 0.700 37.315 0 206 A1IOM AAA O2  1 ? 
HETATM 1094 C  C3  . A1IOM G 6 .   ? -7.122  7.430   -17.684 0.700 43.649 0 206 A1IOM AAA C3  1 ? 
HETATM 1095 V  V   . A1IOM G 6 .   ? -5.418  9.827   -13.809 0.700 33.920 0 206 A1IOM AAA V   1 ? 
HETATM 1096 O  O4  . A1IOM G 6 .   ? -4.928  11.066  -14.767 0.700 27.871 0 206 A1IOM AAA O4  1 ? 
HETATM 1097 O  O5  . A1IOM G 6 .   ? -4.388  9.597   -12.541 0.700 38.347 0 206 A1IOM AAA O5  1 ? 
HETATM 1098 O  O1  . A1IOM G 6 .   ? -5.021  8.189   -14.734 0.700 32.878 0 206 A1IOM AAA O1  1 ? 
HETATM 1099 C  C7  . A1IOM G 6 .   ? -7.577  8.879   -15.738 0.700 38.723 0 206 A1IOM AAA C7  1 ? 
HETATM 1100 C  C6  . A1IOM G 6 .   ? -4.595  6.803   -16.574 0.700 40.372 0 206 A1IOM AAA C6  1 ? 
HETATM 1101 C  C5  . A1IOM G 6 .   ? -5.021  6.271   -17.786 0.700 42.799 0 206 A1IOM AAA C5  1 ? 
HETATM 1102 C  C4  . A1IOM G 6 .   ? -6.260  6.574   -18.337 0.700 44.991 0 206 A1IOM AAA C4  1 ? 
HETATM 1103 O  O3  . A1IOM G 6 .   ? -3.388  6.540   -16.003 0.700 39.388 0 206 A1IOM AAA O3  1 ? 
HETATM 1104 C  C9  . A1IOM G 6 .   ? -2.548  5.631   -16.761 0.700 45.338 0 206 A1IOM AAA C9  1 ? 
HETATM 1105 C  C10 . A1IOM G 6 .   ? -1.281  5.450   -16.002 0.700 45.031 0 206 A1IOM AAA C10 1 ? 
HETATM 1106 O  O6  . A1IOM G 6 .   ? -10.003 11.968  -12.813 0.700 46.709 0 206 A1IOM AAA O6  1 ? 
HETATM 1107 C  C8  . A1IOM G 6 .   ? -7.948  10.766  -13.024 0.700 39.526 0 206 A1IOM AAA C8  1 ? 
HETATM 1108 C  C11 . A1IOM G 6 .   ? -8.775  11.685  -12.248 0.700 42.424 0 206 A1IOM AAA C11 1 ? 
HETATM 1109 C  C14 . A1IOM G 6 .   ? -8.560  12.299  -11.079 0.700 41.164 0 206 A1IOM AAA C14 1 ? 
HETATM 1110 C  C13 . A1IOM G 6 .   ? -9.804  13.057  -10.900 0.700 44.799 0 206 A1IOM AAA C13 1 ? 
HETATM 1111 C  C12 . A1IOM G 6 .   ? -10.578 12.822  -11.921 0.700 45.002 0 206 A1IOM AAA C12 1 ? 
HETATM 1112 C  C1  . A1IOM H 6 .   ? -10.933 7.185   -13.435 0.700 56.441 0 207 A1IOM AAA C1  1 ? 
HETATM 1113 N  N1  . A1IOM H 6 .   ? -10.147 5.726   -15.718 0.700 48.668 0 207 A1IOM AAA N1  1 ? 
HETATM 1114 N  N2  . A1IOM H 6 .   ? -9.917  4.948   -16.856 0.700 46.759 0 207 A1IOM AAA N2  1 ? 
HETATM 1115 C  C2  . A1IOM H 6 .   ? -11.847 6.967   -14.492 0.700 59.739 0 207 A1IOM AAA C2  1 ? 
HETATM 1116 O  O2  . A1IOM H 6 .   ? -7.882  4.745   -15.768 0.700 47.358 0 207 A1IOM AAA O2  1 ? 
HETATM 1117 C  C3  . A1IOM H 6 .   ? -13.154 7.499   -14.443 0.700 60.294 0 207 A1IOM AAA C3  1 ? 
HETATM 1118 V  V   . A1IOM H 6 .   ? -8.908  5.136   -14.098 0.700 41.520 0 207 A1IOM AAA V   1 ? 
HETATM 1119 O  O4  . A1IOM H 6 .   ? -9.546  3.743   -13.546 0.700 43.190 0 207 A1IOM AAA O4  1 ? 
HETATM 1120 O  O5  . A1IOM H 6 .   ? -7.510  5.583   -13.347 0.700 41.814 0 207 A1IOM AAA O5  1 ? 
HETATM 1121 O  O1  . A1IOM H 6 .   ? -9.694  6.734   -13.377 0.700 47.884 0 207 A1IOM AAA O1  1 ? 
HETATM 1122 C  C7  . A1IOM H 6 .   ? -11.357 6.188   -15.588 0.700 52.645 0 207 A1IOM AAA C7  1 ? 
HETATM 1123 C  C6  . A1IOM H 6 .   ? -11.351 7.956   -12.305 0.700 55.066 0 207 A1IOM AAA C6  1 ? 
HETATM 1124 C  C5  . A1IOM H 6 .   ? -12.647 8.460   -12.296 0.700 57.559 0 207 A1IOM AAA C5  1 ? 
HETATM 1125 C  C4  . A1IOM H 6 .   ? -13.536 8.241   -13.342 0.700 60.332 0 207 A1IOM AAA C4  1 ? 
HETATM 1126 O  O3  . A1IOM H 6 .   ? -10.441 8.143   -11.311 0.700 52.083 0 207 A1IOM AAA O3  1 ? 
HETATM 1127 C  C9  . A1IOM H 6 .   ? -10.955 8.934   -10.213 0.700 50.154 0 207 A1IOM AAA C9  1 ? 
HETATM 1128 C  C10 . A1IOM H 6 .   ? -9.889  9.079   -9.186  0.700 52.357 0 207 A1IOM AAA C10 1 ? 
HETATM 1129 O  O6  . A1IOM H 6 .   ? -9.027  3.514   -18.877 0.700 54.779 0 207 A1IOM AAA O6  1 ? 
HETATM 1130 C  C8  . A1IOM H 6 .   ? -8.692  4.520   -16.771 0.700 51.151 0 207 A1IOM AAA C8  1 ? 
HETATM 1131 C  C11 . A1IOM H 6 .   ? -8.129  3.718   -17.851 0.700 53.552 0 207 A1IOM AAA C11 1 ? 
HETATM 1132 C  C14 . A1IOM H 6 .   ? -6.928  3.159   -18.029 0.700 53.861 0 207 A1IOM AAA C14 1 ? 
HETATM 1133 C  C13 . A1IOM H 6 .   ? -7.122  2.526   -19.341 0.700 56.790 0 207 A1IOM AAA C13 1 ? 
HETATM 1134 C  C12 . A1IOM H 6 .   ? -8.328  2.763   -19.768 0.700 54.885 0 207 A1IOM AAA C12 1 ? 
HETATM 1135 NA NA  . NA    I 3 .   ? -11.410 11.153  -14.422 0.700 57.755 0 208 NA    AAA NA  1 ? 
HETATM 1136 O  O   . HOH   J 7 .   ? 10.784  -2.326  16.749  1.000 49.291 0 301 HOH   AAA O   1 ? 
HETATM 1137 O  O   . HOH   J 7 .   ? -4.338  -8.995  8.324   1.000 33.750 0 302 HOH   AAA O   1 ? 
HETATM 1138 O  O   . HOH   J 7 .   ? 1.505   -0.575  13.956  1.000 44.662 0 303 HOH   AAA O   1 ? 
HETATM 1139 O  O   . HOH   J 7 .   ? -4.495  14.142  -6.732  1.000 29.475 0 304 HOH   AAA O   1 ? 
HETATM 1140 O  O   . HOH   J 7 .   ? -5.257  -11.027 -7.328  1.000 42.309 0 305 HOH   AAA O   1 ? 
HETATM 1141 O  O   . HOH   J 7 .   ? 4.769   5.189   9.720   1.000 39.319 0 306 HOH   AAA O   1 ? 
HETATM 1142 O  O   . HOH   J 7 .   ? 10.304  5.041   -4.248  1.000 35.074 0 307 HOH   AAA O   1 ? 
HETATM 1143 O  O   A HOH   J 7 .   ? 12.583  -13.997 -2.013  0.500 22.516 0 308 HOH   AAA O   1 ? 
HETATM 1144 O  O   B HOH   J 7 .   ? 14.222  -14.472 -2.677  0.500 22.447 0 308 HOH   AAA O   1 ? 
HETATM 1145 O  O   . HOH   J 7 .   ? 2.771   -12.972 -0.447  1.000 31.935 0 309 HOH   AAA O   1 ? 
HETATM 1146 O  O   . HOH   J 7 .   ? 2.165   5.355   9.821   1.000 29.752 0 310 HOH   AAA O   1 ? 
HETATM 1147 O  O   . HOH   J 7 .   ? 6.589   5.970   -2.537  1.000 29.853 0 311 HOH   AAA O   1 ? 
HETATM 1148 O  O   . HOH   J 7 .   ? -13.029 -3.421  4.181   1.000 29.114 0 312 HOH   AAA O   1 ? 
HETATM 1149 O  O   . HOH   J 7 .   ? 18.886  -4.413  11.259  1.000 48.215 0 313 HOH   AAA O   1 ? 
HETATM 1150 O  O   . HOH   J 7 .   ? 18.215  -0.010  -7.370  1.000 44.786 0 314 HOH   AAA O   1 ? 
HETATM 1151 O  O   . HOH   J 7 .   ? 2.042   -6.103  -4.599  1.000 23.222 0 315 HOH   AAA O   1 ? 
HETATM 1152 O  O   . HOH   J 7 .   ? 11.177  -7.828  12.687  1.000 43.669 0 316 HOH   AAA O   1 ? 
HETATM 1153 O  O   . HOH   J 7 .   ? 0.241   -7.855  -3.893  1.000 26.366 0 317 HOH   AAA O   1 ? 
HETATM 1154 O  O   . HOH   J 7 .   ? -1.597  5.670   12.920  1.000 32.534 0 318 HOH   AAA O   1 ? 
HETATM 1155 O  O   . HOH   J 7 .   ? 2.477   6.584   -10.011 1.000 35.371 0 319 HOH   AAA O   1 ? 
HETATM 1156 O  O   . HOH   J 7 .   ? 22.625  -8.712  3.273   1.000 34.957 0 320 HOH   AAA O   1 ? 
HETATM 1157 O  O   . HOH   J 7 .   ? -2.411  16.125  -1.068  1.000 26.620 0 321 HOH   AAA O   1 ? 
HETATM 1158 O  O   . HOH   J 7 .   ? 2.801   -9.043  5.358   1.000 31.025 0 322 HOH   AAA O   1 ? 
HETATM 1159 O  O   . HOH   J 7 .   ? -21.608 -6.722  -14.405 1.000 42.618 0 323 HOH   AAA O   1 ? 
HETATM 1160 O  O   . HOH   J 7 .   ? 16.904  -1.764  -1.309  1.000 18.637 0 324 HOH   AAA O   1 ? 
HETATM 1161 O  O   . HOH   J 7 .   ? -15.469 -3.639  -7.972  1.000 43.035 0 325 HOH   AAA O   1 ? 
HETATM 1162 O  O   . HOH   J 7 .   ? -8.435  11.611  3.008   1.000 32.856 0 326 HOH   AAA O   1 ? 
HETATM 1163 O  O   . HOH   J 7 .   ? 0.021   -12.002 -0.505  1.000 28.121 0 327 HOH   AAA O   1 ? 
HETATM 1164 O  O   . HOH   J 7 .   ? -6.129  -7.394  -13.667 1.000 36.802 0 328 HOH   AAA O   1 ? 
HETATM 1165 O  O   . HOH   J 7 .   ? 6.444   -12.702 -5.149  1.000 35.490 0 329 HOH   AAA O   1 ? 
HETATM 1166 O  O   . HOH   J 7 .   ? 9.308   -3.690  -10.517 1.000 17.243 0 330 HOH   AAA O   1 ? 
HETATM 1167 O  O   . HOH   J 7 .   ? 7.709   4.431   -4.522  1.000 25.179 0 331 HOH   AAA O   1 ? 
HETATM 1168 O  O   . HOH   J 7 .   ? -8.133  8.215   10.461  1.000 29.083 0 332 HOH   AAA O   1 ? 
HETATM 1169 O  O   . HOH   J 7 .   ? 2.328   -7.059  -13.118 1.000 21.466 0 333 HOH   AAA O   1 ? 
HETATM 1170 O  O   . HOH   J 7 .   ? -12.889 2.065   11.712  1.000 38.899 0 334 HOH   AAA O   1 ? 
HETATM 1171 O  O   . HOH   J 7 .   ? -8.066  14.558  3.615   1.000 41.545 0 335 HOH   AAA O   1 ? 
HETATM 1172 O  O   . HOH   J 7 .   ? 21.502  -4.055  8.246   0.500 26.093 0 336 HOH   AAA O   1 ? 
HETATM 1173 O  O   . HOH   J 7 .   ? 13.658  -1.706  -8.402  0.500 23.192 0 337 HOH   AAA O   1 ? 
HETATM 1174 O  O   . HOH   J 7 .   ? 2.843   -3.364  -1.412  1.000 16.986 0 338 HOH   AAA O   1 ? 
HETATM 1175 O  O   . HOH   J 7 .   ? -11.046 -3.860  9.165   1.000 39.595 0 339 HOH   AAA O   1 ? 
HETATM 1176 O  O   . HOH   J 7 .   ? -7.009  -4.287  13.312  1.000 41.746 0 340 HOH   AAA O   1 ? 
HETATM 1177 O  O   . HOH   J 7 .   ? 4.501   7.599   -6.016  1.000 29.172 0 341 HOH   AAA O   1 ? 
HETATM 1178 O  O   . HOH   J 7 .   ? 3.829   -0.075  -12.029 1.000 27.908 0 342 HOH   AAA O   1 ? 
HETATM 1179 O  O   . HOH   J 7 .   ? -8.336  12.313  -5.401  1.000 33.364 0 343 HOH   AAA O   1 ? 
HETATM 1180 O  O   . HOH   J 7 .   ? -10.048 13.507  1.999   1.000 33.833 0 344 HOH   AAA O   1 ? 
HETATM 1181 O  O   . HOH   J 7 .   ? 20.795  5.596   3.971   1.000 38.668 0 345 HOH   AAA O   1 ? 
HETATM 1182 O  O   . HOH   J 7 .   ? -0.222  17.297  5.267   1.000 34.123 0 346 HOH   AAA O   1 ? 
HETATM 1183 O  O   . HOH   J 7 .   ? -6.217  6.416   12.909  1.000 38.923 0 347 HOH   AAA O   1 ? 
HETATM 1184 O  O   . HOH   J 7 .   ? 1.652   17.929  0.297   1.000 42.889 0 348 HOH   AAA O   1 ? 
HETATM 1185 O  O   . HOH   J 7 .   ? 15.636  -4.932  3.972   1.000 21.054 0 349 HOH   AAA O   1 ? 
HETATM 1186 O  O   . HOH   J 7 .   ? 13.451  8.276   -2.448  1.000 45.200 0 350 HOH   AAA O   1 ? 
HETATM 1187 O  O   A HOH   J 7 .   ? 0.832   9.816   -11.982 1.000 25.066 0 351 HOH   AAA O   1 ? 
HETATM 1188 O  O   . HOH   J 7 .   ? -2.199  -8.165  -15.160 1.000 35.844 0 352 HOH   AAA O   1 ? 
HETATM 1189 O  O   . HOH   J 7 .   ? -9.098  -6.098  9.561   1.000 45.406 0 353 HOH   AAA O   1 ? 
HETATM 1190 O  O   . HOH   J 7 .   ? -2.022  13.966  -8.194  1.000 27.357 0 354 HOH   AAA O   1 ? 
HETATM 1191 O  O   A HOH   J 7 .   ? -13.771 6.737   -0.111  1.000 25.749 0 355 HOH   AAA O   1 ? 
HETATM 1192 O  O   B HOH   J 7 .   ? -11.614 9.980   3.325   1.000 40.283 0 356 HOH   AAA O   1 ? 
HETATM 1193 O  O   . HOH   J 7 .   ? 6.091   6.489   0.825   1.000 36.538 0 357 HOH   AAA O   1 ? 
HETATM 1194 O  O   . HOH   J 7 .   ? 1.115   -8.679  -1.411  1.000 25.444 0 358 HOH   AAA O   1 ? 
HETATM 1195 O  O   . HOH   J 7 .   ? 15.500  -5.921  6.838   1.000 29.313 0 359 HOH   AAA O   1 ? 
HETATM 1196 O  O   . HOH   J 7 .   ? 1.523   -10.989 -12.856 1.000 42.358 0 360 HOH   AAA O   1 ? 
HETATM 1197 O  O   B HOH   J 7 .   ? -12.215 -0.160  -12.841 0.300 17.744 0 361 HOH   AAA O   1 ? 
HETATM 1198 O  O   . HOH   J 7 .   ? 18.714  -5.467  4.569   1.000 19.397 0 362 HOH   AAA O   1 ? 
HETATM 1199 O  O   . HOH   J 7 .   ? 21.309  -4.898  -5.901  1.000 25.330 0 363 HOH   AAA O   1 ? 
HETATM 1200 O  O   . HOH   J 7 .   ? 11.330  -12.318 6.614   1.000 32.748 0 364 HOH   AAA O   1 ? 
HETATM 1201 O  O   . HOH   J 7 .   ? 2.246   -13.911 -7.776  1.000 38.435 0 365 HOH   AAA O   1 ? 
HETATM 1202 O  O   . HOH   J 7 .   ? -9.401  -0.110  12.523  1.000 34.403 0 366 HOH   AAA O   1 ? 
HETATM 1203 O  O   . HOH   J 7 .   ? -11.070 17.592  -4.136  1.000 50.659 0 367 HOH   AAA O   1 ? 
HETATM 1204 O  O   . HOH   J 7 .   ? -3.299  1.110   -14.022 1.000 38.398 0 368 HOH   AAA O   1 ? 
HETATM 1205 O  O   A HOH   J 7 .   ? 14.160  2.698   -9.216  0.500 24.007 0 369 HOH   AAA O   1 ? 
HETATM 1206 O  O   B HOH   J 7 .   ? 14.032  1.012   -8.869  0.500 21.607 0 369 HOH   AAA O   1 ? 
HETATM 1207 O  O   . HOH   J 7 .   ? 6.844   -7.666  14.451  1.000 46.324 0 370 HOH   AAA O   1 ? 
HETATM 1208 O  O   . HOH   J 7 .   ? 18.307  -11.495 2.803   1.000 25.176 0 371 HOH   AAA O   1 ? 
HETATM 1209 O  O   B HOH   J 7 .   ? 2.887   1.147   -14.431 1.000 38.474 0 372 HOH   AAA O   1 ? 
HETATM 1210 O  O   . HOH   J 7 .   ? 8.029   4.015   6.122   1.000 38.192 0 373 HOH   AAA O   1 ? 
HETATM 1211 O  O   . HOH   J 7 .   ? -3.878  2.700   15.454  1.000 44.384 0 374 HOH   AAA O   1 ? 
HETATM 1212 O  O   A HOH   J 7 .   ? 22.792  -7.424  -1.089  1.000 31.412 0 375 HOH   AAA O   1 ? 
HETATM 1213 O  O   . HOH   J 7 .   ? 14.886  -9.846  8.974   1.000 43.320 0 376 HOH   AAA O   1 ? 
HETATM 1214 O  O   . HOH   J 7 .   ? -5.941  -10.208 -4.009  1.000 25.950 0 377 HOH   AAA O   1 ? 
HETATM 1215 O  O   . HOH   J 7 .   ? 13.514  -12.594 4.242   1.000 34.407 0 378 HOH   AAA O   1 ? 
HETATM 1216 O  O   . HOH   J 7 .   ? 14.306  7.922   0.817   1.000 34.212 0 379 HOH   AAA O   1 ? 
HETATM 1217 O  O   . HOH   J 7 .   ? 22.858  -3.865  3.140   1.000 52.841 0 380 HOH   AAA O   1 ? 
HETATM 1218 O  O   . HOH   J 7 .   ? -18.543 6.047   -0.200  1.000 43.364 0 381 HOH   AAA O   1 ? 
HETATM 1219 O  O   . HOH   J 7 .   ? 21.743  -4.907  4.754   1.000 35.496 0 382 HOH   AAA O   1 ? 
HETATM 1220 O  O   . HOH   J 7 .   ? -20.462 -5.243  -15.647 1.000 46.214 0 383 HOH   AAA O   1 ? 
HETATM 1221 O  O   . HOH   J 7 .   ? -17.159 -1.738  -12.199 1.000 49.906 0 384 HOH   AAA O   1 ? 
HETATM 1222 O  O   . HOH   J 7 .   ? 1.981   -11.640 5.565   1.000 35.146 0 385 HOH   AAA O   1 ? 
HETATM 1223 O  O   . HOH   J 7 .   ? -10.883 2.481   13.184  1.000 54.555 0 386 HOH   AAA O   1 ? 
HETATM 1224 O  O   . HOH   J 7 .   ? 4.578   13.264  7.565   1.000 40.904 0 387 HOH   AAA O   1 ? 
HETATM 1225 O  O   . HOH   J 7 .   ? 2.915   13.025  9.648   1.000 49.130 0 388 HOH   AAA O   1 ? 
HETATM 1226 O  O   . HOH   J 7 .   ? 16.087  -7.618  8.670   1.000 49.505 0 389 HOH   AAA O   1 ? 
HETATM 1227 O  O   . HOH   J 7 .   ? -1.482  2.157   -17.926 1.000 42.553 0 390 HOH   AAA O   1 ? 
HETATM 1228 O  O   . HOH   J 7 .   ? -9.942  16.491  -6.205  1.000 43.628 0 391 HOH   AAA O   1 ? 
HETATM 1229 O  O   . HOH   J 7 .   ? 17.218  -13.964 3.729   1.000 47.939 0 392 HOH   AAA O   1 ? 
HETATM 1230 O  O   . HOH   J 7 .   ? 4.822   -14.598 -2.961  1.000 43.264 0 393 HOH   AAA O   1 ? 
HETATM 1231 O  O   . HOH   J 7 .   ? 9.567   8.563   -1.376  1.000 44.346 0 394 HOH   AAA O   1 ? 
HETATM 1232 O  O   . HOH   J 7 .   ? -20.175 0.135   0.770   1.000 38.590 0 395 HOH   AAA O   1 ? 
HETATM 1233 O  O   . HOH   J 7 .   ? 3.684   -14.117 1.671   1.000 47.829 0 396 HOH   AAA O   1 ? 
HETATM 1234 O  O   . HOH   J 7 .   ? -4.636  5.037   14.351  1.000 52.352 0 397 HOH   AAA O   1 ? 
HETATM 1235 O  O   . HOH   J 7 .   ? -6.616  19.012  -4.545  1.000 40.772 0 398 HOH   AAA O   1 ? 
HETATM 1236 O  O   . HOH   J 7 .   ? 8.503   -1.810  16.467  1.000 50.042 0 399 HOH   AAA O   1 ? 
HETATM 1237 O  O   . HOH   J 7 .   ? 20.275  -10.631 4.455   1.000 51.544 0 400 HOH   AAA O   1 ? 
HETATM 1238 O  O   . HOH   J 7 .   ? -6.887  22.366  -1.240  1.000 50.377 0 401 HOH   AAA O   1 ? 
HETATM 1239 O  O   . HOH   J 7 .   ? -15.667 -7.368  -15.562 1.000 40.002 0 402 HOH   AAA O   1 ? 
HETATM 1240 O  O   . HOH   J 7 .   ? 13.413  -12.213 14.451  1.000 51.742 0 403 HOH   AAA O   1 ? 
HETATM 1241 O  O   . HOH   J 7 .   ? 6.439   -14.592 2.927   1.000 51.254 0 404 HOH   AAA O   1 ? 
HETATM 1242 O  O   A HOH   J 7 .   ? 9.884   -16.683 3.836   0.500 37.512 0 405 HOH   AAA O   1 ? 
HETATM 1243 O  O   B HOH   J 7 .   ? 8.588   -15.723 4.421   0.500 34.249 0 405 HOH   AAA O   1 ? 
HETATM 1244 O  O   . HOH   J 7 .   ? 7.985   -16.072 1.544   1.000 51.627 0 406 HOH   AAA O   1 ? 
# 
